data_5WKA
#
_entry.id   5WKA
#
_cell.length_a   165.471
_cell.length_b   56.652
_cell.length_c   209.546
_cell.angle_alpha   90.000
_cell.angle_beta   96.660
_cell.angle_gamma   90.000
#
_symmetry.space_group_name_H-M   'C 1 2 1'
#
loop_
_entity.id
_entity.type
_entity.pdbx_description
1 polymer Beta-glucosidase
2 non-polymer GLYCEROL
3 non-polymer DI(HYDROXYETHYL)ETHER
4 water water
#
_entity_poly.entity_id   1
_entity_poly.type   'polypeptide(L)'
_entity_poly.pdbx_seq_one_letter_code
;MFPDGFVWGTSTAAYQIEGAVAEDGRTPSIWDTFSRTKGKVVNGDTGDVACDHYHRWEEDLDLLAELGVQAYRFSVAWPR
IHPDVTGPANQKGLDFYQRLIDGLRDRNIIPLPTMYHWDLPQALEDEGGWIVRDTALRFADYAATVLEKLDGIDKWTTFN
EPWTSAWLGYGYGHHAPGRTDIGAAAAATHHLLLAHGLGVQAARAIRPHVEIGLTLNLGVLRPGTTEDQDVEATWRADGN
QNRIWLDPLFKGEYPADMIEHYSRWTPGFHTVQNGDLEIISSPIDFLGVNFYGPGTVMNVGREDAARAAGFNVGPRPESD
EDNHLRCIGVETPGRPKTAMGWEVDATALRELLVRIKNEYTDIPLYITENGAAYHDYVNASGDVKDPERITYLNDHLEAC
LGAIDDGVNLQGYFIWSLLDNFEWGFGYSRRFGIVWIDYDTGRRIPKASYRWYQGVVATNGLPDLDGHLDTLN
;
_entity_poly.pdbx_strand_id   A,B,C,D
#
# COMPACT_ATOMS: atom_id res chain seq x y z
N MET A 1 -12.81 29.26 7.80
CA MET A 1 -12.13 28.77 6.60
C MET A 1 -12.79 29.32 5.34
N PHE A 2 -14.12 29.30 5.33
CA PHE A 2 -14.90 29.88 4.23
C PHE A 2 -15.12 31.37 4.46
N PRO A 3 -15.57 32.10 3.41
CA PRO A 3 -15.92 33.52 3.57
C PRO A 3 -16.96 33.79 4.65
N ASP A 4 -17.11 35.06 5.03
CA ASP A 4 -17.99 35.45 6.12
C ASP A 4 -19.47 35.22 5.80
N GLY A 5 -19.94 35.79 4.70
CA GLY A 5 -21.34 35.69 4.32
C GLY A 5 -21.62 34.57 3.35
N PHE A 6 -20.91 33.46 3.51
CA PHE A 6 -21.07 32.31 2.63
C PHE A 6 -22.40 31.62 2.90
N VAL A 7 -23.19 31.41 1.84
CA VAL A 7 -24.54 30.87 1.99
C VAL A 7 -24.59 29.36 1.82
N TRP A 8 -24.75 28.66 2.94
CA TRP A 8 -24.90 27.20 2.92
C TRP A 8 -26.36 26.81 2.75
N GLY A 9 -26.61 25.75 1.99
CA GLY A 9 -27.97 25.28 1.78
C GLY A 9 -28.06 23.85 1.31
N THR A 10 -29.24 23.47 0.81
CA THR A 10 -29.47 22.15 0.25
C THR A 10 -30.69 22.19 -0.66
N SER A 11 -30.69 21.36 -1.71
CA SER A 11 -31.67 21.47 -2.77
C SER A 11 -32.60 20.28 -2.91
N THR A 12 -33.79 20.53 -3.44
CA THR A 12 -34.76 19.48 -3.74
C THR A 12 -35.46 19.76 -5.06
N ALA A 13 -36.35 18.86 -5.47
CA ALA A 13 -37.16 19.07 -6.67
C ALA A 13 -38.62 18.73 -6.39
N ALA A 14 -39.51 19.31 -7.20
CA ALA A 14 -40.95 19.19 -6.97
C ALA A 14 -41.44 17.75 -7.08
N TYR A 15 -41.32 17.17 -8.27
CA TYR A 15 -41.86 15.85 -8.51
C TYR A 15 -41.11 14.75 -7.75
N GLN A 16 -39.88 15.07 -7.34
CA GLN A 16 -39.02 14.07 -6.70
C GLN A 16 -39.39 13.80 -5.25
N ILE A 17 -39.87 14.82 -4.54
CA ILE A 17 -40.13 14.66 -3.11
C ILE A 17 -41.58 14.88 -2.68
N GLU A 18 -42.33 15.68 -3.46
CA GLU A 18 -43.66 16.11 -3.01
C GLU A 18 -44.69 14.98 -2.98
N GLY A 19 -44.96 14.38 -4.13
CA GLY A 19 -45.99 13.37 -4.22
C GLY A 19 -47.36 14.02 -4.30
N ALA A 20 -48.40 13.26 -3.93
CA ALA A 20 -49.78 13.73 -4.01
C ALA A 20 -50.10 14.26 -5.40
N VAL A 21 -49.78 13.44 -6.40
CA VAL A 21 -49.84 13.87 -7.80
C VAL A 21 -51.26 14.16 -8.29
N ALA A 22 -52.25 13.53 -7.68
CA ALA A 22 -53.64 13.74 -8.05
C ALA A 22 -54.44 14.28 -6.87
N GLU A 23 -53.87 15.25 -6.18
CA GLU A 23 -54.55 15.91 -5.08
C GLU A 23 -54.62 17.42 -5.33
N ASP A 24 -55.71 18.03 -4.88
CA ASP A 24 -55.92 19.47 -4.99
C ASP A 24 -55.82 19.97 -6.42
N GLY A 25 -56.37 19.19 -7.36
CA GLY A 25 -56.48 19.61 -8.75
C GLY A 25 -55.20 19.64 -9.55
N ARG A 26 -54.19 18.89 -9.11
CA ARG A 26 -52.92 18.83 -9.83
C ARG A 26 -53.02 17.89 -11.03
N THR A 27 -52.52 18.35 -12.18
CA THR A 27 -52.58 17.57 -13.42
C THR A 27 -51.25 16.87 -13.71
N PRO A 28 -51.28 15.82 -14.55
CA PRO A 28 -50.05 15.12 -14.95
C PRO A 28 -48.98 15.99 -15.60
N SER A 29 -47.76 15.87 -15.10
CA SER A 29 -46.59 16.47 -15.76
C SER A 29 -46.04 15.46 -16.75
N ILE A 30 -44.97 15.84 -17.46
CA ILE A 30 -44.39 14.93 -18.45
C ILE A 30 -43.77 13.72 -17.77
N TRP A 31 -43.36 13.88 -16.52
CA TRP A 31 -42.77 12.78 -15.76
C TRP A 31 -43.83 11.88 -15.14
N ASP A 32 -45.05 12.39 -15.04
CA ASP A 32 -46.17 11.56 -14.63
C ASP A 32 -46.42 10.49 -15.69
N THR A 33 -46.60 10.92 -16.93
CA THR A 33 -46.87 10.00 -18.03
C THR A 33 -45.64 9.18 -18.40
N PHE A 34 -44.46 9.76 -18.27
CA PHE A 34 -43.23 9.08 -18.65
C PHE A 34 -42.90 7.91 -17.73
N SER A 35 -42.93 8.16 -16.43
CA SER A 35 -42.60 7.12 -15.45
C SER A 35 -43.65 6.00 -15.44
N ARG A 36 -44.87 6.33 -15.84
CA ARG A 36 -45.95 5.34 -15.89
C ARG A 36 -45.89 4.53 -17.19
N THR A 37 -44.97 4.91 -18.07
CA THR A 37 -44.77 4.18 -19.32
C THR A 37 -43.93 2.94 -19.04
N LYS A 38 -44.14 1.89 -19.83
CA LYS A 38 -43.42 0.63 -19.66
C LYS A 38 -41.91 0.79 -19.84
N GLY A 39 -41.15 0.45 -18.81
CA GLY A 39 -39.71 0.36 -18.91
C GLY A 39 -38.97 1.66 -19.14
N LYS A 40 -39.45 2.74 -18.53
CA LYS A 40 -38.75 4.02 -18.62
C LYS A 40 -38.04 4.33 -17.31
N VAL A 41 -38.60 3.83 -16.21
CA VAL A 41 -38.02 4.01 -14.88
C VAL A 41 -37.85 2.66 -14.18
N VAL A 42 -36.76 2.52 -13.43
CA VAL A 42 -36.45 1.27 -12.71
C VAL A 42 -37.62 0.75 -11.88
N ASN A 43 -37.92 -0.54 -12.06
CA ASN A 43 -38.97 -1.23 -11.31
C ASN A 43 -40.35 -0.58 -11.48
N GLY A 44 -40.53 0.16 -12.57
CA GLY A 44 -41.79 0.82 -12.84
C GLY A 44 -42.16 1.86 -11.81
N ASP A 45 -41.14 2.48 -11.22
CA ASP A 45 -41.36 3.49 -10.19
C ASP A 45 -41.94 4.78 -10.75
N THR A 46 -42.76 5.43 -9.95
CA THR A 46 -43.31 6.74 -10.28
C THR A 46 -43.11 7.68 -9.10
N GLY A 47 -43.60 8.90 -9.22
CA GLY A 47 -43.48 9.88 -8.14
C GLY A 47 -44.82 10.13 -7.45
N ASP A 48 -45.70 9.13 -7.51
CA ASP A 48 -47.03 9.23 -6.93
C ASP A 48 -47.00 9.59 -5.44
N VAL A 49 -46.27 8.80 -4.66
CA VAL A 49 -46.16 9.03 -3.23
C VAL A 49 -44.86 9.73 -2.89
N ALA A 50 -43.75 9.17 -3.39
CA ALA A 50 -42.42 9.71 -3.17
C ALA A 50 -42.11 9.92 -1.69
N CYS A 51 -41.51 11.06 -1.37
CA CYS A 51 -41.15 11.37 0.01
C CYS A 51 -42.34 11.87 0.82
N ASP A 52 -43.48 12.05 0.13
CA ASP A 52 -44.71 12.56 0.74
C ASP A 52 -44.47 13.92 1.41
N HIS A 53 -43.70 14.76 0.74
CA HIS A 53 -43.36 16.09 1.26
C HIS A 53 -44.56 17.04 1.20
N TYR A 54 -45.56 16.70 0.39
CA TYR A 54 -46.75 17.54 0.29
C TYR A 54 -47.55 17.48 1.58
N HIS A 55 -47.46 16.35 2.28
CA HIS A 55 -48.16 16.17 3.55
C HIS A 55 -47.20 16.30 4.73
N ARG A 56 -45.91 16.18 4.46
CA ARG A 56 -44.89 16.22 5.50
C ARG A 56 -43.96 17.42 5.35
N TRP A 57 -44.47 18.49 4.75
CA TRP A 57 -43.65 19.68 4.47
C TRP A 57 -43.14 20.35 5.74
N GLU A 58 -43.93 20.30 6.80
CA GLU A 58 -43.59 20.97 8.04
C GLU A 58 -42.48 20.22 8.78
N GLU A 59 -42.43 18.91 8.59
CA GLU A 59 -41.39 18.08 9.18
C GLU A 59 -40.04 18.37 8.53
N ASP A 60 -40.04 18.54 7.20
CA ASP A 60 -38.83 18.79 6.46
C ASP A 60 -38.30 20.21 6.69
N LEU A 61 -39.22 21.14 6.92
CA LEU A 61 -38.84 22.51 7.27
C LEU A 61 -38.11 22.52 8.60
N ASP A 62 -38.59 21.73 9.54
CA ASP A 62 -37.97 21.62 10.85
C ASP A 62 -36.58 21.02 10.74
N LEU A 63 -36.41 20.07 9.82
CA LEU A 63 -35.10 19.48 9.57
C LEU A 63 -34.14 20.51 8.98
N LEU A 64 -34.67 21.38 8.12
CA LEU A 64 -33.88 22.44 7.50
C LEU A 64 -33.45 23.48 8.52
N ALA A 65 -34.29 23.72 9.51
CA ALA A 65 -34.00 24.68 10.57
C ALA A 65 -33.00 24.09 11.56
N GLU A 66 -33.14 22.80 11.83
CA GLU A 66 -32.24 22.11 12.75
C GLU A 66 -30.87 21.87 12.12
N LEU A 67 -30.84 21.80 10.79
CA LEU A 67 -29.59 21.64 10.06
C LEU A 67 -28.78 22.93 10.13
N GLY A 68 -29.48 24.06 10.21
CA GLY A 68 -28.84 25.34 10.40
C GLY A 68 -28.40 26.06 9.14
N VAL A 69 -28.97 25.66 8.00
CA VAL A 69 -28.59 26.23 6.72
C VAL A 69 -29.18 27.63 6.52
N GLN A 70 -28.48 28.45 5.74
CA GLN A 70 -28.93 29.81 5.46
C GLN A 70 -30.03 29.83 4.40
N ALA A 71 -30.06 28.82 3.54
CA ALA A 71 -31.01 28.80 2.43
C ALA A 71 -31.46 27.39 2.07
N TYR A 72 -32.55 27.31 1.31
CA TYR A 72 -33.09 26.02 0.87
C TYR A 72 -33.70 26.12 -0.53
N ARG A 73 -33.05 25.47 -1.49
CA ARG A 73 -33.57 25.41 -2.86
C ARG A 73 -34.69 24.40 -2.98
N PHE A 74 -35.73 24.77 -3.73
CA PHE A 74 -36.81 23.85 -4.03
C PHE A 74 -37.46 24.21 -5.36
N SER A 75 -38.30 23.33 -5.86
CA SER A 75 -38.98 23.55 -7.12
C SER A 75 -40.45 23.87 -6.91
N VAL A 76 -40.97 24.79 -7.71
CA VAL A 76 -42.39 25.10 -7.71
C VAL A 76 -43.03 24.41 -8.89
N ALA A 77 -43.99 23.54 -8.62
CA ALA A 77 -44.58 22.71 -9.67
C ALA A 77 -45.52 23.50 -10.58
N TRP A 78 -45.20 23.51 -11.86
CA TRP A 78 -46.05 24.10 -12.89
C TRP A 78 -47.46 23.48 -12.90
N PRO A 79 -47.57 22.14 -12.91
CA PRO A 79 -48.93 21.58 -12.98
C PRO A 79 -49.75 21.80 -11.72
N ARG A 80 -49.10 22.16 -10.61
CA ARG A 80 -49.81 22.40 -9.37
C ARG A 80 -50.37 23.82 -9.33
N ILE A 81 -49.66 24.74 -9.99
CA ILE A 81 -50.08 26.13 -10.06
C ILE A 81 -51.06 26.37 -11.21
N HIS A 82 -50.73 25.83 -12.38
CA HIS A 82 -51.62 25.94 -13.55
C HIS A 82 -51.95 24.56 -14.11
N PRO A 83 -52.97 23.90 -13.54
CA PRO A 83 -53.47 22.61 -14.03
C PRO A 83 -53.86 22.70 -15.50
N ASP A 84 -54.67 23.70 -15.82
CA ASP A 84 -54.94 24.07 -17.21
C ASP A 84 -54.27 25.41 -17.47
N VAL A 85 -53.24 25.41 -18.31
CA VAL A 85 -52.43 26.61 -18.53
C VAL A 85 -53.27 27.78 -19.06
N THR A 86 -54.28 27.45 -19.87
CA THR A 86 -55.22 28.46 -20.35
C THR A 86 -56.00 29.07 -19.19
N GLY A 87 -56.30 28.25 -18.20
CA GLY A 87 -57.07 28.70 -17.04
C GLY A 87 -56.27 29.54 -16.07
N PRO A 88 -56.89 29.91 -14.94
CA PRO A 88 -56.29 30.74 -13.90
C PRO A 88 -55.42 29.94 -12.94
N ALA A 89 -54.88 30.62 -11.93
CA ALA A 89 -54.00 29.97 -10.96
C ALA A 89 -54.80 29.14 -9.96
N ASN A 90 -54.36 27.90 -9.76
CA ASN A 90 -54.93 27.04 -8.72
C ASN A 90 -54.51 27.55 -7.35
N GLN A 91 -55.45 28.17 -6.63
CA GLN A 91 -55.17 28.78 -5.34
C GLN A 91 -54.61 27.76 -4.36
N LYS A 92 -55.19 26.57 -4.36
CA LYS A 92 -54.75 25.50 -3.48
C LYS A 92 -53.29 25.13 -3.74
N GLY A 93 -52.86 25.34 -4.99
CA GLY A 93 -51.47 25.11 -5.35
C GLY A 93 -50.57 26.23 -4.87
N LEU A 94 -51.04 27.46 -5.00
CA LEU A 94 -50.29 28.63 -4.57
C LEU A 94 -50.09 28.64 -3.06
N ASP A 95 -51.12 28.26 -2.33
CA ASP A 95 -51.09 28.31 -0.87
C ASP A 95 -50.13 27.30 -0.27
N PHE A 96 -49.89 26.20 -0.99
CA PHE A 96 -48.95 25.20 -0.50
C PHE A 96 -47.52 25.73 -0.49
N TYR A 97 -47.15 26.44 -1.55
CA TYR A 97 -45.80 26.96 -1.66
C TYR A 97 -45.64 28.26 -0.88
N GLN A 98 -46.72 29.01 -0.74
CA GLN A 98 -46.70 30.24 0.06
C GLN A 98 -46.53 29.90 1.53
N ARG A 99 -47.21 28.86 1.98
CA ARG A 99 -47.12 28.38 3.34
C ARG A 99 -45.74 27.78 3.61
N LEU A 100 -45.13 27.26 2.55
CA LEU A 100 -43.78 26.72 2.63
C LEU A 100 -42.74 27.83 2.68
N ILE A 101 -42.99 28.88 1.89
CA ILE A 101 -42.12 30.06 1.86
C ILE A 101 -42.24 30.83 3.17
N ASP A 102 -43.47 30.97 3.66
CA ASP A 102 -43.72 31.62 4.94
C ASP A 102 -43.03 30.86 6.07
N GLY A 103 -43.14 29.54 6.03
CA GLY A 103 -42.51 28.69 7.03
C GLY A 103 -41.00 28.75 6.96
N LEU A 104 -40.47 28.98 5.76
CA LEU A 104 -39.03 29.13 5.58
C LEU A 104 -38.51 30.43 6.19
N ARG A 105 -39.25 31.51 5.95
CA ARG A 105 -38.86 32.82 6.48
C ARG A 105 -39.07 32.91 7.99
N ASP A 106 -40.08 32.21 8.49
CA ASP A 106 -40.33 32.16 9.93
C ASP A 106 -39.23 31.39 10.65
N ARG A 107 -38.62 30.45 9.93
CA ARG A 107 -37.50 29.70 10.46
C ARG A 107 -36.18 30.34 10.03
N ASN A 108 -36.29 31.56 9.52
CA ASN A 108 -35.13 32.35 9.09
C ASN A 108 -34.23 31.61 8.12
N ILE A 109 -34.85 30.89 7.20
CA ILE A 109 -34.15 30.24 6.10
C ILE A 109 -34.51 30.92 4.79
N ILE A 110 -33.50 31.33 4.03
CA ILE A 110 -33.74 32.01 2.76
C ILE A 110 -34.33 31.05 1.73
N PRO A 111 -35.52 31.39 1.21
CA PRO A 111 -36.13 30.57 0.16
C PRO A 111 -35.54 30.86 -1.22
N LEU A 112 -35.19 29.82 -1.96
CA LEU A 112 -34.70 29.97 -3.33
C LEU A 112 -35.47 29.03 -4.25
N PRO A 113 -36.71 29.42 -4.62
CA PRO A 113 -37.57 28.55 -5.44
C PRO A 113 -37.12 28.51 -6.90
N THR A 114 -37.42 27.41 -7.57
CA THR A 114 -37.12 27.26 -8.98
C THR A 114 -38.40 27.04 -9.77
N MET A 115 -38.61 27.85 -10.80
CA MET A 115 -39.85 27.82 -11.56
C MET A 115 -40.07 26.49 -12.28
N TYR A 116 -39.01 25.97 -12.91
CA TYR A 116 -39.15 24.76 -13.72
C TYR A 116 -38.11 23.69 -13.39
N HIS A 117 -38.55 22.60 -12.78
CA HIS A 117 -37.69 21.44 -12.59
C HIS A 117 -38.26 20.24 -13.33
N TRP A 118 -38.34 20.37 -14.65
CA TRP A 118 -38.61 19.27 -15.58
C TRP A 118 -40.05 18.76 -15.54
N ASP A 119 -40.93 19.41 -14.78
CA ASP A 119 -42.32 18.98 -14.74
C ASP A 119 -43.22 19.91 -15.57
N LEU A 120 -43.04 19.85 -16.89
CA LEU A 120 -43.91 20.51 -17.84
C LEU A 120 -45.25 19.79 -17.89
N PRO A 121 -46.37 20.55 -17.88
CA PRO A 121 -47.70 19.94 -17.95
C PRO A 121 -47.86 19.07 -19.19
N GLN A 122 -48.61 17.98 -19.08
CA GLN A 122 -48.77 17.04 -20.18
C GLN A 122 -49.55 17.66 -21.34
N ALA A 123 -50.46 18.57 -21.01
CA ALA A 123 -51.28 19.23 -22.03
C ALA A 123 -50.41 20.09 -22.96
N LEU A 124 -49.33 20.64 -22.41
CA LEU A 124 -48.40 21.44 -23.20
C LEU A 124 -47.49 20.56 -24.04
N GLU A 125 -47.21 19.36 -23.54
CA GLU A 125 -46.40 18.40 -24.28
C GLU A 125 -47.16 17.86 -25.47
N ASP A 126 -48.45 17.62 -25.28
CA ASP A 126 -49.31 17.09 -26.34
C ASP A 126 -49.38 18.03 -27.53
N GLU A 127 -49.13 19.32 -27.29
CA GLU A 127 -49.11 20.32 -28.35
C GLU A 127 -47.68 20.64 -28.78
N GLY A 128 -46.81 19.64 -28.72
CA GLY A 128 -45.45 19.80 -29.20
C GLY A 128 -44.38 19.85 -28.12
N GLY A 129 -44.74 20.36 -26.95
CA GLY A 129 -43.79 20.49 -25.85
C GLY A 129 -42.78 21.59 -26.12
N TRP A 130 -41.57 21.43 -25.61
CA TRP A 130 -40.53 22.44 -25.76
C TRP A 130 -40.06 22.58 -27.20
N ILE A 131 -40.50 21.66 -28.05
CA ILE A 131 -40.20 21.73 -29.48
C ILE A 131 -40.80 23.00 -30.09
N VAL A 132 -42.07 23.25 -29.78
CA VAL A 132 -42.75 24.42 -30.32
C VAL A 132 -42.45 25.68 -29.52
N ARG A 133 -42.65 26.83 -30.14
CA ARG A 133 -42.33 28.13 -29.54
C ARG A 133 -43.34 28.54 -28.46
N ASP A 134 -44.60 28.20 -28.67
CA ASP A 134 -45.67 28.62 -27.77
C ASP A 134 -45.47 28.15 -26.33
N THR A 135 -44.75 27.04 -26.16
CA THR A 135 -44.45 26.53 -24.82
C THR A 135 -43.62 27.55 -24.04
N ALA A 136 -42.65 28.16 -24.72
CA ALA A 136 -41.80 29.17 -24.11
C ALA A 136 -42.62 30.38 -23.68
N LEU A 137 -43.61 30.74 -24.49
CA LEU A 137 -44.49 31.87 -24.18
C LEU A 137 -45.39 31.55 -23.00
N ARG A 138 -45.89 30.31 -22.96
CA ARG A 138 -46.76 29.88 -21.88
C ARG A 138 -46.01 29.84 -20.55
N PHE A 139 -44.70 29.68 -20.61
CA PHE A 139 -43.88 29.70 -19.39
C PHE A 139 -43.76 31.11 -18.84
N ALA A 140 -43.63 32.08 -19.75
CA ALA A 140 -43.53 33.47 -19.35
C ALA A 140 -44.78 33.91 -18.60
N ASP A 141 -45.93 33.40 -19.02
CA ASP A 141 -47.19 33.66 -18.33
C ASP A 141 -47.21 32.95 -16.98
N TYR A 142 -46.66 31.74 -16.95
CA TYR A 142 -46.55 30.97 -15.73
C TYR A 142 -45.60 31.66 -14.75
N ALA A 143 -44.45 32.09 -15.26
CA ALA A 143 -43.47 32.80 -14.46
C ALA A 143 -44.06 34.07 -13.87
N ALA A 144 -44.86 34.77 -14.68
CA ALA A 144 -45.53 35.98 -14.24
C ALA A 144 -46.46 35.70 -13.05
N THR A 145 -47.19 34.60 -13.15
CA THR A 145 -48.12 34.19 -12.10
C THR A 145 -47.42 33.97 -10.77
N VAL A 146 -46.30 33.26 -10.81
CA VAL A 146 -45.58 32.91 -9.59
C VAL A 146 -44.82 34.10 -9.03
N LEU A 147 -44.26 34.92 -9.90
CA LEU A 147 -43.55 36.13 -9.49
C LEU A 147 -44.48 37.08 -8.76
N GLU A 148 -45.73 37.11 -9.18
CA GLU A 148 -46.71 38.04 -8.63
C GLU A 148 -47.36 37.53 -7.35
N LYS A 149 -47.87 36.30 -7.40
CA LYS A 149 -48.73 35.78 -6.34
C LYS A 149 -47.97 35.07 -5.21
N LEU A 150 -46.65 35.03 -5.31
CA LEU A 150 -45.84 34.47 -4.23
C LEU A 150 -44.97 35.54 -3.58
N ASP A 151 -45.26 35.84 -2.32
CA ASP A 151 -44.52 36.86 -1.58
C ASP A 151 -43.38 36.25 -0.77
N GLY A 152 -42.36 37.06 -0.50
CA GLY A 152 -41.27 36.64 0.37
C GLY A 152 -40.02 36.16 -0.34
N ILE A 153 -40.05 36.15 -1.67
CA ILE A 153 -38.93 35.68 -2.46
C ILE A 153 -37.99 36.80 -2.89
N ASP A 154 -36.73 36.69 -2.51
CA ASP A 154 -35.72 37.67 -2.91
C ASP A 154 -34.91 37.17 -4.09
N LYS A 155 -34.62 35.89 -4.10
CA LYS A 155 -33.87 35.28 -5.20
C LYS A 155 -34.70 34.23 -5.93
N TRP A 156 -34.82 34.39 -7.25
CA TRP A 156 -35.56 33.45 -8.08
C TRP A 156 -34.65 32.67 -9.02
N THR A 157 -35.08 31.46 -9.37
CA THR A 157 -34.41 30.67 -10.39
C THR A 157 -35.43 30.28 -11.46
N THR A 158 -35.06 30.44 -12.72
CA THR A 158 -35.97 30.15 -13.82
C THR A 158 -35.97 28.67 -14.17
N PHE A 159 -34.80 28.13 -14.52
CA PHE A 159 -34.71 26.75 -14.98
C PHE A 159 -33.61 25.96 -14.29
N ASN A 160 -33.91 24.70 -13.99
CA ASN A 160 -32.92 23.79 -13.46
C ASN A 160 -32.47 22.81 -14.55
N GLU A 161 -31.22 22.96 -14.98
CA GLU A 161 -30.61 22.12 -16.00
C GLU A 161 -31.45 22.04 -17.27
N PRO A 162 -31.34 23.08 -18.12
CA PRO A 162 -32.01 23.03 -19.43
C PRO A 162 -31.50 21.89 -20.30
N TRP A 163 -30.21 21.59 -20.20
CA TRP A 163 -29.59 20.53 -21.00
C TRP A 163 -30.29 19.19 -20.79
N THR A 164 -30.59 18.88 -19.54
CA THR A 164 -31.22 17.60 -19.21
C THR A 164 -32.67 17.57 -19.67
N SER A 165 -33.34 18.72 -19.59
CA SER A 165 -34.71 18.84 -20.08
C SER A 165 -34.75 18.63 -21.59
N ALA A 166 -33.76 19.18 -22.28
CA ALA A 166 -33.73 19.16 -23.73
C ALA A 166 -33.15 17.86 -24.30
N TRP A 167 -31.92 17.55 -23.90
CA TRP A 167 -31.18 16.47 -24.56
C TRP A 167 -31.46 15.08 -24.01
N LEU A 168 -31.75 14.98 -22.71
CA LEU A 168 -32.17 13.69 -22.16
C LEU A 168 -33.65 13.46 -22.40
N GLY A 169 -34.40 14.54 -22.57
CA GLY A 169 -35.84 14.46 -22.75
C GLY A 169 -36.30 14.36 -24.19
N TYR A 170 -35.62 15.06 -25.08
CA TYR A 170 -36.03 15.10 -26.48
C TYR A 170 -35.00 14.48 -27.41
N GLY A 171 -33.73 14.50 -27.00
CA GLY A 171 -32.65 14.02 -27.84
C GLY A 171 -32.34 12.54 -27.71
N TYR A 172 -32.14 12.09 -26.48
CA TYR A 172 -31.72 10.72 -26.23
C TYR A 172 -32.85 9.83 -25.71
N GLY A 173 -33.89 10.45 -25.17
CA GLY A 173 -35.08 9.74 -24.75
C GLY A 173 -34.99 9.08 -23.38
N HIS A 174 -33.98 9.44 -22.61
CA HIS A 174 -33.80 8.87 -21.29
C HIS A 174 -34.73 9.51 -20.26
N HIS A 175 -35.05 10.77 -20.47
CA HIS A 175 -35.94 11.50 -19.57
C HIS A 175 -37.24 11.89 -20.27
N ALA A 176 -38.21 12.35 -19.50
CA ALA A 176 -39.47 12.85 -20.03
C ALA A 176 -39.21 14.01 -20.98
N PRO A 177 -39.99 14.12 -22.06
CA PRO A 177 -41.12 13.26 -22.44
C PRO A 177 -40.73 11.96 -23.13
N GLY A 178 -39.44 11.75 -23.36
CA GLY A 178 -38.95 10.46 -23.87
C GLY A 178 -38.71 10.36 -25.36
N ARG A 179 -38.66 11.50 -26.04
CA ARG A 179 -38.46 11.52 -27.49
C ARG A 179 -37.01 11.25 -27.87
N THR A 180 -36.81 10.66 -29.04
CA THR A 180 -35.47 10.45 -29.58
C THR A 180 -35.31 11.18 -30.91
N ASP A 181 -35.12 12.49 -30.84
CA ASP A 181 -35.04 13.33 -32.03
C ASP A 181 -34.09 14.50 -31.80
N ILE A 182 -33.03 14.57 -32.60
CA ILE A 182 -31.98 15.58 -32.41
C ILE A 182 -32.49 17.00 -32.68
N GLY A 183 -33.27 17.16 -33.74
CA GLY A 183 -33.85 18.45 -34.07
C GLY A 183 -34.76 18.96 -32.96
N ALA A 184 -35.48 18.04 -32.34
CA ALA A 184 -36.40 18.36 -31.26
C ALA A 184 -35.65 18.91 -30.05
N ALA A 185 -34.50 18.31 -29.75
CA ALA A 185 -33.70 18.72 -28.59
C ALA A 185 -32.99 20.04 -28.86
N ALA A 186 -32.54 20.24 -30.09
CA ALA A 186 -31.91 21.49 -30.47
C ALA A 186 -32.92 22.63 -30.45
N ALA A 187 -34.16 22.30 -30.75
CA ALA A 187 -35.26 23.27 -30.68
C ALA A 187 -35.59 23.58 -29.23
N ALA A 188 -35.69 22.52 -28.42
CA ALA A 188 -35.96 22.65 -27.00
C ALA A 188 -34.85 23.44 -26.31
N THR A 189 -33.63 23.28 -26.80
CA THR A 189 -32.48 24.03 -26.31
C THR A 189 -32.73 25.53 -26.37
N HIS A 190 -33.18 25.99 -27.53
CA HIS A 190 -33.40 27.41 -27.77
C HIS A 190 -34.62 27.95 -27.03
N HIS A 191 -35.69 27.15 -27.00
CA HIS A 191 -36.94 27.60 -26.40
C HIS A 191 -36.90 27.55 -24.88
N LEU A 192 -36.02 26.74 -24.32
CA LEU A 192 -35.78 26.74 -22.88
C LEU A 192 -35.03 28.02 -22.51
N LEU A 193 -34.00 28.34 -23.27
CA LEU A 193 -33.24 29.57 -23.08
C LEU A 193 -34.12 30.79 -23.32
N LEU A 194 -35.00 30.70 -24.30
CA LEU A 194 -35.92 31.79 -24.60
C LEU A 194 -36.93 31.98 -23.48
N ALA A 195 -37.36 30.88 -22.88
CA ALA A 195 -38.31 30.92 -21.78
C ALA A 195 -37.67 31.50 -20.52
N HIS A 196 -36.36 31.26 -20.36
CA HIS A 196 -35.61 31.84 -19.26
C HIS A 196 -35.52 33.36 -19.42
N GLY A 197 -35.22 33.79 -20.64
CA GLY A 197 -35.08 35.20 -20.95
C GLY A 197 -36.35 35.98 -20.75
N LEU A 198 -37.47 35.41 -21.21
CA LEU A 198 -38.78 36.02 -21.01
C LEU A 198 -39.12 36.03 -19.52
N GLY A 199 -38.67 35.00 -18.82
CA GLY A 199 -38.89 34.88 -17.39
C GLY A 199 -38.11 35.92 -16.61
N VAL A 200 -36.89 36.21 -17.07
CA VAL A 200 -36.07 37.24 -16.45
C VAL A 200 -36.69 38.62 -16.64
N GLN A 201 -37.12 38.91 -17.87
CA GLN A 201 -37.72 40.20 -18.18
C GLN A 201 -39.06 40.37 -17.48
N ALA A 202 -39.81 39.27 -17.35
CA ALA A 202 -41.08 39.30 -16.64
C ALA A 202 -40.85 39.66 -15.18
N ALA A 203 -39.69 39.27 -14.65
CA ALA A 203 -39.32 39.57 -13.27
C ALA A 203 -39.05 41.06 -13.09
N ARG A 204 -38.36 41.65 -14.07
CA ARG A 204 -37.96 43.06 -13.99
C ARG A 204 -39.16 44.01 -13.94
N ALA A 205 -40.29 43.58 -14.50
CA ALA A 205 -41.48 44.41 -14.56
C ALA A 205 -42.40 44.16 -13.37
N ILE A 206 -42.52 42.90 -12.97
CA ILE A 206 -43.44 42.51 -11.90
C ILE A 206 -42.81 42.68 -10.51
N ARG A 207 -41.60 42.16 -10.35
CA ARG A 207 -40.87 42.29 -9.10
C ARG A 207 -39.48 42.87 -9.34
N PRO A 208 -39.39 44.20 -9.49
CA PRO A 208 -38.15 44.90 -9.85
C PRO A 208 -36.98 44.59 -8.91
N HIS A 209 -37.27 44.42 -7.63
CA HIS A 209 -36.23 44.34 -6.62
C HIS A 209 -35.58 42.96 -6.46
N VAL A 210 -36.22 41.91 -7.00
CA VAL A 210 -35.71 40.56 -6.80
C VAL A 210 -34.54 40.25 -7.74
N GLU A 211 -33.62 39.43 -7.24
CA GLU A 211 -32.53 38.91 -8.05
C GLU A 211 -32.98 37.63 -8.75
N ILE A 212 -32.51 37.40 -9.96
CA ILE A 212 -32.94 36.23 -10.71
C ILE A 212 -31.81 35.66 -11.56
N GLY A 213 -31.82 34.35 -11.75
CA GLY A 213 -30.84 33.67 -12.57
C GLY A 213 -31.36 32.33 -13.02
N LEU A 214 -30.46 31.43 -13.42
CA LEU A 214 -30.84 30.09 -13.82
C LEU A 214 -29.79 29.08 -13.40
N THR A 215 -30.15 27.80 -13.43
CA THR A 215 -29.25 26.73 -13.01
C THR A 215 -28.82 25.87 -14.18
N LEU A 216 -27.51 25.82 -14.42
CA LEU A 216 -26.94 25.03 -15.50
C LEU A 216 -26.10 23.86 -14.98
N ASN A 217 -26.24 22.70 -15.60
CA ASN A 217 -25.37 21.56 -15.28
C ASN A 217 -24.21 21.49 -16.27
N LEU A 218 -23.19 22.31 -16.00
CA LEU A 218 -22.01 22.36 -16.87
C LEU A 218 -21.07 21.19 -16.59
N GLY A 219 -20.25 20.86 -17.57
CA GLY A 219 -19.35 19.73 -17.43
C GLY A 219 -17.89 20.07 -17.67
N VAL A 220 -17.01 19.23 -17.15
CA VAL A 220 -15.57 19.34 -17.41
C VAL A 220 -15.12 18.15 -18.22
N LEU A 221 -14.81 18.38 -19.49
CA LEU A 221 -14.51 17.28 -20.40
C LEU A 221 -13.04 17.25 -20.79
N ARG A 222 -12.41 16.09 -20.57
CA ARG A 222 -11.00 15.89 -20.89
C ARG A 222 -10.85 15.00 -22.12
N PRO A 223 -9.96 15.40 -23.05
CA PRO A 223 -9.66 14.56 -24.22
C PRO A 223 -8.90 13.29 -23.82
N GLY A 224 -9.34 12.15 -24.32
CA GLY A 224 -8.71 10.88 -24.00
C GLY A 224 -7.26 10.82 -24.44
N THR A 225 -6.98 11.41 -25.61
CA THR A 225 -5.62 11.46 -26.14
C THR A 225 -5.26 12.90 -26.50
N THR A 226 -4.00 13.13 -26.85
CA THR A 226 -3.54 14.46 -27.23
C THR A 226 -3.55 14.66 -28.74
N GLU A 227 -4.28 13.79 -29.44
CA GLU A 227 -4.37 13.88 -30.89
C GLU A 227 -5.48 14.84 -31.30
N ASP A 228 -5.39 15.36 -32.52
CA ASP A 228 -6.38 16.31 -33.04
C ASP A 228 -7.78 15.70 -33.09
N GLN A 229 -7.83 14.41 -33.43
CA GLN A 229 -9.08 13.70 -33.59
C GLN A 229 -9.95 13.70 -32.34
N ASP A 230 -9.34 13.48 -31.18
CA ASP A 230 -10.08 13.37 -29.93
C ASP A 230 -10.28 14.72 -29.24
N VAL A 231 -9.32 15.62 -29.41
CA VAL A 231 -9.45 16.97 -28.85
C VAL A 231 -10.64 17.69 -29.46
N GLU A 232 -10.78 17.58 -30.78
CA GLU A 232 -11.88 18.20 -31.49
C GLU A 232 -13.20 17.47 -31.22
N ALA A 233 -13.10 16.19 -30.87
CA ALA A 233 -14.28 15.42 -30.52
C ALA A 233 -14.79 15.85 -29.14
N THR A 234 -13.87 16.31 -28.31
CA THR A 234 -14.21 16.81 -26.99
C THR A 234 -14.78 18.22 -27.10
N TRP A 235 -14.31 18.96 -28.09
CA TRP A 235 -14.77 20.32 -28.35
C TRP A 235 -16.22 20.31 -28.82
N ARG A 236 -16.62 19.26 -29.52
CA ARG A 236 -18.00 19.09 -29.93
C ARG A 236 -18.87 18.74 -28.72
N ALA A 237 -18.34 17.86 -27.87
CA ALA A 237 -19.04 17.45 -26.66
C ALA A 237 -19.15 18.61 -25.68
N ASP A 238 -18.15 19.48 -25.68
CA ASP A 238 -18.14 20.66 -24.83
C ASP A 238 -19.17 21.67 -25.29
N GLY A 239 -19.38 21.75 -26.60
CA GLY A 239 -20.35 22.65 -27.17
C GLY A 239 -21.76 22.31 -26.74
N ASN A 240 -22.08 21.02 -26.78
CA ASN A 240 -23.40 20.54 -26.38
C ASN A 240 -23.64 20.72 -24.88
N GLN A 241 -22.64 20.37 -24.08
CA GLN A 241 -22.76 20.39 -22.63
C GLN A 241 -22.75 21.81 -22.06
N ASN A 242 -21.82 22.64 -22.55
CA ASN A 242 -21.59 23.94 -21.93
C ASN A 242 -21.88 25.15 -22.83
N ARG A 243 -21.28 25.16 -24.02
CA ARG A 243 -21.18 26.40 -24.80
C ARG A 243 -22.45 26.85 -25.52
N ILE A 244 -23.35 25.92 -25.82
CA ILE A 244 -24.62 26.33 -26.45
C ILE A 244 -25.59 26.87 -25.39
N TRP A 245 -25.09 27.03 -24.17
CA TRP A 245 -25.85 27.65 -23.10
C TRP A 245 -25.16 28.92 -22.63
N LEU A 246 -23.86 28.81 -22.39
CA LEU A 246 -23.07 29.89 -21.83
C LEU A 246 -22.92 31.08 -22.78
N ASP A 247 -22.63 30.79 -24.05
CA ASP A 247 -22.48 31.85 -25.04
C ASP A 247 -23.79 32.62 -25.31
N PRO A 248 -24.93 31.93 -25.45
CA PRO A 248 -26.16 32.72 -25.58
C PRO A 248 -26.45 33.61 -24.38
N LEU A 249 -26.11 33.14 -23.18
CA LEU A 249 -26.42 33.89 -21.95
C LEU A 249 -25.48 35.06 -21.73
N PHE A 250 -24.19 34.86 -21.97
CA PHE A 250 -23.19 35.85 -21.60
C PHE A 250 -22.48 36.52 -22.79
N LYS A 251 -22.66 35.95 -23.98
CA LYS A 251 -22.08 36.54 -25.17
C LYS A 251 -23.16 37.01 -26.14
N GLY A 252 -24.38 36.49 -25.94
CA GLY A 252 -25.51 36.90 -26.75
C GLY A 252 -25.50 36.30 -28.14
N GLU A 253 -24.94 35.10 -28.27
CA GLU A 253 -24.83 34.43 -29.56
C GLU A 253 -24.57 32.94 -29.37
N TYR A 254 -24.96 32.14 -30.35
CA TYR A 254 -24.64 30.72 -30.34
C TYR A 254 -23.26 30.49 -30.92
N PRO A 255 -22.54 29.47 -30.43
CA PRO A 255 -21.24 29.11 -31.02
C PRO A 255 -21.39 28.70 -32.49
N ALA A 256 -20.66 29.37 -33.37
CA ALA A 256 -20.78 29.16 -34.81
C ALA A 256 -20.57 27.70 -35.20
N ASP A 257 -19.59 27.06 -34.59
CA ASP A 257 -19.24 25.68 -34.91
C ASP A 257 -20.35 24.70 -34.52
N MET A 258 -21.15 25.07 -33.53
CA MET A 258 -22.26 24.22 -33.09
C MET A 258 -23.49 24.44 -33.96
N ILE A 259 -23.64 25.66 -34.48
CA ILE A 259 -24.73 25.96 -35.40
C ILE A 259 -24.54 25.19 -36.70
N GLU A 260 -23.31 25.17 -37.19
CA GLU A 260 -22.97 24.41 -38.39
C GLU A 260 -23.19 22.92 -38.17
N HIS A 261 -22.97 22.46 -36.95
CA HIS A 261 -23.13 21.05 -36.59
C HIS A 261 -24.59 20.63 -36.53
N TYR A 262 -25.44 21.50 -35.99
CA TYR A 262 -26.84 21.17 -35.76
C TYR A 262 -27.79 21.62 -36.87
N SER A 263 -27.23 22.20 -37.93
CA SER A 263 -28.05 22.78 -38.99
C SER A 263 -28.81 21.73 -39.79
N ARG A 264 -28.35 20.49 -39.78
CA ARG A 264 -28.94 19.45 -40.61
C ARG A 264 -30.25 18.91 -40.06
N TRP A 265 -30.51 19.16 -38.77
CA TRP A 265 -31.73 18.67 -38.14
C TRP A 265 -32.79 19.78 -38.02
N THR A 266 -34.05 19.40 -38.17
CA THR A 266 -35.16 20.35 -38.05
C THR A 266 -36.10 19.92 -36.92
N PRO A 267 -36.73 20.89 -36.23
CA PRO A 267 -36.65 22.34 -36.40
C PRO A 267 -35.30 22.92 -35.99
N GLY A 268 -34.76 22.45 -34.86
CA GLY A 268 -33.44 22.86 -34.40
C GLY A 268 -33.30 24.35 -34.15
N PHE A 269 -32.12 24.89 -34.46
CA PHE A 269 -31.83 26.29 -34.23
C PHE A 269 -32.30 27.17 -35.39
N HIS A 270 -33.16 26.62 -36.23
CA HIS A 270 -33.83 27.39 -37.25
C HIS A 270 -35.03 28.10 -36.64
N THR A 271 -35.39 27.68 -35.43
CA THR A 271 -36.49 28.29 -34.69
C THR A 271 -36.07 29.61 -34.05
N VAL A 272 -34.80 29.96 -34.22
CA VAL A 272 -34.29 31.24 -33.72
C VAL A 272 -34.85 32.38 -34.56
N GLN A 273 -35.78 33.13 -33.97
CA GLN A 273 -36.32 34.31 -34.63
C GLN A 273 -35.45 35.52 -34.30
N ASN A 274 -35.79 36.67 -34.88
CA ASN A 274 -35.01 37.88 -34.65
C ASN A 274 -35.21 38.41 -33.24
N GLY A 275 -34.10 38.77 -32.57
CA GLY A 275 -34.16 39.38 -31.26
C GLY A 275 -34.25 38.39 -30.11
N ASP A 276 -34.15 37.10 -30.41
CA ASP A 276 -34.18 36.08 -29.36
C ASP A 276 -32.92 36.13 -28.50
N LEU A 277 -31.78 36.27 -29.15
CA LEU A 277 -30.49 36.28 -28.46
C LEU A 277 -30.37 37.39 -27.43
N GLU A 278 -31.06 38.50 -27.68
CA GLU A 278 -31.05 39.62 -26.74
C GLU A 278 -31.96 39.32 -25.56
N ILE A 279 -33.01 38.53 -25.80
CA ILE A 279 -33.88 38.09 -24.72
C ILE A 279 -33.16 37.06 -23.85
N ILE A 280 -32.52 36.11 -24.51
CA ILE A 280 -31.76 35.06 -23.82
C ILE A 280 -30.64 35.67 -22.98
N SER A 281 -30.00 36.71 -23.49
CA SER A 281 -28.87 37.32 -22.81
C SER A 281 -29.28 38.42 -21.83
N SER A 282 -30.55 38.39 -21.41
CA SER A 282 -31.03 39.33 -20.41
C SER A 282 -30.20 39.20 -19.14
N PRO A 283 -29.54 40.31 -18.73
CA PRO A 283 -28.63 40.34 -17.58
C PRO A 283 -29.20 39.67 -16.34
N ILE A 284 -28.47 38.70 -15.81
CA ILE A 284 -28.91 37.96 -14.62
C ILE A 284 -28.01 38.25 -13.44
N ASP A 285 -28.59 38.20 -12.24
CA ASP A 285 -27.88 38.57 -11.03
C ASP A 285 -26.91 37.48 -10.56
N PHE A 286 -27.28 36.22 -10.76
CA PHE A 286 -26.40 35.12 -10.40
C PHE A 286 -26.56 33.94 -11.36
N LEU A 287 -25.69 32.94 -11.20
CA LEU A 287 -25.73 31.75 -12.03
C LEU A 287 -25.61 30.49 -11.19
N GLY A 288 -26.64 29.65 -11.22
CA GLY A 288 -26.63 28.39 -10.50
C GLY A 288 -25.77 27.36 -11.19
N VAL A 289 -24.87 26.73 -10.44
CA VAL A 289 -23.94 25.77 -11.00
C VAL A 289 -24.16 24.36 -10.46
N ASN A 290 -24.41 23.41 -11.35
CA ASN A 290 -24.52 22.00 -10.99
C ASN A 290 -23.32 21.22 -11.49
N PHE A 291 -22.73 20.41 -10.61
CA PHE A 291 -21.58 19.61 -10.98
C PHE A 291 -21.45 18.36 -10.11
N TYR A 292 -21.23 17.22 -10.76
CA TYR A 292 -21.11 15.95 -10.06
C TYR A 292 -19.79 15.26 -10.37
N GLY A 293 -19.28 15.48 -11.58
CA GLY A 293 -18.04 14.87 -11.99
C GLY A 293 -17.76 15.00 -13.48
N PRO A 294 -16.47 14.90 -13.87
CA PRO A 294 -16.03 15.04 -15.25
C PRO A 294 -16.22 13.76 -16.06
N GLY A 295 -15.92 13.84 -17.35
CA GLY A 295 -16.00 12.68 -18.23
C GLY A 295 -14.98 12.77 -19.35
N THR A 296 -14.25 11.69 -19.57
CA THR A 296 -13.22 11.67 -20.61
C THR A 296 -13.84 11.35 -21.96
N VAL A 297 -13.47 12.11 -22.99
CA VAL A 297 -14.12 12.01 -24.29
C VAL A 297 -13.15 11.65 -25.42
N MET A 298 -13.57 10.73 -26.28
CA MET A 298 -12.81 10.40 -27.48
C MET A 298 -13.76 10.30 -28.68
N ASN A 299 -13.18 10.28 -29.89
CA ASN A 299 -13.97 10.27 -31.12
C ASN A 299 -14.81 9.00 -31.26
N VAL A 300 -15.79 9.05 -32.16
CA VAL A 300 -16.68 7.91 -32.38
C VAL A 300 -15.92 6.77 -33.07
N GLY A 301 -16.31 5.55 -32.78
CA GLY A 301 -15.67 4.37 -33.35
C GLY A 301 -14.21 4.27 -32.97
N ARG A 302 -13.85 4.86 -31.83
CA ARG A 302 -12.46 4.83 -31.39
C ARG A 302 -12.33 4.11 -30.05
N GLU A 303 -12.98 2.96 -29.94
CA GLU A 303 -12.91 2.15 -28.74
C GLU A 303 -11.55 1.48 -28.60
N ASP A 304 -11.00 1.02 -29.72
CA ASP A 304 -9.72 0.32 -29.72
C ASP A 304 -8.56 1.21 -29.26
N ALA A 305 -8.53 2.45 -29.75
CA ALA A 305 -7.47 3.38 -29.39
C ALA A 305 -7.59 3.80 -27.92
N ALA A 306 -8.80 3.70 -27.39
CA ALA A 306 -9.05 4.01 -25.98
C ALA A 306 -8.44 2.95 -25.10
N ARG A 307 -8.71 1.68 -25.42
CA ARG A 307 -8.13 0.56 -24.68
C ARG A 307 -6.62 0.54 -24.88
N ALA A 308 -6.18 0.97 -26.05
CA ALA A 308 -4.76 1.06 -26.36
C ALA A 308 -4.10 2.16 -25.52
N ALA A 309 -4.87 3.20 -25.20
CA ALA A 309 -4.36 4.31 -24.41
C ALA A 309 -4.35 3.96 -22.92
N GLY A 310 -5.26 3.09 -22.51
CA GLY A 310 -5.33 2.64 -21.14
C GLY A 310 -6.67 2.90 -20.47
N PHE A 311 -7.71 3.05 -21.27
CA PHE A 311 -9.06 3.28 -20.75
C PHE A 311 -9.89 2.00 -20.72
N ASN A 312 -11.01 2.06 -20.00
CA ASN A 312 -12.04 1.04 -20.08
C ASN A 312 -13.23 1.58 -20.87
N VAL A 313 -13.80 0.75 -21.74
CA VAL A 313 -14.97 1.16 -22.51
C VAL A 313 -16.03 0.05 -22.48
N GLY A 314 -17.30 0.45 -22.59
CA GLY A 314 -18.38 -0.52 -22.68
C GLY A 314 -18.48 -1.11 -24.08
N PRO A 315 -19.59 -1.81 -24.36
CA PRO A 315 -19.83 -2.38 -25.69
C PRO A 315 -20.53 -1.41 -26.64
N ASP A 322 -27.44 5.66 -33.09
CA ASP A 322 -26.78 6.84 -33.65
C ASP A 322 -25.86 7.53 -32.65
N ASN A 323 -24.94 8.34 -33.18
CA ASN A 323 -24.13 9.23 -32.36
C ASN A 323 -23.95 10.54 -33.11
N HIS A 324 -24.76 11.53 -32.77
CA HIS A 324 -24.81 12.78 -33.53
C HIS A 324 -23.66 13.71 -33.20
N LEU A 325 -23.11 13.59 -31.99
CA LEU A 325 -21.96 14.41 -31.60
C LEU A 325 -20.66 13.77 -32.07
N ARG A 326 -20.75 12.52 -32.51
CA ARG A 326 -19.61 11.77 -33.02
C ARG A 326 -18.47 11.69 -31.99
N CYS A 327 -18.82 11.26 -30.77
CA CYS A 327 -17.83 11.08 -29.72
C CYS A 327 -18.35 10.12 -28.66
N ILE A 328 -17.43 9.40 -28.01
CA ILE A 328 -17.80 8.44 -26.99
C ILE A 328 -17.18 8.75 -25.63
N GLY A 329 -17.74 8.18 -24.58
CA GLY A 329 -17.20 8.34 -23.25
C GLY A 329 -16.33 7.16 -22.86
N VAL A 330 -15.21 7.45 -22.19
CA VAL A 330 -14.30 6.39 -21.75
C VAL A 330 -13.99 6.54 -20.26
N GLU A 331 -13.84 5.41 -19.58
CA GLU A 331 -13.69 5.41 -18.13
C GLU A 331 -12.24 5.20 -17.69
N THR A 332 -11.70 6.18 -16.97
CA THR A 332 -10.39 6.05 -16.34
C THR A 332 -10.49 5.02 -15.23
N PRO A 333 -9.77 3.90 -15.37
CA PRO A 333 -9.93 2.73 -14.49
C PRO A 333 -9.59 3.01 -13.02
N GLY A 334 -8.60 3.85 -12.78
CA GLY A 334 -8.15 4.10 -11.41
C GLY A 334 -9.10 4.87 -10.53
N ARG A 335 -9.80 5.84 -11.12
CA ARG A 335 -10.62 6.77 -10.34
C ARG A 335 -11.90 6.14 -9.77
N PRO A 336 -12.31 6.61 -8.58
CA PRO A 336 -13.52 6.12 -7.90
C PRO A 336 -14.81 6.49 -8.62
N LYS A 337 -15.84 5.66 -8.45
CA LYS A 337 -17.15 5.94 -9.01
C LYS A 337 -18.18 6.03 -7.88
N THR A 338 -19.30 6.70 -8.14
CA THR A 338 -20.41 6.72 -7.19
C THR A 338 -21.36 5.57 -7.50
N ALA A 339 -22.52 5.55 -6.85
CA ALA A 339 -23.51 4.51 -7.11
C ALA A 339 -24.15 4.71 -8.48
N MET A 340 -24.05 5.92 -9.00
CA MET A 340 -24.54 6.22 -10.34
C MET A 340 -23.58 5.64 -11.38
N GLY A 341 -22.29 5.67 -11.05
CA GLY A 341 -21.26 5.22 -11.98
C GLY A 341 -20.41 6.40 -12.43
N TRP A 342 -20.78 7.59 -11.96
CA TRP A 342 -20.09 8.81 -12.34
C TRP A 342 -18.72 8.90 -11.68
N GLU A 343 -17.71 9.29 -12.46
CA GLU A 343 -16.35 9.40 -11.95
C GLU A 343 -16.20 10.59 -11.01
N VAL A 344 -15.56 10.35 -9.88
CA VAL A 344 -15.31 11.41 -8.91
C VAL A 344 -13.96 12.06 -9.13
N ASP A 345 -13.96 13.39 -9.19
CA ASP A 345 -12.73 14.17 -9.36
C ASP A 345 -13.00 15.62 -8.97
N ALA A 346 -12.79 15.92 -7.69
CA ALA A 346 -13.16 17.22 -7.12
C ALA A 346 -12.40 18.38 -7.75
N THR A 347 -11.19 18.12 -8.23
CA THR A 347 -10.35 19.16 -8.81
C THR A 347 -10.93 19.71 -10.11
N ALA A 348 -11.85 18.96 -10.71
CA ALA A 348 -12.50 19.38 -11.95
C ALA A 348 -13.50 20.52 -11.68
N LEU A 349 -14.09 20.52 -10.50
CA LEU A 349 -15.03 21.57 -10.10
C LEU A 349 -14.33 22.92 -9.99
N ARG A 350 -13.07 22.88 -9.60
CA ARG A 350 -12.26 24.09 -9.47
C ARG A 350 -11.94 24.66 -10.84
N GLU A 351 -11.76 23.78 -11.82
CA GLU A 351 -11.46 24.18 -13.19
C GLU A 351 -12.69 24.78 -13.85
N LEU A 352 -13.85 24.21 -13.56
CA LEU A 352 -15.11 24.69 -14.13
C LEU A 352 -15.43 26.10 -13.62
N LEU A 353 -15.26 26.31 -12.31
CA LEU A 353 -15.55 27.61 -11.70
C LEU A 353 -14.61 28.70 -12.20
N VAL A 354 -13.33 28.37 -12.32
CA VAL A 354 -12.33 29.32 -12.81
C VAL A 354 -12.56 29.62 -14.30
N ARG A 355 -12.99 28.62 -15.05
CA ARG A 355 -13.28 28.80 -16.47
C ARG A 355 -14.43 29.78 -16.67
N ILE A 356 -15.48 29.62 -15.86
CA ILE A 356 -16.64 30.50 -15.94
C ILE A 356 -16.26 31.94 -15.61
N LYS A 357 -15.34 32.09 -14.66
CA LYS A 357 -14.84 33.41 -14.28
C LYS A 357 -14.08 34.07 -15.44
N ASN A 358 -13.15 33.33 -16.03
CA ASN A 358 -12.30 33.86 -17.09
C ASN A 358 -13.02 34.07 -18.41
N GLU A 359 -13.68 33.03 -18.90
CA GLU A 359 -14.26 33.06 -20.24
C GLU A 359 -15.61 33.76 -20.31
N TYR A 360 -16.29 33.91 -19.17
CA TYR A 360 -17.65 34.43 -19.20
C TYR A 360 -17.94 35.53 -18.18
N THR A 361 -18.48 35.15 -17.02
CA THR A 361 -19.05 36.15 -16.12
C THR A 361 -18.36 36.27 -14.75
N ASP A 362 -18.51 37.44 -14.14
CA ASP A 362 -17.93 37.73 -12.84
C ASP A 362 -19.05 37.88 -11.78
N ILE A 363 -20.29 37.63 -12.20
CA ILE A 363 -21.42 37.71 -11.29
C ILE A 363 -21.30 36.65 -10.19
N PRO A 364 -21.98 36.88 -9.05
CA PRO A 364 -22.03 35.87 -7.97
C PRO A 364 -22.43 34.48 -8.46
N LEU A 365 -21.73 33.46 -7.97
CA LEU A 365 -22.02 32.08 -8.36
C LEU A 365 -22.47 31.26 -7.17
N TYR A 366 -23.28 30.24 -7.44
CA TYR A 366 -23.77 29.33 -6.41
C TYR A 366 -23.70 27.89 -6.88
N ILE A 367 -23.06 27.03 -6.09
CA ILE A 367 -23.14 25.59 -6.36
C ILE A 367 -24.52 25.11 -5.93
N THR A 368 -25.46 25.13 -6.87
CA THR A 368 -26.85 24.82 -6.56
C THR A 368 -27.08 23.32 -6.38
N GLU A 369 -26.26 22.50 -7.04
CA GLU A 369 -26.33 21.06 -6.86
C GLU A 369 -24.96 20.41 -6.87
N ASN A 370 -24.59 19.83 -5.74
CA ASN A 370 -23.41 18.98 -5.66
C ASN A 370 -23.63 17.90 -4.61
N GLY A 371 -23.31 16.67 -4.96
CA GLY A 371 -23.51 15.53 -4.09
C GLY A 371 -23.23 14.25 -4.82
N ALA A 372 -23.47 13.12 -4.15
CA ALA A 372 -23.19 11.83 -4.75
C ALA A 372 -24.24 10.81 -4.35
N ALA A 373 -24.32 9.72 -5.12
CA ALA A 373 -25.21 8.64 -4.78
C ALA A 373 -24.42 7.47 -4.22
N TYR A 374 -24.91 6.88 -3.14
CA TYR A 374 -24.29 5.71 -2.55
C TYR A 374 -25.39 4.79 -2.04
N HIS A 375 -25.01 3.56 -1.69
CA HIS A 375 -25.98 2.57 -1.26
C HIS A 375 -26.11 2.53 0.25
N ASP A 376 -26.89 3.47 0.77
CA ASP A 376 -27.07 3.62 2.22
C ASP A 376 -27.97 2.52 2.77
N TYR A 377 -27.92 2.34 4.10
CA TYR A 377 -28.72 1.34 4.76
C TYR A 377 -28.90 1.65 6.24
N VAL A 378 -30.10 1.39 6.75
CA VAL A 378 -30.37 1.55 8.17
C VAL A 378 -29.84 0.34 8.92
N ASN A 379 -28.92 0.58 9.85
CA ASN A 379 -28.30 -0.51 10.60
C ASN A 379 -29.10 -0.88 11.84
N ALA A 380 -28.52 -1.73 12.68
CA ALA A 380 -29.16 -2.15 13.92
C ALA A 380 -29.26 -1.01 14.91
N SER A 381 -28.28 -0.12 14.86
CA SER A 381 -28.24 1.03 15.78
C SER A 381 -29.21 2.13 15.34
N GLY A 382 -29.80 1.97 14.15
CA GLY A 382 -30.77 2.91 13.66
C GLY A 382 -30.15 4.05 12.87
N ASP A 383 -28.82 4.02 12.73
CA ASP A 383 -28.12 5.08 12.04
C ASP A 383 -27.96 4.79 10.55
N VAL A 384 -27.59 5.81 9.80
CA VAL A 384 -27.26 5.66 8.39
C VAL A 384 -25.91 6.32 8.13
N LYS A 385 -24.84 5.56 8.31
CA LYS A 385 -23.49 6.09 8.13
C LYS A 385 -23.09 6.11 6.66
N ASP A 386 -22.67 7.27 6.17
CA ASP A 386 -22.30 7.43 4.77
C ASP A 386 -20.96 8.17 4.62
N PRO A 387 -19.86 7.48 4.95
CA PRO A 387 -18.52 8.09 4.95
C PRO A 387 -18.06 8.53 3.57
N GLU A 388 -18.38 7.76 2.53
CA GLU A 388 -17.97 8.10 1.18
C GLU A 388 -18.63 9.37 0.68
N ARG A 389 -19.81 9.67 1.21
CA ARG A 389 -20.53 10.89 0.86
C ARG A 389 -19.90 12.09 1.56
N ILE A 390 -19.45 11.88 2.79
CA ILE A 390 -18.73 12.91 3.52
C ILE A 390 -17.40 13.19 2.84
N THR A 391 -16.73 12.11 2.42
CA THR A 391 -15.47 12.22 1.69
C THR A 391 -15.67 12.98 0.38
N TYR A 392 -16.76 12.67 -0.31
CA TYR A 392 -17.10 13.35 -1.57
C TYR A 392 -17.27 14.84 -1.34
N LEU A 393 -18.26 15.19 -0.51
CA LEU A 393 -18.59 16.58 -0.23
C LEU A 393 -17.39 17.38 0.26
N ASN A 394 -16.57 16.78 1.11
CA ASN A 394 -15.38 17.43 1.63
C ASN A 394 -14.41 17.81 0.53
N ASP A 395 -14.08 16.84 -0.32
CA ASP A 395 -13.11 17.05 -1.40
C ASP A 395 -13.60 18.11 -2.38
N HIS A 396 -14.90 18.15 -2.63
CA HIS A 396 -15.47 19.15 -3.53
C HIS A 396 -15.52 20.52 -2.87
N LEU A 397 -15.72 20.55 -1.56
CA LEU A 397 -15.70 21.80 -0.81
C LEU A 397 -14.28 22.32 -0.69
N GLU A 398 -13.32 21.41 -0.63
CA GLU A 398 -11.91 21.80 -0.63
C GLU A 398 -11.53 22.44 -1.95
N ALA A 399 -12.15 21.97 -3.03
CA ALA A 399 -11.93 22.53 -4.36
C ALA A 399 -12.61 23.88 -4.49
N CYS A 400 -13.71 24.07 -3.76
CA CYS A 400 -14.42 25.34 -3.76
C CYS A 400 -13.58 26.40 -3.08
N LEU A 401 -12.94 26.04 -1.96
CA LEU A 401 -12.04 26.95 -1.25
C LEU A 401 -10.88 27.35 -2.14
N GLY A 402 -10.47 26.45 -3.03
CA GLY A 402 -9.44 26.75 -4.00
C GLY A 402 -9.95 27.75 -5.02
N ALA A 403 -11.16 27.53 -5.51
CA ALA A 403 -11.80 28.43 -6.46
C ALA A 403 -11.95 29.82 -5.86
N ILE A 404 -12.39 29.87 -4.61
CA ILE A 404 -12.58 31.13 -3.90
C ILE A 404 -11.24 31.85 -3.71
N ASP A 405 -10.18 31.07 -3.47
CA ASP A 405 -8.84 31.62 -3.37
C ASP A 405 -8.38 32.10 -4.74
N ASP A 406 -8.73 31.36 -5.78
CA ASP A 406 -8.32 31.68 -7.14
C ASP A 406 -8.87 33.03 -7.62
N GLY A 407 -10.02 33.41 -7.07
CA GLY A 407 -10.63 34.69 -7.42
C GLY A 407 -12.04 34.55 -7.93
N VAL A 408 -12.56 33.33 -7.92
CA VAL A 408 -13.92 33.07 -8.39
C VAL A 408 -14.94 33.63 -7.40
N ASN A 409 -15.98 34.27 -7.93
CA ASN A 409 -17.01 34.88 -7.09
C ASN A 409 -18.06 33.87 -6.64
N LEU A 410 -17.63 32.88 -5.86
CA LEU A 410 -18.54 31.87 -5.32
C LEU A 410 -19.05 32.28 -3.95
N GLN A 411 -20.37 32.47 -3.85
CA GLN A 411 -20.96 33.01 -2.63
C GLN A 411 -21.95 32.06 -1.97
N GLY A 412 -21.98 30.81 -2.42
CA GLY A 412 -22.91 29.84 -1.86
C GLY A 412 -22.62 28.40 -2.23
N TYR A 413 -23.38 27.48 -1.63
CA TYR A 413 -23.19 26.06 -1.85
C TYR A 413 -24.41 25.27 -1.38
N PHE A 414 -24.97 24.45 -2.28
CA PHE A 414 -26.15 23.66 -1.97
C PHE A 414 -25.91 22.16 -2.21
N ILE A 415 -26.19 21.35 -1.19
CA ILE A 415 -26.04 19.91 -1.32
C ILE A 415 -27.27 19.25 -1.92
N TRP A 416 -27.05 18.46 -2.98
CA TRP A 416 -28.10 17.59 -3.48
C TRP A 416 -27.94 16.20 -2.87
N SER A 417 -28.95 15.76 -2.12
CA SER A 417 -30.15 16.53 -1.87
C SER A 417 -30.47 16.57 -0.37
N LEU A 418 -31.64 17.09 -0.02
CA LEU A 418 -32.10 17.06 1.36
C LEU A 418 -32.61 15.66 1.69
N LEU A 419 -33.48 15.14 0.82
CA LEU A 419 -34.10 13.84 1.04
C LEU A 419 -33.69 12.82 -0.02
N ASP A 420 -33.60 11.56 0.39
CA ASP A 420 -33.46 10.46 -0.57
C ASP A 420 -34.71 10.40 -1.43
N ASN A 421 -34.62 10.92 -2.65
CA ASN A 421 -35.81 11.09 -3.47
C ASN A 421 -35.87 10.22 -4.72
N PHE A 422 -36.88 10.51 -5.53
CA PHE A 422 -37.09 9.87 -6.83
C PHE A 422 -36.00 10.32 -7.80
N GLU A 423 -34.96 9.49 -7.96
CA GLU A 423 -33.88 9.82 -8.88
C GLU A 423 -34.29 9.49 -10.31
N TRP A 424 -35.29 10.22 -10.78
CA TRP A 424 -35.73 10.22 -12.18
C TRP A 424 -35.75 8.85 -12.84
N GLY A 425 -34.80 8.61 -13.75
CA GLY A 425 -34.74 7.35 -14.47
C GLY A 425 -34.48 6.15 -13.59
N PHE A 426 -33.75 6.36 -12.50
CA PHE A 426 -33.33 5.27 -11.63
C PHE A 426 -34.30 5.03 -10.47
N GLY A 427 -35.45 5.69 -10.53
CA GLY A 427 -36.47 5.53 -9.49
C GLY A 427 -35.97 5.90 -8.11
N TYR A 428 -36.33 5.08 -7.12
CA TYR A 428 -35.88 5.30 -5.75
C TYR A 428 -34.66 4.46 -5.43
N SER A 429 -34.14 3.75 -6.43
CA SER A 429 -33.05 2.81 -6.23
C SER A 429 -31.71 3.51 -5.96
N ARG A 430 -31.59 4.75 -6.41
CA ARG A 430 -30.40 5.55 -6.14
C ARG A 430 -30.73 6.64 -5.11
N ARG A 431 -29.85 6.83 -4.14
CA ARG A 431 -30.13 7.73 -3.03
C ARG A 431 -29.06 8.81 -2.85
N PHE A 432 -29.46 10.07 -3.02
CA PHE A 432 -28.53 11.21 -3.02
C PHE A 432 -28.52 11.99 -1.71
N GLY A 433 -29.62 11.91 -0.95
CA GLY A 433 -29.85 12.82 0.16
C GLY A 433 -28.93 12.70 1.36
N ILE A 434 -29.06 13.68 2.26
CA ILE A 434 -28.36 13.66 3.54
C ILE A 434 -29.32 13.18 4.62
N VAL A 435 -30.57 12.94 4.22
CA VAL A 435 -31.58 12.37 5.10
C VAL A 435 -32.18 11.12 4.46
N TRP A 436 -32.03 9.98 5.14
CA TRP A 436 -32.60 8.72 4.67
C TRP A 436 -34.12 8.77 4.70
N ILE A 437 -34.76 8.09 3.76
CA ILE A 437 -36.22 8.00 3.73
C ILE A 437 -36.72 6.56 3.70
N ASP A 438 -37.56 6.21 4.67
CA ASP A 438 -38.35 5.00 4.59
C ASP A 438 -39.64 5.33 3.85
N TYR A 439 -39.77 4.85 2.63
CA TYR A 439 -40.89 5.26 1.78
C TYR A 439 -42.22 4.62 2.18
N ASP A 440 -42.18 3.42 2.73
CA ASP A 440 -43.40 2.71 3.07
C ASP A 440 -44.12 3.35 4.26
N THR A 441 -43.37 3.99 5.15
CA THR A 441 -43.95 4.67 6.29
C THR A 441 -43.89 6.19 6.13
N GLY A 442 -42.79 6.66 5.54
CA GLY A 442 -42.58 8.09 5.37
C GLY A 442 -41.55 8.60 6.36
N ARG A 443 -40.96 7.68 7.13
CA ARG A 443 -40.02 8.02 8.18
C ARG A 443 -38.76 8.67 7.62
N ARG A 444 -38.13 9.54 8.41
CA ARG A 444 -36.93 10.24 7.98
C ARG A 444 -35.81 10.12 9.00
N ILE A 445 -34.62 9.75 8.52
CA ILE A 445 -33.46 9.56 9.38
C ILE A 445 -32.25 10.31 8.85
N PRO A 446 -31.85 11.39 9.55
CA PRO A 446 -30.65 12.14 9.17
C PRO A 446 -29.42 11.25 9.13
N LYS A 447 -28.68 11.32 8.02
CA LYS A 447 -27.48 10.51 7.85
C LYS A 447 -26.30 11.13 8.57
N ALA A 448 -25.17 10.43 8.58
CA ALA A 448 -23.95 10.94 9.20
C ALA A 448 -23.47 12.19 8.48
N SER A 449 -23.80 12.31 7.20
CA SER A 449 -23.44 13.47 6.41
C SER A 449 -24.22 14.70 6.87
N TYR A 450 -25.47 14.48 7.28
CA TYR A 450 -26.32 15.54 7.82
C TYR A 450 -25.68 16.17 9.06
N ARG A 451 -25.17 15.32 9.95
CA ARG A 451 -24.55 15.76 11.18
C ARG A 451 -23.18 16.36 10.91
N TRP A 452 -22.53 15.89 9.86
CA TRP A 452 -21.25 16.45 9.43
C TRP A 452 -21.48 17.82 8.83
N TYR A 453 -22.47 17.92 7.95
CA TYR A 453 -22.82 19.18 7.30
C TYR A 453 -23.36 20.18 8.31
N GLN A 454 -24.04 19.68 9.33
CA GLN A 454 -24.57 20.52 10.39
C GLN A 454 -23.45 21.25 11.12
N GLY A 455 -22.34 20.54 11.34
CA GLY A 455 -21.18 21.13 11.97
C GLY A 455 -20.43 22.07 11.04
N VAL A 456 -20.35 21.69 9.76
CA VAL A 456 -19.66 22.49 8.76
C VAL A 456 -20.34 23.84 8.57
N VAL A 457 -21.67 23.82 8.48
CA VAL A 457 -22.45 25.05 8.33
C VAL A 457 -22.33 25.91 9.59
N ALA A 458 -22.38 25.27 10.75
CA ALA A 458 -22.31 25.98 12.03
C ALA A 458 -20.96 26.63 12.25
N THR A 459 -19.89 25.91 11.92
CA THR A 459 -18.54 26.43 12.10
C THR A 459 -18.05 27.20 10.88
N ASN A 460 -18.85 27.15 9.81
CA ASN A 460 -18.52 27.79 8.54
C ASN A 460 -17.12 27.40 8.07
N GLY A 461 -16.79 26.13 8.20
CA GLY A 461 -15.48 25.63 7.82
C GLY A 461 -15.39 24.11 7.89
N LEU A 462 -14.41 23.55 7.19
CA LEU A 462 -14.26 22.10 7.13
C LEU A 462 -13.43 21.54 8.29
N PRO A 463 -13.99 20.57 9.02
CA PRO A 463 -13.23 19.79 9.99
C PRO A 463 -12.27 18.82 9.30
N ASP A 464 -11.42 18.16 10.07
CA ASP A 464 -10.48 17.19 9.51
C ASP A 464 -11.24 15.96 9.00
N LEU A 465 -11.08 15.67 7.71
CA LEU A 465 -11.83 14.59 7.07
C LEU A 465 -11.55 13.22 7.69
N ASP A 466 -10.28 12.85 7.74
CA ASP A 466 -9.90 11.54 8.30
C ASP A 466 -10.28 11.45 9.78
N GLY A 467 -10.24 12.58 10.47
CA GLY A 467 -10.57 12.61 11.89
C GLY A 467 -12.05 12.39 12.17
N HIS A 468 -12.91 12.94 11.31
CA HIS A 468 -14.35 12.84 11.51
C HIS A 468 -14.88 11.47 11.09
N LEU A 469 -14.15 10.79 10.21
CA LEU A 469 -14.55 9.45 9.77
C LEU A 469 -14.29 8.43 10.87
N ASP A 470 -13.43 8.80 11.82
CA ASP A 470 -13.08 7.92 12.93
C ASP A 470 -14.24 7.77 13.91
N THR A 471 -15.10 8.79 13.98
CA THR A 471 -16.24 8.76 14.88
C THR A 471 -17.37 7.89 14.33
N LEU A 472 -17.25 7.52 13.06
CA LEU A 472 -18.23 6.65 12.42
C LEU A 472 -17.70 5.23 12.29
N ASN A 473 -16.57 4.98 12.93
CA ASN A 473 -15.91 3.68 12.93
C ASN A 473 -15.57 3.20 11.52
N MET B 1 -39.85 -29.51 -14.24
CA MET B 1 -38.77 -30.01 -15.09
C MET B 1 -37.69 -30.69 -14.26
N PHE B 2 -37.63 -30.37 -12.97
CA PHE B 2 -36.68 -30.97 -12.04
C PHE B 2 -37.14 -32.37 -11.62
N PRO B 3 -36.19 -33.20 -11.14
CA PRO B 3 -36.51 -34.57 -10.71
C PRO B 3 -37.58 -34.66 -9.61
N ASP B 4 -37.98 -35.88 -9.28
CA ASP B 4 -39.04 -36.13 -8.31
C ASP B 4 -38.62 -35.84 -6.88
N GLY B 5 -37.39 -36.20 -6.54
CA GLY B 5 -36.88 -36.02 -5.20
C GLY B 5 -35.85 -34.91 -5.11
N PHE B 6 -36.05 -33.85 -5.87
CA PHE B 6 -35.10 -32.74 -5.87
C PHE B 6 -35.27 -31.89 -4.61
N VAL B 7 -34.17 -31.70 -3.89
CA VAL B 7 -34.20 -30.97 -2.63
C VAL B 7 -34.04 -29.47 -2.83
N TRP B 8 -35.12 -28.72 -2.60
CA TRP B 8 -35.06 -27.27 -2.66
C TRP B 8 -34.72 -26.72 -1.27
N GLY B 9 -34.10 -25.55 -1.22
CA GLY B 9 -33.75 -24.95 0.04
C GLY B 9 -33.12 -23.57 -0.01
N THR B 10 -32.56 -23.16 1.12
CA THR B 10 -31.92 -21.86 1.24
C THR B 10 -30.91 -21.90 2.38
N SER B 11 -29.83 -21.14 2.25
CA SER B 11 -28.70 -21.26 3.17
C SER B 11 -28.46 -20.01 4.01
N THR B 12 -28.05 -20.21 5.25
CA THR B 12 -27.62 -19.13 6.12
C THR B 12 -26.37 -19.52 6.88
N ALA B 13 -25.79 -18.57 7.61
CA ALA B 13 -24.66 -18.85 8.47
C ALA B 13 -25.03 -18.58 9.92
N ALA B 14 -24.09 -18.80 10.84
CA ALA B 14 -24.33 -18.55 12.25
C ALA B 14 -24.11 -17.08 12.57
N TYR B 15 -22.88 -16.61 12.39
CA TYR B 15 -22.52 -15.25 12.76
C TYR B 15 -23.25 -14.19 11.94
N GLN B 16 -23.69 -14.56 10.74
CA GLN B 16 -24.29 -13.60 9.82
C GLN B 16 -25.71 -13.20 10.18
N ILE B 17 -26.46 -14.10 10.80
CA ILE B 17 -27.87 -13.84 11.06
C ILE B 17 -28.27 -13.90 12.53
N GLU B 18 -27.52 -14.64 13.34
CA GLU B 18 -27.94 -14.91 14.72
C GLU B 18 -27.91 -13.68 15.61
N GLY B 19 -26.74 -13.05 15.74
CA GLY B 19 -26.57 -11.96 16.67
C GLY B 19 -26.43 -12.53 18.08
N ALA B 20 -26.75 -11.71 19.09
CA ALA B 20 -26.62 -12.11 20.49
C ALA B 20 -25.24 -12.69 20.76
N VAL B 21 -24.21 -11.92 20.43
CA VAL B 21 -22.83 -12.41 20.45
C VAL B 21 -22.32 -12.81 21.83
N ALA B 22 -23.01 -12.35 22.87
CA ALA B 22 -22.55 -12.62 24.24
C ALA B 22 -23.53 -13.47 25.03
N GLU B 23 -24.77 -13.55 24.57
CA GLU B 23 -25.82 -14.26 25.29
C GLU B 23 -25.53 -15.76 25.42
N ASP B 24 -26.00 -16.33 26.52
CA ASP B 24 -25.88 -17.76 26.80
C ASP B 24 -24.43 -18.25 26.78
N GLY B 25 -23.52 -17.40 27.20
CA GLY B 25 -22.13 -17.78 27.40
C GLY B 25 -21.26 -17.85 26.15
N ARG B 26 -21.73 -17.26 25.06
CA ARG B 26 -20.97 -17.29 23.81
C ARG B 26 -19.73 -16.39 23.89
N THR B 27 -18.59 -16.92 23.47
CA THR B 27 -17.33 -16.18 23.47
C THR B 27 -17.10 -15.52 22.11
N PRO B 28 -16.30 -14.44 22.08
CA PRO B 28 -16.02 -13.78 20.80
C PRO B 28 -15.21 -14.65 19.84
N SER B 29 -15.71 -14.83 18.62
CA SER B 29 -14.99 -15.57 17.58
C SER B 29 -13.96 -14.66 16.92
N ILE B 30 -13.31 -15.16 15.87
CA ILE B 30 -12.32 -14.37 15.16
C ILE B 30 -12.97 -13.21 14.41
N TRP B 31 -14.26 -13.34 14.13
CA TRP B 31 -14.97 -12.30 13.40
C TRP B 31 -15.51 -11.24 14.36
N ASP B 32 -15.66 -11.60 15.63
CA ASP B 32 -16.00 -10.61 16.64
C ASP B 32 -14.86 -9.59 16.77
N THR B 33 -13.63 -10.09 16.80
CA THR B 33 -12.47 -9.24 16.98
C THR B 33 -12.02 -8.59 15.67
N PHE B 34 -12.27 -9.24 14.54
CA PHE B 34 -11.87 -8.70 13.25
C PHE B 34 -12.76 -7.54 12.83
N SER B 35 -14.05 -7.65 13.13
CA SER B 35 -15.00 -6.60 12.77
C SER B 35 -14.87 -5.39 13.68
N ARG B 36 -14.40 -5.62 14.90
CA ARG B 36 -14.23 -4.53 15.87
C ARG B 36 -12.89 -3.84 15.67
N THR B 37 -12.03 -4.42 14.83
CA THR B 37 -10.80 -3.77 14.43
C THR B 37 -11.10 -2.78 13.30
N LYS B 38 -10.68 -1.53 13.48
CA LYS B 38 -11.01 -0.47 12.52
C LYS B 38 -10.41 -0.73 11.14
N GLY B 39 -11.12 -0.29 10.10
CA GLY B 39 -10.66 -0.40 8.74
C GLY B 39 -10.85 -1.77 8.12
N LYS B 40 -11.41 -2.70 8.89
CA LYS B 40 -11.59 -4.07 8.42
C LYS B 40 -12.97 -4.29 7.80
N VAL B 41 -13.99 -3.69 8.40
CA VAL B 41 -15.35 -3.81 7.89
C VAL B 41 -15.91 -2.41 7.60
N VAL B 42 -16.71 -2.31 6.53
CA VAL B 42 -17.33 -1.05 6.14
C VAL B 42 -18.22 -0.49 7.25
N ASN B 43 -17.98 0.77 7.61
CA ASN B 43 -18.73 1.46 8.66
C ASN B 43 -18.57 0.82 10.05
N GLY B 44 -17.52 0.02 10.21
CA GLY B 44 -17.27 -0.65 11.48
C GLY B 44 -18.40 -1.55 11.92
N ASP B 45 -19.08 -2.16 10.94
CA ASP B 45 -20.21 -3.04 11.23
C ASP B 45 -19.77 -4.33 11.90
N THR B 46 -20.57 -4.80 12.86
CA THR B 46 -20.32 -6.05 13.54
C THR B 46 -21.56 -6.93 13.50
N GLY B 47 -21.45 -8.16 14.00
CA GLY B 47 -22.55 -9.09 14.00
C GLY B 47 -23.22 -9.24 15.35
N ASP B 48 -23.27 -8.15 16.11
CA ASP B 48 -23.84 -8.17 17.45
C ASP B 48 -25.34 -8.40 17.43
N VAL B 49 -26.02 -7.75 16.49
CA VAL B 49 -27.47 -7.90 16.37
C VAL B 49 -27.83 -8.64 15.08
N ALA B 50 -27.33 -8.14 13.96
CA ALA B 50 -27.59 -8.72 12.64
C ALA B 50 -29.09 -8.87 12.38
N CYS B 51 -29.49 -10.08 11.98
CA CYS B 51 -30.90 -10.36 11.72
C CYS B 51 -31.65 -10.69 13.00
N ASP B 52 -30.91 -10.80 14.10
CA ASP B 52 -31.48 -11.17 15.39
C ASP B 52 -32.19 -12.52 15.29
N HIS B 53 -31.58 -13.46 14.57
CA HIS B 53 -32.18 -14.76 14.34
C HIS B 53 -32.27 -15.58 15.63
N TYR B 54 -31.38 -15.28 16.57
CA TYR B 54 -31.33 -16.03 17.83
C TYR B 54 -32.62 -15.92 18.61
N HIS B 55 -33.30 -14.78 18.49
CA HIS B 55 -34.58 -14.58 19.15
C HIS B 55 -35.74 -14.86 18.20
N ARG B 56 -35.63 -14.36 16.97
CA ARG B 56 -36.70 -14.50 15.98
C ARG B 56 -36.52 -15.75 15.12
N TRP B 57 -36.07 -16.83 15.74
CA TRP B 57 -35.84 -18.08 15.02
C TRP B 57 -37.17 -18.71 14.59
N GLU B 58 -38.19 -18.58 15.42
CA GLU B 58 -39.48 -19.22 15.15
C GLU B 58 -40.24 -18.51 14.04
N GLU B 59 -39.96 -17.23 13.85
CA GLU B 59 -40.55 -16.50 12.73
C GLU B 59 -39.92 -16.95 11.42
N ASP B 60 -38.62 -17.21 11.47
CA ASP B 60 -37.87 -17.61 10.28
C ASP B 60 -38.19 -19.05 9.87
N LEU B 61 -38.56 -19.89 10.84
CA LEU B 61 -38.98 -21.24 10.54
C LEU B 61 -40.32 -21.23 9.81
N ASP B 62 -41.20 -20.32 10.22
CA ASP B 62 -42.50 -20.17 9.61
C ASP B 62 -42.39 -19.61 8.19
N LEU B 63 -41.35 -18.82 7.96
CA LEU B 63 -41.06 -18.31 6.62
C LEU B 63 -40.60 -19.45 5.72
N LEU B 64 -39.80 -20.34 6.29
CA LEU B 64 -39.35 -21.53 5.57
C LEU B 64 -40.51 -22.47 5.27
N ALA B 65 -41.44 -22.55 6.21
CA ALA B 65 -42.63 -23.38 6.05
C ALA B 65 -43.54 -22.83 4.95
N GLU B 66 -43.77 -21.52 4.98
CA GLU B 66 -44.60 -20.86 3.98
C GLU B 66 -43.92 -20.89 2.61
N LEU B 67 -42.59 -20.84 2.61
CA LEU B 67 -41.83 -20.93 1.37
C LEU B 67 -41.94 -22.35 0.80
N GLY B 68 -41.99 -23.33 1.70
CA GLY B 68 -42.25 -24.71 1.33
C GLY B 68 -41.04 -25.52 0.92
N VAL B 69 -39.86 -25.10 1.37
CA VAL B 69 -38.62 -25.80 1.03
C VAL B 69 -38.53 -27.17 1.68
N GLN B 70 -37.75 -28.06 1.08
CA GLN B 70 -37.53 -29.39 1.64
C GLN B 70 -36.45 -29.39 2.70
N ALA B 71 -35.49 -28.47 2.57
CA ALA B 71 -34.37 -28.43 3.51
C ALA B 71 -33.87 -27.01 3.75
N TYR B 72 -33.50 -26.74 5.00
CA TYR B 72 -32.94 -25.44 5.37
C TYR B 72 -31.51 -25.60 5.87
N ARG B 73 -30.57 -25.01 5.15
CA ARG B 73 -29.16 -25.09 5.50
C ARG B 73 -28.76 -23.94 6.43
N PHE B 74 -28.08 -24.27 7.51
CA PHE B 74 -27.63 -23.27 8.48
C PHE B 74 -26.31 -23.68 9.11
N SER B 75 -25.82 -22.86 10.03
CA SER B 75 -24.54 -23.11 10.66
C SER B 75 -24.63 -23.13 12.18
N VAL B 76 -23.88 -24.04 12.79
CA VAL B 76 -23.79 -24.10 14.25
C VAL B 76 -22.55 -23.35 14.71
N ALA B 77 -22.71 -22.49 15.71
CA ALA B 77 -21.62 -21.65 16.17
C ALA B 77 -20.70 -22.35 17.17
N TRP B 78 -19.44 -22.49 16.79
CA TRP B 78 -18.39 -23.02 17.66
C TRP B 78 -18.33 -22.32 19.03
N PRO B 79 -18.36 -20.97 19.05
CA PRO B 79 -18.27 -20.33 20.38
C PRO B 79 -19.51 -20.53 21.25
N ARG B 80 -20.61 -20.98 20.69
CA ARG B 80 -21.80 -21.25 21.47
C ARG B 80 -21.74 -22.63 22.13
N ILE B 81 -21.25 -23.61 21.37
CA ILE B 81 -21.15 -24.97 21.87
C ILE B 81 -19.99 -25.12 22.84
N HIS B 82 -18.82 -24.66 22.44
CA HIS B 82 -17.65 -24.69 23.31
C HIS B 82 -17.03 -23.30 23.48
N PRO B 83 -17.59 -22.50 24.39
CA PRO B 83 -17.01 -21.21 24.77
C PRO B 83 -15.62 -21.44 25.35
N ASP B 84 -15.55 -22.29 26.36
CA ASP B 84 -14.28 -22.84 26.82
C ASP B 84 -13.88 -23.90 25.79
N VAL B 85 -12.83 -23.60 25.02
CA VAL B 85 -12.44 -24.47 23.91
C VAL B 85 -12.10 -25.89 24.36
N THR B 86 -11.23 -26.01 25.35
CA THR B 86 -10.85 -27.31 25.88
C THR B 86 -11.87 -27.81 26.90
N GLY B 87 -12.64 -26.89 27.46
CA GLY B 87 -13.59 -27.22 28.50
C GLY B 87 -14.78 -28.04 28.04
N PRO B 88 -15.81 -28.14 28.89
CA PRO B 88 -17.01 -28.94 28.62
C PRO B 88 -17.98 -28.22 27.69
N ALA B 89 -19.03 -28.93 27.26
CA ALA B 89 -20.02 -28.37 26.36
C ALA B 89 -20.99 -27.45 27.10
N ASN B 90 -21.25 -26.29 26.51
CA ASN B 90 -22.24 -25.36 27.05
C ASN B 90 -23.65 -25.81 26.69
N GLN B 91 -24.39 -26.27 27.70
CA GLN B 91 -25.72 -26.84 27.47
C GLN B 91 -26.68 -25.82 26.86
N LYS B 92 -26.52 -24.55 27.22
CA LYS B 92 -27.36 -23.49 26.69
C LYS B 92 -27.17 -23.32 25.19
N GLY B 93 -25.95 -23.60 24.71
CA GLY B 93 -25.65 -23.48 23.30
C GLY B 93 -26.19 -24.66 22.50
N LEU B 94 -26.27 -25.81 23.14
CA LEU B 94 -26.78 -27.02 22.50
C LEU B 94 -28.30 -27.02 22.46
N ASP B 95 -28.91 -26.33 23.43
CA ASP B 95 -30.37 -26.27 23.51
C ASP B 95 -30.97 -25.40 22.41
N PHE B 96 -30.27 -24.34 22.04
CA PHE B 96 -30.75 -23.43 21.01
C PHE B 96 -30.88 -24.10 19.65
N TYR B 97 -29.88 -24.88 19.28
CA TYR B 97 -29.86 -25.52 17.97
C TYR B 97 -30.78 -26.74 17.90
N GLN B 98 -30.92 -27.43 19.03
CA GLN B 98 -31.82 -28.57 19.10
C GLN B 98 -33.26 -28.11 18.97
N ARG B 99 -33.55 -26.93 19.49
CA ARG B 99 -34.87 -26.34 19.39
C ARG B 99 -35.15 -25.91 17.96
N LEU B 100 -34.10 -25.45 17.29
CA LEU B 100 -34.17 -25.06 15.89
C LEU B 100 -34.41 -26.30 15.01
N ILE B 101 -33.66 -27.36 15.31
CA ILE B 101 -33.79 -28.62 14.58
C ILE B 101 -35.16 -29.24 14.79
N ASP B 102 -35.65 -29.22 16.02
CA ASP B 102 -36.96 -29.76 16.35
C ASP B 102 -38.07 -28.97 15.64
N GLY B 103 -37.91 -27.66 15.58
CA GLY B 103 -38.87 -26.81 14.90
C GLY B 103 -38.92 -27.08 13.42
N LEU B 104 -37.75 -27.39 12.85
CA LEU B 104 -37.66 -27.71 11.42
C LEU B 104 -38.28 -29.07 11.12
N ARG B 105 -38.07 -30.02 12.01
CA ARG B 105 -38.64 -31.36 11.86
C ARG B 105 -40.16 -31.33 12.00
N ASP B 106 -40.66 -30.39 12.78
CA ASP B 106 -42.10 -30.21 12.96
C ASP B 106 -42.75 -29.75 11.66
N ARG B 107 -42.05 -28.89 10.93
CA ARG B 107 -42.55 -28.32 9.70
C ARG B 107 -42.16 -29.16 8.49
N ASN B 108 -41.67 -30.36 8.76
CA ASN B 108 -41.21 -31.28 7.73
C ASN B 108 -40.15 -30.64 6.81
N ILE B 109 -39.19 -29.97 7.44
CA ILE B 109 -38.07 -29.38 6.73
C ILE B 109 -36.77 -30.03 7.20
N ILE B 110 -36.02 -30.59 6.26
CA ILE B 110 -34.79 -31.31 6.58
C ILE B 110 -33.65 -30.36 6.97
N PRO B 111 -33.17 -30.46 8.22
CA PRO B 111 -32.05 -29.61 8.62
C PRO B 111 -30.73 -30.06 8.01
N LEU B 112 -29.95 -29.11 7.51
CA LEU B 112 -28.62 -29.40 6.98
C LEU B 112 -27.60 -28.49 7.67
N PRO B 113 -27.24 -28.82 8.92
CA PRO B 113 -26.36 -27.97 9.72
C PRO B 113 -24.90 -28.06 9.30
N THR B 114 -24.20 -26.94 9.38
CA THR B 114 -22.77 -26.89 9.09
C THR B 114 -22.01 -26.64 10.40
N MET B 115 -20.94 -27.39 10.63
CA MET B 115 -20.18 -27.28 11.86
C MET B 115 -19.37 -25.99 11.92
N TYR B 116 -18.84 -25.57 10.78
CA TYR B 116 -17.94 -24.43 10.74
C TYR B 116 -18.27 -23.47 9.59
N HIS B 117 -18.73 -22.27 9.94
CA HIS B 117 -18.93 -21.22 8.96
C HIS B 117 -18.11 -19.99 9.33
N TRP B 118 -16.81 -20.21 9.46
CA TRP B 118 -15.79 -19.17 9.61
C TRP B 118 -15.71 -18.56 11.01
N ASP B 119 -16.57 -18.97 11.94
CA ASP B 119 -16.52 -18.41 13.29
C ASP B 119 -15.65 -19.25 14.23
N LEU B 120 -14.34 -19.13 14.06
CA LEU B 120 -13.37 -19.77 14.94
C LEU B 120 -13.21 -18.99 16.24
N PRO B 121 -13.24 -19.69 17.38
CA PRO B 121 -13.03 -19.05 18.69
C PRO B 121 -11.67 -18.34 18.77
N GLN B 122 -11.66 -17.16 19.36
CA GLN B 122 -10.45 -16.33 19.44
C GLN B 122 -9.30 -17.03 20.15
N ALA B 123 -9.64 -17.86 21.14
CA ALA B 123 -8.63 -18.55 21.96
C ALA B 123 -7.72 -19.45 21.13
N LEU B 124 -8.27 -20.04 20.07
CA LEU B 124 -7.48 -20.87 19.18
C LEU B 124 -6.69 -20.02 18.19
N GLU B 125 -7.24 -18.85 17.88
CA GLU B 125 -6.59 -17.93 16.96
C GLU B 125 -5.34 -17.31 17.59
N ASP B 126 -5.44 -17.02 18.89
CA ASP B 126 -4.31 -16.47 19.63
C ASP B 126 -3.13 -17.43 19.63
N GLU B 127 -3.42 -18.73 19.59
CA GLU B 127 -2.38 -19.75 19.57
C GLU B 127 -2.11 -20.24 18.15
N GLY B 128 -2.15 -19.33 17.18
CA GLY B 128 -1.76 -19.66 15.82
C GLY B 128 -2.90 -19.79 14.82
N GLY B 129 -4.07 -20.22 15.30
CA GLY B 129 -5.21 -20.41 14.44
C GLY B 129 -5.04 -21.62 13.54
N TRP B 130 -5.49 -21.50 12.30
CA TRP B 130 -5.42 -22.63 11.35
C TRP B 130 -4.02 -22.86 10.83
N ILE B 131 -3.12 -21.94 11.14
CA ILE B 131 -1.71 -22.09 10.79
C ILE B 131 -1.13 -23.33 11.47
N VAL B 132 -1.51 -23.54 12.72
CA VAL B 132 -1.01 -24.68 13.49
C VAL B 132 -1.96 -25.87 13.42
N ARG B 133 -1.41 -27.05 13.69
CA ARG B 133 -2.15 -28.31 13.60
C ARG B 133 -3.12 -28.48 14.76
N ASP B 134 -2.80 -27.86 15.90
CA ASP B 134 -3.60 -28.00 17.11
C ASP B 134 -5.06 -27.61 16.93
N THR B 135 -5.30 -26.57 16.15
CA THR B 135 -6.65 -26.07 15.91
C THR B 135 -7.50 -27.10 15.17
N ALA B 136 -6.87 -27.81 14.25
CA ALA B 136 -7.55 -28.86 13.49
C ALA B 136 -7.93 -30.02 14.40
N LEU B 137 -7.15 -30.24 15.44
CA LEU B 137 -7.42 -31.29 16.42
C LEU B 137 -8.63 -30.94 17.28
N ARG B 138 -8.70 -29.70 17.73
CA ARG B 138 -9.75 -29.28 18.64
C ARG B 138 -11.03 -28.91 17.91
N PHE B 139 -10.98 -28.93 16.58
CA PHE B 139 -12.22 -28.86 15.80
C PHE B 139 -12.91 -30.21 15.89
N ALA B 140 -12.12 -31.27 15.75
CA ALA B 140 -12.63 -32.64 15.83
C ALA B 140 -13.30 -32.89 17.17
N ASP B 141 -12.74 -32.31 18.23
CA ASP B 141 -13.32 -32.44 19.56
C ASP B 141 -14.61 -31.63 19.65
N TYR B 142 -14.65 -30.50 18.93
CA TYR B 142 -15.87 -29.72 18.81
C TYR B 142 -16.88 -30.44 17.94
N ALA B 143 -16.41 -30.95 16.81
CA ALA B 143 -17.26 -31.68 15.87
C ALA B 143 -17.90 -32.89 16.53
N ALA B 144 -17.11 -33.61 17.32
CA ALA B 144 -17.59 -34.81 18.01
C ALA B 144 -18.74 -34.48 18.98
N THR B 145 -18.60 -33.38 19.69
CA THR B 145 -19.60 -32.94 20.65
C THR B 145 -20.93 -32.66 19.95
N VAL B 146 -20.86 -31.96 18.83
CA VAL B 146 -22.05 -31.60 18.08
C VAL B 146 -22.63 -32.80 17.33
N LEU B 147 -21.76 -33.76 17.00
CA LEU B 147 -22.19 -34.99 16.36
C LEU B 147 -22.96 -35.88 17.33
N GLU B 148 -22.59 -35.81 18.61
CA GLU B 148 -23.13 -36.73 19.61
C GLU B 148 -24.36 -36.18 20.31
N LYS B 149 -24.32 -34.90 20.66
CA LYS B 149 -25.40 -34.29 21.44
C LYS B 149 -26.64 -33.97 20.62
N LEU B 150 -26.47 -33.22 19.54
CA LEU B 150 -27.60 -32.78 18.72
C LEU B 150 -28.21 -33.95 17.95
N ASP B 151 -29.49 -34.20 18.19
CA ASP B 151 -30.21 -35.28 17.53
C ASP B 151 -31.09 -34.75 16.40
N GLY B 152 -31.61 -35.66 15.58
CA GLY B 152 -32.53 -35.30 14.51
C GLY B 152 -31.84 -34.94 13.21
N ILE B 153 -30.54 -35.16 13.15
CA ILE B 153 -29.75 -34.82 11.96
C ILE B 153 -29.39 -36.07 11.16
N ASP B 154 -29.61 -36.02 9.85
CA ASP B 154 -29.25 -37.13 8.97
C ASP B 154 -28.08 -36.75 8.07
N LYS B 155 -27.99 -35.48 7.72
CA LYS B 155 -26.89 -34.99 6.89
C LYS B 155 -26.09 -33.90 7.61
N TRP B 156 -24.77 -34.04 7.58
CA TRP B 156 -23.89 -33.06 8.21
C TRP B 156 -22.93 -32.42 7.21
N THR B 157 -22.49 -31.20 7.52
CA THR B 157 -21.48 -30.53 6.72
C THR B 157 -20.36 -30.05 7.62
N THR B 158 -19.13 -30.47 7.32
CA THR B 158 -17.98 -30.09 8.13
C THR B 158 -17.63 -28.61 7.96
N PHE B 159 -17.17 -28.26 6.76
CA PHE B 159 -16.70 -26.91 6.51
C PHE B 159 -17.45 -26.22 5.37
N ASN B 160 -17.64 -24.91 5.51
CA ASN B 160 -18.21 -24.10 4.45
C ASN B 160 -17.15 -23.18 3.84
N GLU B 161 -16.70 -23.54 2.64
CA GLU B 161 -15.67 -22.79 1.92
C GLU B 161 -14.37 -22.66 2.70
N PRO B 162 -13.58 -23.74 2.74
CA PRO B 162 -12.26 -23.71 3.37
C PRO B 162 -11.31 -22.74 2.67
N TRP B 163 -11.55 -22.49 1.39
CA TRP B 163 -10.70 -21.57 0.63
C TRP B 163 -10.75 -20.15 1.18
N THR B 164 -11.95 -19.74 1.59
CA THR B 164 -12.15 -18.36 2.02
C THR B 164 -11.59 -18.13 3.42
N SER B 165 -11.79 -19.10 4.30
CA SER B 165 -11.24 -19.03 5.65
C SER B 165 -9.72 -18.93 5.62
N ALA B 166 -9.11 -19.66 4.70
CA ALA B 166 -7.66 -19.74 4.61
C ALA B 166 -7.05 -18.57 3.85
N TRP B 167 -7.47 -18.40 2.60
CA TRP B 167 -6.78 -17.48 1.69
C TRP B 167 -7.21 -16.02 1.82
N LEU B 168 -8.46 -15.78 2.18
CA LEU B 168 -8.87 -14.42 2.50
C LEU B 168 -8.50 -14.09 3.94
N GLY B 169 -8.51 -15.10 4.80
CA GLY B 169 -8.25 -14.92 6.21
C GLY B 169 -6.80 -14.81 6.60
N TYR B 170 -5.95 -15.60 5.96
CA TYR B 170 -4.52 -15.60 6.28
C TYR B 170 -3.66 -15.09 5.14
N GLY B 171 -4.17 -15.22 3.91
CA GLY B 171 -3.40 -14.87 2.73
C GLY B 171 -3.49 -13.41 2.33
N TYR B 172 -4.70 -12.90 2.16
CA TYR B 172 -4.90 -11.57 1.61
C TYR B 172 -5.35 -10.55 2.66
N GLY B 173 -5.97 -11.04 3.72
CA GLY B 173 -6.32 -10.19 4.86
C GLY B 173 -7.67 -9.51 4.78
N HIS B 174 -8.55 -10.01 3.90
CA HIS B 174 -9.88 -9.45 3.76
C HIS B 174 -10.82 -9.97 4.84
N HIS B 175 -10.74 -11.27 5.12
CA HIS B 175 -11.58 -11.89 6.14
C HIS B 175 -10.78 -12.20 7.40
N ALA B 176 -11.47 -12.60 8.46
CA ALA B 176 -10.83 -12.94 9.72
C ALA B 176 -9.94 -14.18 9.57
N PRO B 177 -8.81 -14.22 10.27
CA PRO B 177 -8.33 -13.22 11.24
C PRO B 177 -7.69 -11.98 10.63
N GLY B 178 -7.39 -12.03 9.33
CA GLY B 178 -6.91 -10.86 8.62
C GLY B 178 -5.40 -10.74 8.51
N ARG B 179 -4.73 -11.85 8.21
CA ARG B 179 -3.28 -11.83 8.02
C ARG B 179 -2.93 -11.68 6.54
N THR B 180 -1.69 -11.27 6.28
CA THR B 180 -1.20 -11.11 4.92
C THR B 180 0.04 -11.96 4.71
N ASP B 181 -0.14 -13.28 4.77
CA ASP B 181 0.97 -14.22 4.71
C ASP B 181 0.59 -15.45 3.90
N ILE B 182 1.34 -15.71 2.84
CA ILE B 182 1.03 -16.82 1.94
C ILE B 182 1.25 -18.18 2.59
N GLY B 183 2.37 -18.31 3.31
CA GLY B 183 2.68 -19.55 3.99
C GLY B 183 1.67 -19.90 5.06
N ALA B 184 1.05 -18.88 5.64
CA ALA B 184 0.03 -19.07 6.66
C ALA B 184 -1.24 -19.65 6.06
N ALA B 185 -1.56 -19.22 4.84
CA ALA B 185 -2.79 -19.65 4.17
C ALA B 185 -2.63 -21.06 3.59
N ALA B 186 -1.43 -21.39 3.13
CA ALA B 186 -1.16 -22.72 2.60
C ALA B 186 -1.12 -23.74 3.72
N ALA B 187 -0.80 -23.28 4.93
CA ALA B 187 -0.85 -24.13 6.11
C ALA B 187 -2.29 -24.34 6.54
N ALA B 188 -3.06 -23.26 6.52
CA ALA B 188 -4.48 -23.31 6.85
C ALA B 188 -5.22 -24.22 5.87
N THR B 189 -4.80 -24.18 4.61
CA THR B 189 -5.37 -25.03 3.57
C THR B 189 -5.32 -26.50 3.96
N HIS B 190 -4.17 -26.93 4.47
CA HIS B 190 -3.97 -28.32 4.88
C HIS B 190 -4.74 -28.67 6.14
N HIS B 191 -4.67 -27.80 7.14
CA HIS B 191 -5.26 -28.08 8.44
C HIS B 191 -6.79 -27.97 8.44
N LEU B 192 -7.32 -27.17 7.52
CA LEU B 192 -8.77 -27.12 7.32
C LEU B 192 -9.26 -28.42 6.70
N LEU B 193 -8.55 -28.87 5.67
CA LEU B 193 -8.84 -30.15 5.03
C LEU B 193 -8.61 -31.31 5.99
N LEU B 194 -7.60 -31.16 6.84
CA LEU B 194 -7.31 -32.16 7.86
C LEU B 194 -8.45 -32.22 8.87
N ALA B 195 -8.88 -31.05 9.32
CA ALA B 195 -9.97 -30.94 10.28
C ALA B 195 -11.28 -31.44 9.67
N HIS B 196 -11.39 -31.34 8.35
CA HIS B 196 -12.53 -31.92 7.64
C HIS B 196 -12.49 -33.44 7.74
N GLY B 197 -11.30 -34.00 7.50
CA GLY B 197 -11.10 -35.43 7.57
C GLY B 197 -11.38 -35.98 8.96
N LEU B 198 -10.94 -35.24 9.97
CA LEU B 198 -11.19 -35.62 11.36
C LEU B 198 -12.67 -35.55 11.68
N GLY B 199 -13.36 -34.60 11.07
CA GLY B 199 -14.79 -34.47 11.25
C GLY B 199 -15.54 -35.65 10.65
N VAL B 200 -15.11 -36.06 9.46
CA VAL B 200 -15.70 -37.23 8.80
C VAL B 200 -15.41 -38.50 9.59
N GLN B 201 -14.19 -38.60 10.10
CA GLN B 201 -13.80 -39.74 10.92
C GLN B 201 -14.58 -39.76 12.23
N ALA B 202 -14.82 -38.58 12.80
CA ALA B 202 -15.59 -38.47 14.02
C ALA B 202 -17.04 -38.83 13.78
N ALA B 203 -17.50 -38.62 12.54
CA ALA B 203 -18.87 -38.93 12.17
C ALA B 203 -19.10 -40.44 12.12
N ARG B 204 -18.19 -41.14 11.46
CA ARG B 204 -18.34 -42.59 11.25
C ARG B 204 -18.23 -43.40 12.55
N ALA B 205 -17.68 -42.79 13.59
CA ALA B 205 -17.51 -43.47 14.87
C ALA B 205 -18.70 -43.23 15.78
N ILE B 206 -19.06 -41.96 15.95
CA ILE B 206 -20.20 -41.57 16.76
C ILE B 206 -21.52 -41.88 16.05
N ARG B 207 -21.63 -41.48 14.79
CA ARG B 207 -22.89 -41.65 14.05
C ARG B 207 -22.66 -42.22 12.65
N PRO B 208 -22.52 -43.55 12.56
CA PRO B 208 -22.44 -44.25 11.28
C PRO B 208 -23.67 -43.90 10.47
N HIS B 209 -24.78 -43.81 11.20
CA HIS B 209 -26.08 -43.28 10.75
C HIS B 209 -25.99 -42.30 9.60
N VAL B 210 -25.30 -41.20 9.87
CA VAL B 210 -25.47 -39.97 9.11
C VAL B 210 -24.48 -39.73 7.96
N GLU B 211 -25.00 -39.14 6.89
CA GLU B 211 -24.16 -38.75 5.76
C GLU B 211 -23.44 -37.45 6.09
N ILE B 212 -22.22 -37.32 5.62
CA ILE B 212 -21.43 -36.13 5.91
C ILE B 212 -20.51 -35.79 4.75
N GLY B 213 -20.45 -34.50 4.42
CA GLY B 213 -19.59 -34.01 3.38
C GLY B 213 -19.14 -32.61 3.73
N LEU B 214 -18.73 -31.84 2.74
CA LEU B 214 -18.30 -30.46 2.97
C LEU B 214 -18.68 -29.54 1.82
N THR B 215 -18.67 -28.25 2.09
CA THR B 215 -19.05 -27.25 1.10
C THR B 215 -17.82 -26.50 0.58
N LEU B 216 -17.67 -26.45 -0.74
CA LEU B 216 -16.54 -25.77 -1.37
C LEU B 216 -17.01 -24.70 -2.34
N ASN B 217 -16.32 -23.57 -2.35
CA ASN B 217 -16.58 -22.54 -3.35
C ASN B 217 -15.65 -22.70 -4.55
N LEU B 218 -15.96 -23.70 -5.38
CA LEU B 218 -15.18 -23.98 -6.58
C LEU B 218 -15.42 -22.90 -7.64
N GLY B 219 -14.45 -22.71 -8.52
CA GLY B 219 -14.55 -21.69 -9.53
C GLY B 219 -14.36 -22.19 -10.95
N VAL B 220 -14.97 -21.48 -11.89
CA VAL B 220 -14.77 -21.74 -13.31
C VAL B 220 -13.90 -20.63 -13.89
N LEU B 221 -12.70 -20.99 -14.33
CA LEU B 221 -11.75 -19.98 -14.78
C LEU B 221 -11.36 -20.18 -16.24
N ARG B 222 -11.49 -19.12 -17.02
CA ARG B 222 -11.26 -19.16 -18.45
C ARG B 222 -10.09 -18.28 -18.87
N PRO B 223 -9.23 -18.80 -19.75
CA PRO B 223 -8.12 -18.00 -20.29
C PRO B 223 -8.63 -16.85 -21.15
N GLY B 224 -8.06 -15.66 -20.95
CA GLY B 224 -8.43 -14.50 -21.75
C GLY B 224 -7.95 -14.63 -23.17
N THR B 225 -6.74 -15.13 -23.33
CA THR B 225 -6.18 -15.43 -24.63
C THR B 225 -5.82 -16.92 -24.68
N THR B 226 -5.41 -17.40 -25.84
CA THR B 226 -5.07 -18.81 -25.98
C THR B 226 -3.56 -19.02 -25.99
N GLU B 227 -2.83 -18.02 -25.51
CA GLU B 227 -1.37 -18.10 -25.43
C GLU B 227 -0.94 -18.86 -24.19
N ASP B 228 0.29 -19.39 -24.22
CA ASP B 228 0.85 -20.14 -23.10
C ASP B 228 0.84 -19.33 -21.81
N GLN B 229 1.32 -18.09 -21.91
CA GLN B 229 1.44 -17.20 -20.76
C GLN B 229 0.14 -17.04 -20.00
N ASP B 230 -0.97 -16.98 -20.74
CA ASP B 230 -2.27 -16.73 -20.14
C ASP B 230 -3.02 -18.01 -19.75
N VAL B 231 -2.84 -19.06 -20.54
CA VAL B 231 -3.48 -20.34 -20.25
C VAL B 231 -2.87 -20.95 -18.99
N GLU B 232 -1.55 -20.87 -18.87
CA GLU B 232 -0.84 -21.40 -17.71
C GLU B 232 -1.20 -20.63 -16.44
N ALA B 233 -1.47 -19.34 -16.58
CA ALA B 233 -1.89 -18.52 -15.45
C ALA B 233 -3.28 -18.93 -14.97
N THR B 234 -4.11 -19.34 -15.91
CA THR B 234 -5.46 -19.82 -15.59
C THR B 234 -5.37 -21.13 -14.83
N TRP B 235 -4.35 -21.92 -15.16
CA TRP B 235 -4.13 -23.23 -14.54
C TRP B 235 -3.67 -23.09 -13.09
N ARG B 236 -2.99 -22.00 -12.78
CA ARG B 236 -2.52 -21.74 -11.42
C ARG B 236 -3.69 -21.32 -10.53
N ALA B 237 -4.50 -20.40 -11.01
CA ALA B 237 -5.66 -19.94 -10.27
C ALA B 237 -6.67 -21.07 -10.08
N ASP B 238 -6.79 -21.91 -11.10
CA ASP B 238 -7.66 -23.08 -11.04
C ASP B 238 -7.22 -24.03 -9.93
N GLY B 239 -5.92 -24.28 -9.87
CA GLY B 239 -5.36 -25.15 -8.86
C GLY B 239 -5.60 -24.66 -7.45
N ASN B 240 -5.36 -23.37 -7.23
CA ASN B 240 -5.59 -22.76 -5.92
C ASN B 240 -7.06 -22.75 -5.54
N GLN B 241 -7.92 -22.52 -6.52
CA GLN B 241 -9.36 -22.41 -6.28
C GLN B 241 -10.00 -23.79 -6.09
N ASN B 242 -9.57 -24.75 -6.89
CA ASN B 242 -10.24 -26.05 -6.93
C ASN B 242 -9.35 -27.24 -6.56
N ARG B 243 -8.25 -27.38 -7.29
CA ARG B 243 -7.48 -28.63 -7.29
C ARG B 243 -6.71 -28.92 -6.00
N ILE B 244 -6.34 -27.88 -5.25
CA ILE B 244 -5.67 -28.11 -3.97
C ILE B 244 -6.70 -28.52 -2.91
N TRP B 245 -7.95 -28.64 -3.33
CA TRP B 245 -9.02 -29.12 -2.47
C TRP B 245 -9.61 -30.40 -3.04
N LEU B 246 -9.83 -30.42 -4.35
CA LEU B 246 -10.50 -31.54 -5.01
C LEU B 246 -9.60 -32.78 -5.11
N ASP B 247 -8.34 -32.58 -5.47
CA ASP B 247 -7.40 -33.69 -5.57
C ASP B 247 -7.12 -34.37 -4.22
N PRO B 248 -6.94 -33.58 -3.13
CA PRO B 248 -6.79 -34.27 -1.83
C PRO B 248 -8.04 -35.06 -1.42
N LEU B 249 -9.20 -34.44 -1.55
CA LEU B 249 -10.45 -35.07 -1.13
C LEU B 249 -10.81 -36.31 -1.93
N PHE B 250 -10.52 -36.28 -3.24
CA PHE B 250 -11.01 -37.33 -4.13
C PHE B 250 -9.92 -38.15 -4.80
N LYS B 251 -8.67 -37.96 -4.40
CA LYS B 251 -7.57 -38.76 -4.95
C LYS B 251 -6.42 -38.91 -3.96
N GLY B 252 -6.59 -38.33 -2.77
CA GLY B 252 -5.62 -38.49 -1.71
C GLY B 252 -4.23 -37.95 -1.99
N GLU B 253 -4.17 -36.83 -2.70
CA GLU B 253 -2.90 -36.18 -2.99
C GLU B 253 -3.10 -34.73 -3.42
N TYR B 254 -2.10 -33.90 -3.15
CA TYR B 254 -2.11 -32.52 -3.63
C TYR B 254 -1.59 -32.47 -5.06
N PRO B 255 -1.97 -31.43 -5.82
CA PRO B 255 -1.47 -31.31 -7.19
C PRO B 255 0.03 -31.04 -7.20
N ALA B 256 0.74 -31.67 -8.13
CA ALA B 256 2.19 -31.54 -8.21
C ALA B 256 2.64 -30.10 -8.43
N ASP B 257 1.96 -29.40 -9.35
CA ASP B 257 2.36 -28.05 -9.74
C ASP B 257 2.03 -27.01 -8.67
N MET B 258 1.00 -27.27 -7.87
CA MET B 258 0.62 -26.34 -6.81
C MET B 258 1.51 -26.52 -5.59
N ILE B 259 1.92 -27.75 -5.33
CA ILE B 259 2.92 -28.01 -4.29
C ILE B 259 4.24 -27.37 -4.69
N GLU B 260 4.58 -27.51 -5.96
CA GLU B 260 5.79 -26.91 -6.51
C GLU B 260 5.71 -25.39 -6.44
N HIS B 261 4.53 -24.85 -6.69
CA HIS B 261 4.31 -23.40 -6.64
C HIS B 261 4.37 -22.88 -5.21
N TYR B 262 3.86 -23.66 -4.26
CA TYR B 262 3.83 -23.24 -2.86
C TYR B 262 4.98 -23.84 -2.06
N SER B 263 6.00 -24.32 -2.75
CA SER B 263 7.15 -24.90 -2.08
C SER B 263 7.95 -23.83 -1.34
N ARG B 264 7.88 -22.59 -1.84
CA ARG B 264 8.67 -21.48 -1.33
C ARG B 264 8.35 -21.11 0.13
N TRP B 265 7.07 -20.90 0.42
CA TRP B 265 6.67 -20.32 1.70
C TRP B 265 6.62 -21.31 2.85
N THR B 266 6.79 -20.78 4.07
CA THR B 266 6.72 -21.57 5.29
C THR B 266 5.72 -20.94 6.27
N PRO B 267 5.00 -21.78 7.05
CA PRO B 267 5.05 -23.24 7.11
C PRO B 267 4.53 -23.92 5.84
N GLY B 268 3.39 -23.48 5.33
CA GLY B 268 2.85 -23.99 4.08
C GLY B 268 2.55 -25.48 4.09
N PHE B 269 2.99 -26.17 3.06
CA PHE B 269 2.74 -27.60 2.92
C PHE B 269 3.86 -28.45 3.50
N HIS B 270 4.69 -27.82 4.33
CA HIS B 270 5.67 -28.57 5.12
C HIS B 270 4.95 -29.25 6.28
N THR B 271 3.74 -28.77 6.57
CA THR B 271 2.91 -29.31 7.64
C THR B 271 2.21 -30.60 7.21
N VAL B 272 2.42 -30.99 5.95
CA VAL B 272 1.83 -32.22 5.44
C VAL B 272 2.62 -33.44 5.89
N GLN B 273 2.03 -34.20 6.80
CA GLN B 273 2.67 -35.40 7.34
C GLN B 273 2.13 -36.65 6.66
N ASN B 274 2.89 -37.74 6.73
CA ASN B 274 2.46 -39.00 6.13
C ASN B 274 1.25 -39.59 6.85
N GLY B 275 0.16 -39.77 6.11
CA GLY B 275 -1.07 -40.30 6.67
C GLY B 275 -2.17 -39.26 6.72
N ASP B 276 -1.80 -38.00 6.52
CA ASP B 276 -2.75 -36.91 6.56
C ASP B 276 -3.71 -36.96 5.36
N LEU B 277 -3.16 -37.26 4.18
CA LEU B 277 -3.98 -37.34 2.97
C LEU B 277 -4.98 -38.48 3.05
N GLU B 278 -4.66 -39.53 3.81
CA GLU B 278 -5.59 -40.64 3.99
C GLU B 278 -6.73 -40.20 4.91
N ILE B 279 -6.43 -39.27 5.81
CA ILE B 279 -7.45 -38.68 6.67
C ILE B 279 -8.31 -37.72 5.86
N ILE B 280 -7.65 -36.88 5.07
CA ILE B 280 -8.33 -35.89 4.25
C ILE B 280 -9.22 -36.54 3.19
N SER B 281 -8.74 -37.63 2.61
CA SER B 281 -9.48 -38.32 1.56
C SER B 281 -10.45 -39.36 2.10
N SER B 282 -10.89 -39.17 3.34
CA SER B 282 -11.90 -40.04 3.93
C SER B 282 -13.18 -39.93 3.11
N PRO B 283 -13.73 -41.08 2.69
CA PRO B 283 -14.88 -41.10 1.77
C PRO B 283 -16.09 -40.35 2.32
N ILE B 284 -16.51 -39.31 1.60
CA ILE B 284 -17.67 -38.52 2.00
C ILE B 284 -18.89 -38.91 1.17
N ASP B 285 -20.07 -38.70 1.74
CA ASP B 285 -21.31 -39.13 1.10
C ASP B 285 -21.76 -38.18 -0.02
N PHE B 286 -21.55 -36.89 0.19
CA PHE B 286 -21.98 -35.89 -0.80
C PHE B 286 -21.05 -34.69 -0.81
N LEU B 287 -21.13 -33.90 -1.87
CA LEU B 287 -20.28 -32.72 -2.02
C LEU B 287 -21.09 -31.44 -2.18
N GLY B 288 -20.77 -30.43 -1.37
CA GLY B 288 -21.43 -29.15 -1.46
C GLY B 288 -20.71 -28.22 -2.42
N VAL B 289 -21.47 -27.52 -3.26
CA VAL B 289 -20.90 -26.64 -4.27
C VAL B 289 -21.42 -25.20 -4.13
N ASN B 290 -20.50 -24.24 -4.10
CA ASN B 290 -20.85 -22.83 -4.03
C ASN B 290 -20.40 -22.08 -5.26
N PHE B 291 -21.35 -21.65 -6.09
CA PHE B 291 -21.00 -20.90 -7.29
C PHE B 291 -21.75 -19.58 -7.39
N TYR B 292 -21.07 -18.59 -7.98
CA TYR B 292 -21.64 -17.25 -8.14
C TYR B 292 -21.39 -16.73 -9.55
N GLY B 293 -20.15 -16.82 -10.00
CA GLY B 293 -19.78 -16.36 -11.32
C GLY B 293 -18.38 -16.81 -11.69
N PRO B 294 -18.12 -16.94 -13.00
CA PRO B 294 -16.79 -17.36 -13.46
C PRO B 294 -15.78 -16.23 -13.38
N GLY B 295 -14.68 -16.38 -14.10
CA GLY B 295 -13.66 -15.36 -14.14
C GLY B 295 -12.73 -15.56 -15.33
N THR B 296 -12.60 -14.54 -16.15
CA THR B 296 -11.67 -14.59 -17.27
C THR B 296 -10.27 -14.24 -16.74
N VAL B 297 -9.32 -15.15 -16.93
CA VAL B 297 -8.02 -15.04 -16.29
C VAL B 297 -6.88 -14.87 -17.29
N MET B 298 -5.97 -13.95 -17.00
CA MET B 298 -4.76 -13.77 -17.77
C MET B 298 -3.54 -13.66 -16.85
N ASN B 299 -2.35 -13.60 -17.44
CA ASN B 299 -1.12 -13.57 -16.67
C ASN B 299 -0.92 -12.22 -15.96
N VAL B 300 -0.06 -12.21 -14.95
CA VAL B 300 0.21 -10.99 -14.20
C VAL B 300 1.00 -10.00 -15.07
N GLY B 301 0.66 -8.72 -14.95
CA GLY B 301 1.31 -7.69 -15.72
C GLY B 301 0.92 -7.72 -17.19
N ARG B 302 -0.21 -8.36 -17.48
CA ARG B 302 -0.68 -8.51 -18.85
C ARG B 302 -1.97 -7.70 -19.07
N GLU B 303 -1.92 -6.42 -18.71
CA GLU B 303 -3.10 -5.57 -18.82
C GLU B 303 -3.29 -5.03 -20.24
N ASP B 304 -2.19 -4.84 -20.96
CA ASP B 304 -2.26 -4.29 -22.31
C ASP B 304 -2.82 -5.28 -23.32
N ALA B 305 -2.43 -6.55 -23.18
CA ALA B 305 -2.97 -7.59 -24.05
C ALA B 305 -4.44 -7.83 -23.72
N ALA B 306 -4.77 -7.64 -22.44
CA ALA B 306 -6.15 -7.77 -21.98
C ALA B 306 -7.04 -6.74 -22.65
N ARG B 307 -6.58 -5.50 -22.67
CA ARG B 307 -7.33 -4.42 -23.30
C ARG B 307 -7.29 -4.54 -24.82
N ALA B 308 -6.23 -5.17 -25.33
CA ALA B 308 -6.08 -5.39 -26.77
C ALA B 308 -6.95 -6.56 -27.22
N ALA B 309 -7.37 -7.39 -26.28
CA ALA B 309 -8.23 -8.52 -26.58
C ALA B 309 -9.70 -8.13 -26.43
N GLY B 310 -9.93 -6.88 -26.04
CA GLY B 310 -11.28 -6.35 -25.94
C GLY B 310 -11.86 -6.37 -24.54
N PHE B 311 -11.01 -6.61 -23.53
CA PHE B 311 -11.47 -6.67 -22.14
C PHE B 311 -11.33 -5.34 -21.42
N ASN B 312 -11.96 -5.25 -20.25
CA ASN B 312 -11.73 -4.17 -19.31
C ASN B 312 -10.92 -4.66 -18.13
N VAL B 313 -10.12 -3.78 -17.53
CA VAL B 313 -9.36 -4.13 -16.34
C VAL B 313 -9.47 -3.03 -15.28
N GLU B 321 -2.90 -8.74 -1.21
CA GLU B 321 -3.36 -8.38 -2.55
C GLU B 321 -2.23 -8.52 -3.59
N ASP B 322 -1.01 -8.82 -3.14
CA ASP B 322 0.10 -9.02 -4.06
C ASP B 322 -0.12 -10.34 -4.77
N ASN B 323 0.14 -10.31 -6.07
CA ASN B 323 -0.14 -11.41 -6.99
C ASN B 323 0.84 -12.57 -6.81
N HIS B 324 0.59 -13.44 -5.84
CA HIS B 324 1.43 -14.61 -5.62
C HIS B 324 1.10 -15.71 -6.62
N LEU B 325 -0.12 -15.67 -7.15
CA LEU B 325 -0.56 -16.63 -8.14
C LEU B 325 -0.10 -16.23 -9.54
N ARG B 326 0.37 -15.00 -9.66
CA ARG B 326 0.81 -14.43 -10.93
C ARG B 326 -0.28 -14.49 -11.99
N CYS B 327 -1.46 -14.00 -11.65
CA CYS B 327 -2.58 -13.97 -12.58
C CYS B 327 -3.54 -12.84 -12.25
N ILE B 328 -4.16 -12.27 -13.28
CA ILE B 328 -5.12 -11.19 -13.10
C ILE B 328 -6.48 -11.56 -13.68
N GLY B 329 -7.54 -11.02 -13.09
CA GLY B 329 -8.87 -11.19 -13.62
C GLY B 329 -9.21 -10.04 -14.55
N VAL B 330 -9.93 -10.33 -15.62
CA VAL B 330 -10.30 -9.30 -16.58
C VAL B 330 -11.81 -9.30 -16.83
N GLU B 331 -12.35 -8.13 -17.13
CA GLU B 331 -13.80 -7.97 -17.26
C GLU B 331 -14.24 -8.02 -18.72
N THR B 332 -15.41 -8.62 -18.95
CA THR B 332 -16.03 -8.61 -20.26
C THR B 332 -17.07 -7.51 -20.33
N PRO B 333 -16.89 -6.56 -21.26
CA PRO B 333 -17.71 -5.33 -21.40
C PRO B 333 -19.22 -5.55 -21.35
N GLY B 334 -19.72 -6.54 -22.09
CA GLY B 334 -21.16 -6.75 -22.19
C GLY B 334 -21.77 -7.56 -21.08
N ARG B 335 -20.94 -8.33 -20.38
CA ARG B 335 -21.43 -9.27 -19.36
C ARG B 335 -21.95 -8.56 -18.12
N PRO B 336 -23.15 -8.95 -17.67
CA PRO B 336 -23.80 -8.37 -16.48
C PRO B 336 -22.99 -8.56 -15.20
N LYS B 337 -23.12 -7.61 -14.28
CA LYS B 337 -22.43 -7.66 -13.00
C LYS B 337 -23.43 -7.57 -11.85
N THR B 338 -23.03 -8.05 -10.68
CA THR B 338 -23.87 -7.94 -9.49
C THR B 338 -23.36 -6.79 -8.63
N ALA B 339 -24.00 -6.59 -7.47
CA ALA B 339 -23.60 -5.52 -6.57
C ALA B 339 -22.20 -5.76 -6.01
N MET B 340 -21.76 -7.01 -6.06
CA MET B 340 -20.42 -7.36 -5.60
C MET B 340 -19.38 -7.06 -6.67
N GLY B 341 -19.83 -6.96 -7.92
CA GLY B 341 -18.94 -6.71 -9.04
C GLY B 341 -18.62 -7.98 -9.79
N TRP B 342 -19.22 -9.09 -9.36
CA TRP B 342 -19.01 -10.39 -9.97
C TRP B 342 -19.79 -10.52 -11.27
N GLU B 343 -19.13 -11.06 -12.30
CA GLU B 343 -19.78 -11.27 -13.59
C GLU B 343 -20.85 -12.35 -13.49
N VAL B 344 -21.81 -12.30 -14.41
CA VAL B 344 -22.89 -13.28 -14.44
C VAL B 344 -22.82 -14.13 -15.70
N ASP B 345 -22.67 -15.44 -15.52
CA ASP B 345 -22.67 -16.38 -16.64
C ASP B 345 -23.11 -17.76 -16.15
N ALA B 346 -24.38 -18.07 -16.38
CA ALA B 346 -24.99 -19.29 -15.86
C ALA B 346 -24.36 -20.55 -16.45
N THR B 347 -23.87 -20.45 -17.68
CA THR B 347 -23.28 -21.59 -18.35
C THR B 347 -22.03 -22.11 -17.64
N ALA B 348 -21.44 -21.26 -16.80
CA ALA B 348 -20.28 -21.63 -16.02
C ALA B 348 -20.64 -22.65 -14.96
N LEU B 349 -21.82 -22.52 -14.38
CA LEU B 349 -22.30 -23.46 -13.37
C LEU B 349 -22.46 -24.85 -13.96
N ARG B 350 -22.85 -24.90 -15.24
CA ARG B 350 -22.98 -26.18 -15.94
C ARG B 350 -21.60 -26.80 -16.17
N GLU B 351 -20.64 -25.96 -16.57
CA GLU B 351 -19.28 -26.41 -16.82
C GLU B 351 -18.64 -26.97 -15.54
N LEU B 352 -19.01 -26.39 -14.40
CA LEU B 352 -18.47 -26.80 -13.12
C LEU B 352 -19.01 -28.16 -12.69
N LEU B 353 -20.32 -28.33 -12.74
CA LEU B 353 -20.96 -29.56 -12.33
C LEU B 353 -20.59 -30.73 -13.23
N VAL B 354 -20.41 -30.45 -14.52
CA VAL B 354 -20.01 -31.48 -15.48
C VAL B 354 -18.56 -31.89 -15.26
N ARG B 355 -17.72 -30.93 -14.85
CA ARG B 355 -16.32 -31.21 -14.59
C ARG B 355 -16.13 -32.11 -13.37
N ILE B 356 -16.90 -31.83 -12.32
CA ILE B 356 -16.85 -32.63 -11.10
C ILE B 356 -17.28 -34.07 -11.39
N LYS B 357 -18.33 -34.20 -12.19
CA LYS B 357 -18.83 -35.51 -12.62
C LYS B 357 -17.76 -36.31 -13.36
N ASN B 358 -17.08 -35.66 -14.29
CA ASN B 358 -16.09 -36.32 -15.13
C ASN B 358 -14.76 -36.56 -14.43
N GLU B 359 -14.15 -35.49 -13.94
CA GLU B 359 -12.78 -35.55 -13.44
C GLU B 359 -12.64 -36.16 -12.05
N TYR B 360 -13.57 -35.85 -11.15
CA TYR B 360 -13.40 -36.24 -9.76
C TYR B 360 -14.41 -37.25 -9.23
N THR B 361 -15.55 -36.78 -8.73
CA THR B 361 -16.46 -37.66 -8.00
C THR B 361 -17.85 -37.81 -8.64
N ASP B 362 -18.48 -38.95 -8.37
CA ASP B 362 -19.79 -39.27 -8.92
C ASP B 362 -20.85 -39.36 -7.82
N ILE B 363 -20.52 -38.84 -6.63
CA ILE B 363 -21.44 -38.84 -5.50
C ILE B 363 -22.48 -37.74 -5.66
N PRO B 364 -23.61 -37.85 -4.94
CA PRO B 364 -24.63 -36.80 -4.94
C PRO B 364 -24.08 -35.39 -4.71
N LEU B 365 -24.48 -34.45 -5.56
CA LEU B 365 -24.00 -33.07 -5.46
C LEU B 365 -25.14 -32.12 -5.07
N TYR B 366 -24.81 -31.13 -4.25
CA TYR B 366 -25.78 -30.13 -3.80
C TYR B 366 -25.26 -28.71 -4.00
N ILE B 367 -26.03 -27.87 -4.68
CA ILE B 367 -25.68 -26.46 -4.79
C ILE B 367 -26.07 -25.77 -3.49
N THR B 368 -25.14 -25.74 -2.54
CA THR B 368 -25.41 -25.30 -1.19
C THR B 368 -25.44 -23.77 -1.02
N GLU B 369 -25.06 -23.06 -2.08
CA GLU B 369 -24.96 -21.61 -1.99
C GLU B 369 -24.89 -20.97 -3.38
N ASN B 370 -26.02 -20.45 -3.84
CA ASN B 370 -26.08 -19.73 -5.10
C ASN B 370 -27.04 -18.56 -5.04
N GLY B 371 -26.51 -17.37 -5.26
CA GLY B 371 -27.29 -16.15 -5.22
C GLY B 371 -26.48 -14.99 -5.74
N ALA B 372 -26.94 -13.77 -5.50
CA ALA B 372 -26.24 -12.58 -5.96
C ALA B 372 -26.73 -11.34 -5.21
N ALA B 373 -25.81 -10.42 -4.95
CA ALA B 373 -26.16 -9.18 -4.28
C ALA B 373 -26.73 -8.17 -5.27
N TYR B 374 -27.82 -7.52 -4.87
CA TYR B 374 -28.40 -6.43 -5.64
C TYR B 374 -28.90 -5.36 -4.70
N HIS B 375 -28.81 -4.10 -5.14
CA HIS B 375 -29.17 -2.98 -4.28
C HIS B 375 -30.69 -2.83 -4.17
N ASP B 376 -31.25 -3.49 -3.17
CA ASP B 376 -32.70 -3.49 -2.96
C ASP B 376 -33.14 -2.33 -2.09
N TYR B 377 -34.44 -2.10 -2.05
CA TYR B 377 -35.03 -1.03 -1.25
C TYR B 377 -36.51 -1.28 -1.04
N VAL B 378 -37.04 -0.78 0.08
CA VAL B 378 -38.47 -0.82 0.30
C VAL B 378 -39.12 0.39 -0.36
N ASN B 379 -39.98 0.14 -1.33
CA ASN B 379 -40.65 1.25 -2.02
C ASN B 379 -41.88 1.74 -1.25
N ALA B 380 -42.60 2.68 -1.85
CA ALA B 380 -43.73 3.34 -1.18
C ALA B 380 -44.81 2.36 -0.75
N SER B 381 -45.09 1.36 -1.58
CA SER B 381 -46.14 0.40 -1.28
C SER B 381 -45.73 -0.58 -0.18
N GLY B 382 -44.43 -0.76 -0.01
CA GLY B 382 -43.91 -1.65 1.03
C GLY B 382 -43.30 -2.92 0.46
N ASP B 383 -43.23 -2.99 -0.86
CA ASP B 383 -42.67 -4.16 -1.53
C ASP B 383 -41.19 -3.97 -1.83
N VAL B 384 -40.48 -5.09 -1.95
CA VAL B 384 -39.07 -5.06 -2.35
C VAL B 384 -38.90 -5.77 -3.69
N LYS B 385 -38.78 -5.01 -4.75
CA LYS B 385 -38.75 -5.56 -6.10
C LYS B 385 -37.32 -5.78 -6.60
N ASP B 386 -36.96 -7.04 -6.81
CA ASP B 386 -35.63 -7.38 -7.32
C ASP B 386 -35.73 -8.33 -8.52
N PRO B 387 -36.01 -7.77 -9.71
CA PRO B 387 -36.17 -8.58 -10.93
C PRO B 387 -34.86 -9.20 -11.40
N GLU B 388 -33.74 -8.57 -11.07
CA GLU B 388 -32.44 -9.06 -11.51
C GLU B 388 -31.98 -10.27 -10.69
N ARG B 389 -32.51 -10.40 -9.49
CA ARG B 389 -32.20 -11.57 -8.67
C ARG B 389 -33.02 -12.75 -9.14
N ILE B 390 -34.27 -12.49 -9.50
CA ILE B 390 -35.14 -13.51 -10.07
C ILE B 390 -34.57 -14.03 -11.39
N THR B 391 -34.11 -13.10 -12.23
CA THR B 391 -33.46 -13.45 -13.48
C THR B 391 -32.18 -14.25 -13.23
N TYR B 392 -31.43 -13.83 -12.22
CA TYR B 392 -30.19 -14.50 -11.85
C TYR B 392 -30.45 -15.94 -11.40
N LEU B 393 -31.41 -16.10 -10.49
CA LEU B 393 -31.76 -17.42 -9.97
C LEU B 393 -32.32 -18.30 -11.08
N ASN B 394 -33.14 -17.71 -11.94
CA ASN B 394 -33.75 -18.45 -13.04
C ASN B 394 -32.71 -18.93 -14.05
N ASP B 395 -31.86 -18.02 -14.50
CA ASP B 395 -30.81 -18.34 -15.46
C ASP B 395 -29.89 -19.45 -14.96
N HIS B 396 -29.48 -19.35 -13.70
CA HIS B 396 -28.58 -20.34 -13.12
C HIS B 396 -29.27 -21.69 -12.89
N LEU B 397 -30.58 -21.66 -12.70
CA LEU B 397 -31.33 -22.89 -12.48
C LEU B 397 -31.57 -23.66 -13.78
N GLU B 398 -31.62 -22.94 -14.91
CA GLU B 398 -31.71 -23.60 -16.20
C GLU B 398 -30.40 -24.26 -16.58
N ALA B 399 -29.31 -23.78 -15.98
CA ALA B 399 -28.00 -24.40 -16.16
C ALA B 399 -27.96 -25.71 -15.39
N CYS B 400 -28.58 -25.72 -14.22
CA CYS B 400 -28.67 -26.91 -13.40
C CYS B 400 -29.54 -27.97 -14.06
N LEU B 401 -30.59 -27.53 -14.75
CA LEU B 401 -31.45 -28.43 -15.51
C LEU B 401 -30.67 -29.08 -16.65
N GLY B 402 -29.69 -28.34 -17.18
CA GLY B 402 -28.84 -28.85 -18.24
C GLY B 402 -27.82 -29.83 -17.71
N ALA B 403 -27.32 -29.56 -16.50
CA ALA B 403 -26.37 -30.45 -15.85
C ALA B 403 -27.01 -31.79 -15.51
N ILE B 404 -28.28 -31.74 -15.12
CA ILE B 404 -29.02 -32.95 -14.82
C ILE B 404 -29.29 -33.74 -16.11
N ASP B 405 -29.47 -33.02 -17.21
CA ASP B 405 -29.67 -33.64 -18.50
C ASP B 405 -28.35 -34.22 -19.02
N ASP B 406 -27.24 -33.66 -18.55
CA ASP B 406 -25.92 -34.16 -18.91
C ASP B 406 -25.59 -35.45 -18.16
N GLY B 407 -26.27 -35.66 -17.04
CA GLY B 407 -26.09 -36.88 -16.27
C GLY B 407 -25.40 -36.67 -14.93
N VAL B 408 -25.21 -35.40 -14.56
CA VAL B 408 -24.58 -35.06 -13.30
C VAL B 408 -25.51 -35.36 -12.13
N ASN B 409 -25.00 -36.07 -11.13
CA ASN B 409 -25.78 -36.44 -9.96
C ASN B 409 -26.12 -35.24 -9.09
N LEU B 410 -26.97 -34.36 -9.60
CA LEU B 410 -27.38 -33.16 -8.86
C LEU B 410 -28.72 -33.38 -8.18
N GLN B 411 -28.73 -33.32 -6.84
CA GLN B 411 -29.92 -33.68 -6.09
C GLN B 411 -30.46 -32.55 -5.20
N GLY B 412 -29.94 -31.33 -5.37
CA GLY B 412 -30.38 -30.23 -4.53
C GLY B 412 -29.89 -28.85 -4.94
N TYR B 413 -30.60 -27.84 -4.49
CA TYR B 413 -30.26 -26.44 -4.78
C TYR B 413 -30.63 -25.55 -3.59
N PHE B 414 -29.69 -24.71 -3.17
CA PHE B 414 -29.90 -23.84 -2.02
C PHE B 414 -29.58 -22.38 -2.33
N ILE B 415 -30.58 -21.52 -2.17
CA ILE B 415 -30.40 -20.09 -2.43
C ILE B 415 -29.71 -19.37 -1.28
N TRP B 416 -28.64 -18.65 -1.60
CA TRP B 416 -28.05 -17.74 -0.63
C TRP B 416 -28.54 -16.32 -0.89
N SER B 417 -29.26 -15.76 0.08
CA SER B 417 -29.56 -16.43 1.34
C SER B 417 -31.05 -16.38 1.64
N LEU B 418 -31.44 -16.86 2.82
CA LEU B 418 -32.82 -16.70 3.26
C LEU B 418 -33.05 -15.25 3.66
N LEU B 419 -32.10 -14.70 4.41
CA LEU B 419 -32.23 -13.34 4.93
C LEU B 419 -31.08 -12.44 4.48
N ASP B 420 -31.35 -11.14 4.38
CA ASP B 420 -30.30 -10.15 4.18
C ASP B 420 -29.40 -10.13 5.40
N ASN B 421 -28.14 -10.51 5.24
CA ASN B 421 -27.27 -10.74 6.39
C ASN B 421 -25.98 -9.93 6.40
N PHE B 422 -25.19 -10.15 7.45
CA PHE B 422 -23.87 -9.55 7.61
C PHE B 422 -22.92 -10.07 6.54
N GLU B 423 -22.70 -9.29 5.49
CA GLU B 423 -21.87 -9.73 4.37
C GLU B 423 -20.40 -9.46 4.64
N TRP B 424 -19.91 -10.00 5.76
CA TRP B 424 -18.48 -10.03 6.08
C TRP B 424 -17.78 -8.68 5.94
N GLY B 425 -16.80 -8.61 5.04
CA GLY B 425 -15.98 -7.42 4.88
C GLY B 425 -16.76 -6.15 4.55
N PHE B 426 -17.89 -6.32 3.87
CA PHE B 426 -18.69 -5.17 3.45
C PHE B 426 -19.80 -4.86 4.45
N GLY B 427 -19.84 -5.62 5.54
CA GLY B 427 -20.85 -5.43 6.56
C GLY B 427 -22.25 -5.73 6.03
N TYR B 428 -23.19 -4.84 6.32
CA TYR B 428 -24.58 -5.03 5.90
C TYR B 428 -24.88 -4.27 4.61
N SER B 429 -23.84 -3.82 3.93
CA SER B 429 -24.00 -3.00 2.73
C SER B 429 -24.23 -3.80 1.46
N ARG B 430 -24.28 -5.13 1.60
CA ARG B 430 -24.55 -6.01 0.47
C ARG B 430 -25.62 -7.03 0.85
N ARG B 431 -26.67 -7.12 0.05
CA ARG B 431 -27.81 -7.95 0.40
C ARG B 431 -28.02 -9.11 -0.57
N PHE B 432 -27.92 -10.32 -0.04
CA PHE B 432 -28.02 -11.55 -0.84
C PHE B 432 -29.37 -12.24 -0.66
N GLY B 433 -30.05 -11.92 0.43
CA GLY B 433 -31.25 -12.63 0.83
C GLY B 433 -32.45 -12.42 -0.08
N ILE B 434 -33.37 -13.39 -0.05
CA ILE B 434 -34.62 -13.28 -0.78
C ILE B 434 -35.70 -12.72 0.14
N VAL B 435 -35.32 -12.47 1.39
CA VAL B 435 -36.18 -11.79 2.35
C VAL B 435 -35.49 -10.55 2.90
N TRP B 436 -36.11 -9.39 2.70
CA TRP B 436 -35.53 -8.12 3.12
C TRP B 436 -35.56 -7.97 4.64
N ILE B 437 -34.56 -7.28 5.18
CA ILE B 437 -34.46 -7.06 6.62
C ILE B 437 -34.33 -5.59 6.98
N ASP B 438 -35.21 -5.13 7.86
CA ASP B 438 -35.01 -3.83 8.52
C ASP B 438 -34.20 -4.07 9.79
N TYR B 439 -32.91 -3.75 9.72
CA TYR B 439 -31.98 -4.10 10.80
C TYR B 439 -32.29 -3.39 12.12
N ASP B 440 -32.86 -2.19 12.05
CA ASP B 440 -33.12 -1.42 13.26
C ASP B 440 -34.29 -1.99 14.05
N THR B 441 -35.21 -2.65 13.35
CA THR B 441 -36.38 -3.24 14.00
C THR B 441 -36.30 -4.77 14.02
N GLY B 442 -35.78 -5.35 12.94
CA GLY B 442 -35.69 -6.80 12.83
C GLY B 442 -36.87 -7.38 12.08
N ARG B 443 -37.51 -6.54 11.26
CA ARG B 443 -38.68 -6.96 10.50
C ARG B 443 -38.28 -7.82 9.30
N ARG B 444 -39.16 -8.75 8.93
CA ARG B 444 -38.94 -9.61 7.78
C ARG B 444 -39.89 -9.26 6.63
N ILE B 445 -39.35 -8.70 5.55
CA ILE B 445 -40.14 -8.43 4.35
C ILE B 445 -39.71 -9.31 3.18
N PRO B 446 -40.51 -10.34 2.87
CA PRO B 446 -40.24 -11.19 1.70
C PRO B 446 -40.16 -10.38 0.41
N LYS B 447 -39.10 -10.60 -0.37
CA LYS B 447 -38.92 -9.90 -1.63
C LYS B 447 -39.67 -10.61 -2.76
N ALA B 448 -39.51 -10.11 -3.97
CA ALA B 448 -40.12 -10.72 -5.15
C ALA B 448 -39.52 -12.09 -5.41
N SER B 449 -38.28 -12.28 -4.94
CA SER B 449 -37.58 -13.55 -5.09
C SER B 449 -38.27 -14.66 -4.30
N TYR B 450 -38.61 -14.36 -3.05
CA TYR B 450 -39.28 -15.28 -2.15
C TYR B 450 -40.57 -15.81 -2.76
N ARG B 451 -41.35 -14.90 -3.34
CA ARG B 451 -42.62 -15.27 -3.96
C ARG B 451 -42.40 -16.09 -5.22
N TRP B 452 -41.42 -15.67 -6.02
CA TRP B 452 -41.07 -16.38 -7.24
C TRP B 452 -40.52 -17.77 -6.95
N TYR B 453 -39.66 -17.84 -5.92
CA TYR B 453 -39.04 -19.11 -5.55
C TYR B 453 -40.06 -20.08 -4.98
N GLN B 454 -41.09 -19.53 -4.35
CA GLN B 454 -42.17 -20.33 -3.79
C GLN B 454 -42.89 -21.11 -4.88
N GLY B 455 -43.04 -20.48 -6.04
CA GLY B 455 -43.66 -21.10 -7.19
C GLY B 455 -42.75 -22.14 -7.82
N VAL B 456 -41.45 -21.88 -7.80
CA VAL B 456 -40.47 -22.82 -8.31
C VAL B 456 -40.41 -24.06 -7.43
N VAL B 457 -40.46 -23.84 -6.11
CA VAL B 457 -40.42 -24.93 -5.15
C VAL B 457 -41.67 -25.80 -5.20
N ALA B 458 -42.83 -25.17 -5.14
CA ALA B 458 -44.10 -25.88 -5.14
C ALA B 458 -44.32 -26.69 -6.42
N THR B 459 -44.08 -26.06 -7.57
CA THR B 459 -44.31 -26.71 -8.85
C THR B 459 -43.15 -27.63 -9.24
N ASN B 460 -42.04 -27.54 -8.50
CA ASN B 460 -40.84 -28.33 -8.77
C ASN B 460 -40.32 -28.09 -10.19
N GLY B 461 -40.24 -26.82 -10.56
CA GLY B 461 -39.77 -26.44 -11.88
C GLY B 461 -39.89 -24.95 -12.11
N LEU B 462 -39.22 -24.46 -13.15
CA LEU B 462 -39.20 -23.03 -13.43
C LEU B 462 -40.36 -22.57 -14.29
N PRO B 463 -41.12 -21.57 -13.80
CA PRO B 463 -42.14 -20.93 -14.64
C PRO B 463 -41.48 -20.11 -15.74
N ASP B 464 -42.10 -20.03 -16.91
CA ASP B 464 -41.52 -19.27 -18.01
C ASP B 464 -41.86 -17.79 -17.87
N LEU B 465 -40.82 -16.97 -17.73
CA LEU B 465 -40.97 -15.55 -17.47
C LEU B 465 -41.59 -14.80 -18.64
N MET C 1 47.12 10.45 -18.74
CA MET C 1 46.15 9.68 -19.51
C MET C 1 45.06 10.57 -20.10
N PHE C 2 44.61 11.55 -19.31
CA PHE C 2 43.54 12.44 -19.72
C PHE C 2 44.05 13.59 -20.60
N PRO C 3 43.14 14.22 -21.37
CA PRO C 3 43.49 15.40 -22.20
C PRO C 3 44.11 16.55 -21.42
N ASP C 4 44.64 17.52 -22.14
CA ASP C 4 45.44 18.60 -21.56
C ASP C 4 44.57 19.66 -20.86
N GLY C 5 43.42 19.96 -21.44
CA GLY C 5 42.55 20.99 -20.89
C GLY C 5 41.34 20.43 -20.17
N PHE C 6 41.44 19.16 -19.77
CA PHE C 6 40.34 18.49 -19.08
C PHE C 6 40.02 19.19 -17.76
N VAL C 7 38.73 19.26 -17.44
CA VAL C 7 38.27 19.98 -16.26
C VAL C 7 37.91 19.03 -15.12
N TRP C 8 38.69 19.09 -14.04
CA TRP C 8 38.39 18.30 -12.85
C TRP C 8 37.59 19.13 -11.85
N GLY C 9 36.61 18.52 -11.21
CA GLY C 9 35.78 19.22 -10.26
C GLY C 9 34.91 18.35 -9.38
N THR C 10 34.01 18.99 -8.63
CA THR C 10 33.09 18.30 -7.75
C THR C 10 31.78 19.08 -7.65
N SER C 11 30.70 18.38 -7.35
CA SER C 11 29.37 18.99 -7.39
C SER C 11 28.67 19.00 -6.04
N THR C 12 27.92 20.07 -5.78
CA THR C 12 27.07 20.17 -4.59
C THR C 12 25.73 20.79 -4.96
N ALA C 13 24.86 20.96 -3.97
CA ALA C 13 23.60 21.65 -4.18
C ALA C 13 23.42 22.74 -3.14
N ALA C 14 22.23 23.32 -3.09
CA ALA C 14 21.94 24.38 -2.12
C ALA C 14 21.39 23.79 -0.83
N TYR C 15 20.24 23.14 -0.93
CA TYR C 15 19.54 22.62 0.25
C TYR C 15 20.33 21.53 0.96
N GLN C 16 21.23 20.88 0.23
CA GLN C 16 21.93 19.71 0.75
C GLN C 16 23.11 20.05 1.67
N ILE C 17 23.68 21.24 1.53
CA ILE C 17 24.86 21.59 2.32
C ILE C 17 24.75 22.92 3.07
N GLU C 18 23.94 23.84 2.54
CA GLU C 18 23.92 25.21 3.08
C GLU C 18 23.37 25.29 4.50
N GLY C 19 22.21 24.70 4.73
CA GLY C 19 21.51 24.91 5.99
C GLY C 19 20.99 26.34 6.01
N ALA C 20 20.87 26.90 7.21
CA ALA C 20 20.39 28.28 7.38
C ALA C 20 19.13 28.55 6.57
N VAL C 21 18.10 27.74 6.81
CA VAL C 21 16.90 27.74 5.99
C VAL C 21 16.02 28.97 6.20
N ALA C 22 16.21 29.67 7.32
CA ALA C 22 15.39 30.84 7.63
C ALA C 22 16.24 32.09 7.76
N GLU C 23 17.54 31.95 7.57
CA GLU C 23 18.46 33.07 7.72
C GLU C 23 18.49 33.96 6.48
N ASP C 24 18.56 35.27 6.71
CA ASP C 24 18.65 36.27 5.65
C ASP C 24 17.43 36.21 4.73
N GLY C 25 16.26 35.98 5.32
CA GLY C 25 15.00 36.07 4.62
C GLY C 25 14.69 34.96 3.64
N ARG C 26 15.29 33.79 3.84
CA ARG C 26 15.02 32.65 2.96
C ARG C 26 13.70 31.98 3.34
N THR C 27 12.75 31.97 2.41
CA THR C 27 11.48 31.30 2.61
C THR C 27 11.64 29.79 2.43
N PRO C 28 10.73 29.00 3.01
CA PRO C 28 10.82 27.54 2.82
C PRO C 28 10.54 27.11 1.38
N SER C 29 11.36 26.19 0.87
CA SER C 29 11.13 25.61 -0.44
C SER C 29 10.23 24.39 -0.29
N ILE C 30 10.02 23.67 -1.38
CA ILE C 30 9.16 22.48 -1.34
C ILE C 30 9.83 21.36 -0.56
N TRP C 31 11.14 21.45 -0.39
CA TRP C 31 11.88 20.42 0.35
C TRP C 31 11.90 20.70 1.85
N ASP C 32 11.70 21.97 2.21
CA ASP C 32 11.50 22.32 3.61
C ASP C 32 10.22 21.67 4.10
N THR C 33 9.15 21.83 3.32
CA THR C 33 7.83 21.32 3.70
C THR C 33 7.70 19.81 3.51
N PHE C 34 8.42 19.26 2.54
CA PHE C 34 8.33 17.82 2.26
C PHE C 34 9.07 17.00 3.32
N SER C 35 10.19 17.54 3.80
CA SER C 35 11.00 16.84 4.80
C SER C 35 10.33 16.87 6.17
N ARG C 36 9.66 17.98 6.47
CA ARG C 36 8.97 18.13 7.75
C ARG C 36 7.65 17.36 7.75
N THR C 37 7.28 16.82 6.60
CA THR C 37 6.10 15.98 6.50
C THR C 37 6.42 14.60 7.08
N LYS C 38 5.49 14.05 7.83
CA LYS C 38 5.72 12.80 8.55
C LYS C 38 5.84 11.60 7.60
N GLY C 39 6.94 10.86 7.72
CA GLY C 39 7.12 9.64 6.97
C GLY C 39 7.69 9.80 5.57
N LYS C 40 8.24 10.97 5.28
CA LYS C 40 8.75 11.25 3.94
C LYS C 40 10.27 11.16 3.86
N VAL C 41 10.94 11.40 4.98
CA VAL C 41 12.39 11.32 5.04
C VAL C 41 12.83 10.44 6.21
N VAL C 42 13.93 9.72 6.04
CA VAL C 42 14.47 8.86 7.09
C VAL C 42 14.84 9.72 8.31
N ASN C 43 14.52 9.09 9.44
CA ASN C 43 14.11 9.62 10.74
C ASN C 43 14.06 11.15 10.75
N GLY C 44 13.14 11.64 9.93
CA GLY C 44 12.67 13.01 9.95
C GLY C 44 13.74 14.05 9.71
N ASP C 45 14.82 13.65 9.06
CA ASP C 45 15.92 14.56 8.79
C ASP C 45 15.46 15.67 7.85
N THR C 46 15.85 16.90 8.16
CA THR C 46 15.60 18.01 7.27
C THR C 46 16.92 18.70 6.95
N GLY C 47 16.88 19.69 6.07
CA GLY C 47 18.08 20.41 5.67
C GLY C 47 18.30 21.67 6.49
N ASP C 48 17.75 21.69 7.70
CA ASP C 48 17.83 22.88 8.55
C ASP C 48 19.27 23.24 8.90
N VAL C 49 20.09 22.25 9.21
CA VAL C 49 21.49 22.50 9.56
C VAL C 49 22.42 22.04 8.44
N ALA C 50 22.28 20.77 8.05
CA ALA C 50 23.11 20.16 7.01
C ALA C 50 24.59 20.28 7.31
N CYS C 51 25.38 20.60 6.29
CA CYS C 51 26.82 20.78 6.45
C CYS C 51 27.15 22.15 7.02
N ASP C 52 26.12 23.00 7.10
CA ASP C 52 26.27 24.39 7.53
C ASP C 52 27.26 25.10 6.62
N HIS C 53 27.04 24.97 5.32
CA HIS C 53 27.92 25.55 4.31
C HIS C 53 27.75 27.06 4.21
N TYR C 54 26.57 27.54 4.60
CA TYR C 54 26.24 28.96 4.51
C TYR C 54 27.14 29.80 5.42
N HIS C 55 27.56 29.20 6.53
CA HIS C 55 28.48 29.88 7.44
C HIS C 55 29.91 29.44 7.18
N ARG C 56 30.09 28.16 6.88
CA ARG C 56 31.40 27.60 6.62
C ARG C 56 31.70 27.53 5.12
N TRP C 57 31.45 28.61 4.41
CA TRP C 57 31.68 28.61 2.97
C TRP C 57 33.18 28.73 2.66
N GLU C 58 33.87 29.58 3.42
CA GLU C 58 35.29 29.81 3.17
C GLU C 58 36.12 28.57 3.50
N GLU C 59 35.65 27.79 4.47
CA GLU C 59 36.32 26.55 4.83
C GLU C 59 36.20 25.54 3.70
N ASP C 60 35.04 25.52 3.05
CA ASP C 60 34.81 24.59 1.95
C ASP C 60 35.50 25.05 0.67
N LEU C 61 35.72 26.35 0.53
CA LEU C 61 36.45 26.87 -0.60
C LEU C 61 37.93 26.54 -0.48
N ASP C 62 38.45 26.55 0.75
CA ASP C 62 39.84 26.20 1.00
C ASP C 62 40.10 24.74 0.67
N LEU C 63 39.14 23.88 0.98
CA LEU C 63 39.24 22.46 0.65
C LEU C 63 39.25 22.28 -0.86
N LEU C 64 38.47 23.10 -1.56
CA LEU C 64 38.43 23.08 -3.01
C LEU C 64 39.76 23.55 -3.60
N ALA C 65 40.35 24.55 -2.95
CA ALA C 65 41.65 25.06 -3.36
C ALA C 65 42.74 24.04 -3.06
N GLU C 66 42.60 23.35 -1.94
CA GLU C 66 43.57 22.34 -1.52
C GLU C 66 43.46 21.09 -2.39
N LEU C 67 42.26 20.83 -2.91
CA LEU C 67 42.02 19.70 -3.80
C LEU C 67 42.61 19.99 -5.17
N GLY C 68 42.69 21.27 -5.51
CA GLY C 68 43.32 21.70 -6.75
C GLY C 68 42.46 21.56 -7.99
N VAL C 69 41.15 21.45 -7.79
CA VAL C 69 40.21 21.29 -8.90
C VAL C 69 40.18 22.54 -9.78
N GLN C 70 39.84 22.34 -11.05
CA GLN C 70 39.71 23.44 -11.99
C GLN C 70 38.36 24.14 -11.83
N ALA C 71 37.34 23.37 -11.47
CA ALA C 71 35.99 23.90 -11.36
C ALA C 71 35.27 23.39 -10.11
N TYR C 72 34.29 24.16 -9.65
CA TYR C 72 33.43 23.74 -8.55
C TYR C 72 31.97 23.96 -8.91
N ARG C 73 31.23 22.87 -9.02
CA ARG C 73 29.81 22.96 -9.36
C ARG C 73 28.94 23.04 -8.12
N PHE C 74 28.04 24.02 -8.12
CA PHE C 74 27.09 24.20 -7.03
C PHE C 74 25.76 24.70 -7.57
N SER C 75 24.78 24.89 -6.68
CA SER C 75 23.48 25.37 -7.10
C SER C 75 23.08 26.61 -6.32
N VAL C 76 22.22 27.42 -6.93
CA VAL C 76 21.75 28.65 -6.31
C VAL C 76 20.32 28.50 -5.82
N ALA C 77 20.07 28.89 -4.57
CA ALA C 77 18.77 28.70 -3.95
C ALA C 77 17.78 29.77 -4.38
N TRP C 78 16.75 29.34 -5.12
CA TRP C 78 15.66 30.20 -5.53
C TRP C 78 15.01 30.96 -4.36
N PRO C 79 14.72 30.27 -3.23
CA PRO C 79 14.09 31.04 -2.15
C PRO C 79 15.03 32.03 -1.45
N ARG C 80 16.32 32.00 -1.75
CA ARG C 80 17.25 32.96 -1.17
C ARG C 80 17.26 34.26 -1.95
N ILE C 81 17.11 34.16 -3.26
CA ILE C 81 17.12 35.33 -4.13
C ILE C 81 15.73 35.94 -4.26
N HIS C 82 14.73 35.09 -4.48
CA HIS C 82 13.34 35.56 -4.53
C HIS C 82 12.46 34.81 -3.54
N PRO C 83 12.50 35.22 -2.26
CA PRO C 83 11.67 34.66 -1.19
C PRO C 83 10.20 34.83 -1.54
N ASP C 84 9.80 36.07 -1.75
CA ASP C 84 8.53 36.36 -2.39
C ASP C 84 8.76 36.36 -3.89
N VAL C 85 8.26 35.34 -4.55
CA VAL C 85 8.61 35.02 -5.94
C VAL C 85 8.48 36.20 -6.91
N THR C 86 7.41 36.97 -6.78
CA THR C 86 7.15 38.06 -7.71
C THR C 86 7.80 39.38 -7.26
N GLY C 87 8.25 39.41 -6.02
CA GLY C 87 8.83 40.62 -5.46
C GLY C 87 10.23 40.94 -5.96
N PRO C 88 10.93 41.85 -5.29
CA PRO C 88 12.29 42.25 -5.64
C PRO C 88 13.31 41.18 -5.27
N ALA C 89 14.55 41.37 -5.71
CA ALA C 89 15.62 40.42 -5.40
C ALA C 89 16.20 40.69 -4.01
N ASN C 90 16.26 39.65 -3.19
CA ASN C 90 16.89 39.73 -1.88
C ASN C 90 18.41 39.83 -2.02
N GLN C 91 18.97 41.00 -1.72
CA GLN C 91 20.38 41.24 -2.00
C GLN C 91 21.30 40.50 -1.04
N LYS C 92 20.78 40.17 0.15
CA LYS C 92 21.55 39.33 1.07
C LYS C 92 21.81 37.97 0.44
N GLY C 93 20.82 37.47 -0.28
CA GLY C 93 20.93 36.21 -0.99
C GLY C 93 21.90 36.29 -2.15
N LEU C 94 21.93 37.46 -2.81
CA LEU C 94 22.85 37.69 -3.91
C LEU C 94 24.28 37.87 -3.41
N ASP C 95 24.41 38.45 -2.23
CA ASP C 95 25.73 38.72 -1.66
C ASP C 95 26.40 37.44 -1.16
N PHE C 96 25.60 36.44 -0.83
CA PHE C 96 26.16 35.15 -0.39
C PHE C 96 26.87 34.42 -1.53
N TYR C 97 26.22 34.38 -2.69
CA TYR C 97 26.77 33.66 -3.83
C TYR C 97 27.82 34.51 -4.53
N GLN C 98 27.74 35.81 -4.34
CA GLN C 98 28.68 36.73 -4.96
C GLN C 98 30.08 36.52 -4.40
N ARG C 99 30.17 36.56 -3.09
CA ARG C 99 31.45 36.38 -2.40
C ARG C 99 31.90 34.93 -2.55
N LEU C 100 30.96 34.04 -2.82
CA LEU C 100 31.27 32.64 -3.05
C LEU C 100 31.96 32.48 -4.40
N ILE C 101 31.44 33.19 -5.41
CA ILE C 101 31.96 33.10 -6.77
C ILE C 101 33.34 33.73 -6.90
N ASP C 102 33.50 34.95 -6.40
CA ASP C 102 34.79 35.63 -6.44
C ASP C 102 35.75 35.04 -5.42
N GLY C 103 35.21 34.30 -4.46
CA GLY C 103 36.03 33.53 -3.55
C GLY C 103 36.67 32.39 -4.32
N LEU C 104 35.88 31.77 -5.17
CA LEU C 104 36.36 30.73 -6.07
C LEU C 104 37.33 31.30 -7.11
N ARG C 105 36.94 32.42 -7.71
CA ARG C 105 37.74 33.06 -8.75
C ARG C 105 39.09 33.55 -8.22
N ASP C 106 39.14 33.88 -6.93
CA ASP C 106 40.38 34.27 -6.29
C ASP C 106 41.31 33.07 -6.17
N ARG C 107 40.72 31.90 -5.91
CA ARG C 107 41.49 30.67 -5.76
C ARG C 107 41.67 29.97 -7.10
N ASN C 108 41.36 30.68 -8.19
CA ASN C 108 41.41 30.14 -9.54
C ASN C 108 40.59 28.86 -9.69
N ILE C 109 39.30 28.95 -9.38
CA ILE C 109 38.38 27.84 -9.54
C ILE C 109 37.17 28.30 -10.36
N ILE C 110 36.86 27.56 -11.41
CA ILE C 110 35.72 27.90 -12.27
C ILE C 110 34.39 27.64 -11.57
N PRO C 111 33.58 28.70 -11.40
CA PRO C 111 32.25 28.51 -10.83
C PRO C 111 31.26 27.98 -11.87
N LEU C 112 30.65 26.84 -11.56
CA LEU C 112 29.63 26.26 -12.44
C LEU C 112 28.30 26.19 -11.70
N PRO C 113 27.58 27.32 -11.64
CA PRO C 113 26.34 27.40 -10.86
C PRO C 113 25.13 26.81 -11.57
N THR C 114 24.32 26.07 -10.82
CA THR C 114 23.05 25.56 -11.32
C THR C 114 21.93 26.47 -10.79
N MET C 115 21.01 26.84 -11.66
CA MET C 115 19.92 27.73 -11.26
C MET C 115 18.90 27.01 -10.38
N TYR C 116 18.49 25.81 -10.79
CA TYR C 116 17.46 25.08 -10.09
C TYR C 116 17.93 23.68 -9.68
N HIS C 117 18.00 23.45 -8.37
CA HIS C 117 18.34 22.12 -7.86
C HIS C 117 17.24 21.64 -6.91
N TRP C 118 16.02 21.58 -7.44
CA TRP C 118 14.85 20.98 -6.79
C TRP C 118 14.23 21.84 -5.69
N ASP C 119 14.84 22.98 -5.38
CA ASP C 119 14.32 23.83 -4.31
C ASP C 119 13.35 24.90 -4.83
N LEU C 120 12.17 24.46 -5.26
CA LEU C 120 11.11 25.35 -5.70
C LEU C 120 10.46 26.05 -4.51
N PRO C 121 10.24 27.37 -4.61
CA PRO C 121 9.53 28.12 -3.58
C PRO C 121 8.16 27.51 -3.27
N GLN C 122 7.81 27.44 -1.99
CA GLN C 122 6.59 26.76 -1.56
C GLN C 122 5.33 27.45 -2.09
N ALA C 123 5.42 28.75 -2.32
CA ALA C 123 4.29 29.51 -2.85
C ALA C 123 3.86 29.00 -4.21
N LEU C 124 4.85 28.71 -5.07
CA LEU C 124 4.57 28.23 -6.42
C LEU C 124 3.97 26.83 -6.40
N GLU C 125 4.28 26.06 -5.36
CA GLU C 125 3.72 24.70 -5.23
C GLU C 125 2.27 24.77 -4.81
N ASP C 126 1.91 25.82 -4.08
CA ASP C 126 0.52 26.05 -3.70
C ASP C 126 -0.33 26.30 -4.94
N GLU C 127 0.31 26.84 -5.98
CA GLU C 127 -0.37 27.18 -7.22
C GLU C 127 -0.24 26.07 -8.26
N GLY C 128 0.04 24.86 -7.80
CA GLY C 128 0.13 23.72 -8.70
C GLY C 128 1.56 23.26 -8.96
N GLY C 129 2.52 24.14 -8.73
CA GLY C 129 3.91 23.81 -8.98
C GLY C 129 4.20 23.67 -10.47
N TRP C 130 4.98 22.67 -10.83
CA TRP C 130 5.36 22.45 -12.21
C TRP C 130 4.22 21.90 -13.07
N ILE C 131 3.12 21.56 -12.41
CA ILE C 131 1.92 21.10 -13.11
C ILE C 131 1.40 22.19 -14.04
N VAL C 132 1.42 23.43 -13.56
CA VAL C 132 0.91 24.56 -14.33
C VAL C 132 2.04 25.34 -15.02
N ARG C 133 1.71 25.97 -16.13
CA ARG C 133 2.68 26.67 -16.96
C ARG C 133 3.32 27.87 -16.24
N ASP C 134 2.57 28.49 -15.34
CA ASP C 134 2.99 29.73 -14.69
C ASP C 134 4.28 29.61 -13.89
N THR C 135 4.58 28.40 -13.42
CA THR C 135 5.81 28.17 -12.67
C THR C 135 7.04 28.35 -13.55
N ALA C 136 6.93 27.86 -14.79
CA ALA C 136 8.02 27.97 -15.75
C ALA C 136 8.33 29.43 -16.09
N LEU C 137 7.31 30.27 -16.02
CA LEU C 137 7.48 31.69 -16.29
C LEU C 137 8.21 32.39 -15.14
N ARG C 138 7.87 32.00 -13.92
CA ARG C 138 8.51 32.58 -12.73
C ARG C 138 9.95 32.12 -12.59
N PHE C 139 10.28 30.99 -13.20
CA PHE C 139 11.66 30.55 -13.26
C PHE C 139 12.46 31.46 -14.18
N ALA C 140 11.83 31.86 -15.29
CA ALA C 140 12.46 32.72 -16.27
C ALA C 140 12.81 34.08 -15.68
N ASP C 141 11.93 34.59 -14.82
CA ASP C 141 12.18 35.84 -14.11
C ASP C 141 13.33 35.65 -13.12
N TYR C 142 13.33 34.52 -12.44
CA TYR C 142 14.41 34.16 -11.52
C TYR C 142 15.71 33.98 -12.30
N ALA C 143 15.65 33.17 -13.36
CA ALA C 143 16.80 32.92 -14.21
C ALA C 143 17.41 34.22 -14.72
N ALA C 144 16.55 35.15 -15.13
CA ALA C 144 16.99 36.45 -15.61
C ALA C 144 17.66 37.26 -14.51
N THR C 145 17.16 37.10 -13.29
CA THR C 145 17.70 37.83 -12.14
C THR C 145 19.11 37.36 -11.81
N VAL C 146 19.31 36.04 -11.81
CA VAL C 146 20.61 35.48 -11.45
C VAL C 146 21.61 35.67 -12.59
N LEU C 147 21.12 35.75 -13.81
CA LEU C 147 21.98 36.00 -14.97
C LEU C 147 22.53 37.41 -14.96
N GLU C 148 21.75 38.35 -14.42
CA GLU C 148 22.12 39.76 -14.43
C GLU C 148 22.90 40.16 -13.18
N LYS C 149 22.44 39.68 -12.03
CA LYS C 149 22.98 40.14 -10.74
C LYS C 149 24.30 39.49 -10.35
N LEU C 150 24.49 38.21 -10.68
CA LEU C 150 25.71 37.50 -10.30
C LEU C 150 26.75 37.53 -11.41
N ASP C 151 27.85 38.21 -11.15
CA ASP C 151 28.95 38.32 -12.09
C ASP C 151 29.97 37.19 -11.90
N GLY C 152 30.94 37.11 -12.80
CA GLY C 152 32.01 36.14 -12.67
C GLY C 152 31.63 34.75 -13.15
N ILE C 153 30.53 34.64 -13.88
CA ILE C 153 30.07 33.35 -14.38
C ILE C 153 30.18 33.26 -15.89
N ASP C 154 30.96 32.29 -16.37
CA ASP C 154 31.14 32.09 -17.81
C ASP C 154 30.27 30.96 -18.33
N LYS C 155 29.95 30.01 -17.45
CA LYS C 155 29.10 28.88 -17.81
C LYS C 155 27.94 28.73 -16.82
N TRP C 156 26.73 28.64 -17.37
CA TRP C 156 25.53 28.52 -16.55
C TRP C 156 24.82 27.19 -16.76
N THR C 157 24.20 26.68 -15.70
CA THR C 157 23.38 25.49 -15.78
C THR C 157 21.96 25.84 -15.36
N THR C 158 20.98 25.53 -16.22
CA THR C 158 19.59 25.83 -15.90
C THR C 158 19.04 24.86 -14.86
N PHE C 159 18.94 23.59 -15.24
CA PHE C 159 18.35 22.58 -14.37
C PHE C 159 19.30 21.43 -14.06
N ASN C 160 19.04 20.75 -12.94
CA ASN C 160 19.73 19.53 -12.61
C ASN C 160 18.74 18.40 -12.37
N GLU C 161 18.76 17.41 -13.27
CA GLU C 161 17.87 16.26 -13.20
C GLU C 161 16.40 16.65 -13.15
N PRO C 162 15.86 17.17 -14.27
CA PRO C 162 14.43 17.50 -14.32
C PRO C 162 13.56 16.25 -14.28
N TRP C 163 14.16 15.09 -14.58
CA TRP C 163 13.45 13.83 -14.48
C TRP C 163 13.08 13.54 -13.03
N THR C 164 14.02 13.79 -12.13
CA THR C 164 13.82 13.53 -10.71
C THR C 164 12.87 14.56 -10.10
N SER C 165 12.94 15.79 -10.58
CA SER C 165 12.03 16.84 -10.13
C SER C 165 10.59 16.49 -10.48
N ALA C 166 10.39 15.99 -11.69
CA ALA C 166 9.05 15.72 -12.19
C ALA C 166 8.51 14.37 -11.73
N TRP C 167 9.20 13.30 -12.10
CA TRP C 167 8.66 11.95 -11.97
C TRP C 167 8.75 11.39 -10.55
N LEU C 168 9.84 11.68 -9.85
CA LEU C 168 9.95 11.26 -8.46
C LEU C 168 9.23 12.25 -7.55
N GLY C 169 8.98 13.45 -8.07
CA GLY C 169 8.33 14.50 -7.31
C GLY C 169 6.83 14.52 -7.44
N TYR C 170 6.32 14.35 -8.66
CA TYR C 170 4.90 14.45 -8.91
C TYR C 170 4.28 13.11 -9.31
N GLY C 171 5.12 12.17 -9.71
CA GLY C 171 4.65 10.89 -10.21
C GLY C 171 4.70 9.76 -9.21
N TYR C 172 5.87 9.54 -8.63
CA TYR C 172 6.05 8.41 -7.71
C TYR C 172 5.92 8.85 -6.25
N GLY C 173 6.05 10.15 -6.01
CA GLY C 173 5.79 10.72 -4.70
C GLY C 173 6.86 10.48 -3.65
N HIS C 174 8.07 10.17 -4.08
CA HIS C 174 9.17 9.91 -3.16
C HIS C 174 9.95 11.20 -2.85
N HIS C 175 9.95 12.13 -3.79
CA HIS C 175 10.62 13.41 -3.60
C HIS C 175 9.62 14.55 -3.53
N ALA C 176 10.11 15.75 -3.19
CA ALA C 176 9.28 16.94 -3.15
C ALA C 176 8.71 17.23 -4.53
N PRO C 177 7.43 17.64 -4.61
CA PRO C 177 6.51 17.88 -3.48
C PRO C 177 5.85 16.62 -2.92
N GLY C 178 5.78 15.55 -3.71
CA GLY C 178 5.31 14.27 -3.19
C GLY C 178 3.99 13.77 -3.72
N ARG C 179 3.57 14.25 -4.89
CA ARG C 179 2.31 13.80 -5.48
C ARG C 179 2.47 12.44 -6.15
N THR C 180 1.36 11.72 -6.29
CA THR C 180 1.35 10.45 -7.02
C THR C 180 0.33 10.50 -8.15
N ASP C 181 0.68 11.24 -9.20
CA ASP C 181 -0.19 11.42 -10.35
C ASP C 181 0.64 11.46 -11.63
N ILE C 182 0.32 10.59 -12.57
CA ILE C 182 1.08 10.51 -13.82
C ILE C 182 0.87 11.75 -14.68
N GLY C 183 -0.36 12.27 -14.67
CA GLY C 183 -0.69 13.46 -15.41
C GLY C 183 0.05 14.68 -14.90
N ALA C 184 0.28 14.71 -13.60
CA ALA C 184 1.00 15.82 -12.97
C ALA C 184 2.46 15.83 -13.40
N ALA C 185 3.12 14.68 -13.29
CA ALA C 185 4.53 14.56 -13.62
C ALA C 185 4.79 14.70 -15.12
N ALA C 186 3.87 14.18 -15.92
CA ALA C 186 3.98 14.30 -17.37
C ALA C 186 3.87 15.76 -17.79
N ALA C 187 3.06 16.52 -17.04
CA ALA C 187 2.91 17.95 -17.28
C ALA C 187 4.12 18.71 -16.74
N ALA C 188 4.66 18.24 -15.61
CA ALA C 188 5.85 18.83 -15.02
C ALA C 188 7.06 18.59 -15.91
N THR C 189 7.06 17.45 -16.60
CA THR C 189 8.11 17.11 -17.55
C THR C 189 8.23 18.19 -18.63
N HIS C 190 7.09 18.61 -19.15
CA HIS C 190 7.05 19.59 -20.24
C HIS C 190 7.44 20.99 -19.77
N HIS C 191 6.98 21.37 -18.57
CA HIS C 191 7.20 22.72 -18.07
C HIS C 191 8.62 22.92 -17.55
N LEU C 192 9.29 21.83 -17.19
CA LEU C 192 10.68 21.90 -16.79
C LEU C 192 11.56 22.13 -18.02
N LEU C 193 11.23 21.45 -19.12
CA LEU C 193 11.93 21.67 -20.38
C LEU C 193 11.60 23.05 -20.92
N LEU C 194 10.37 23.50 -20.69
CA LEU C 194 9.94 24.82 -21.10
C LEU C 194 10.72 25.90 -20.36
N ALA C 195 10.80 25.76 -19.04
CA ALA C 195 11.53 26.71 -18.20
C ALA C 195 13.00 26.75 -18.55
N HIS C 196 13.55 25.59 -18.90
CA HIS C 196 14.93 25.49 -19.35
C HIS C 196 15.14 26.28 -20.63
N GLY C 197 14.22 26.13 -21.56
CA GLY C 197 14.27 26.86 -22.82
C GLY C 197 14.18 28.35 -22.61
N LEU C 198 13.32 28.76 -21.68
CA LEU C 198 13.17 30.17 -21.35
C LEU C 198 14.44 30.73 -20.71
N GLY C 199 15.11 29.88 -19.92
CA GLY C 199 16.36 30.26 -19.29
C GLY C 199 17.47 30.45 -20.31
N VAL C 200 17.50 29.57 -21.31
CA VAL C 200 18.48 29.67 -22.38
C VAL C 200 18.23 30.93 -23.22
N GLN C 201 16.96 31.20 -23.49
CA GLN C 201 16.59 32.42 -24.21
C GLN C 201 16.93 33.67 -23.40
N ALA C 202 16.73 33.58 -22.09
CA ALA C 202 17.07 34.69 -21.20
C ALA C 202 18.58 34.89 -21.17
N ALA C 203 19.33 33.82 -21.38
CA ALA C 203 20.78 33.88 -21.41
C ALA C 203 21.26 34.63 -22.64
N ARG C 204 20.69 34.30 -23.80
CA ARG C 204 21.09 34.94 -25.05
C ARG C 204 20.69 36.40 -25.06
N ALA C 205 19.68 36.75 -24.26
CA ALA C 205 19.21 38.12 -24.17
C ALA C 205 20.12 38.96 -23.30
N ILE C 206 20.34 38.52 -22.07
CA ILE C 206 21.09 39.30 -21.09
C ILE C 206 22.60 39.15 -21.25
N ARG C 207 23.09 37.92 -21.21
CA ARG C 207 24.52 37.66 -21.36
C ARG C 207 24.82 36.86 -22.62
N PRO C 208 24.94 37.54 -23.77
CA PRO C 208 25.15 36.88 -25.07
C PRO C 208 26.50 36.19 -25.18
N HIS C 209 27.41 36.48 -24.25
CA HIS C 209 28.75 35.90 -24.27
C HIS C 209 28.82 34.54 -23.59
N VAL C 210 28.26 34.46 -22.38
CA VAL C 210 28.38 33.27 -21.55
C VAL C 210 27.74 32.03 -22.17
N GLU C 211 28.23 30.86 -21.79
CA GLU C 211 27.70 29.60 -22.26
C GLU C 211 26.63 29.11 -21.28
N ILE C 212 25.70 28.29 -21.77
CA ILE C 212 24.64 27.77 -20.91
C ILE C 212 24.06 26.46 -21.44
N GLY C 213 23.64 25.59 -20.52
CA GLY C 213 23.01 24.34 -20.86
C GLY C 213 22.26 23.81 -19.65
N LEU C 214 21.95 22.52 -19.66
CA LEU C 214 21.29 21.89 -18.53
C LEU C 214 21.99 20.60 -18.13
N THR C 215 21.52 19.98 -17.06
CA THR C 215 22.09 18.72 -16.59
C THR C 215 21.02 17.64 -16.47
N LEU C 216 21.21 16.55 -17.19
CA LEU C 216 20.26 15.44 -17.19
C LEU C 216 20.83 14.22 -16.49
N ASN C 217 19.97 13.47 -15.80
CA ASN C 217 20.39 12.18 -15.27
C ASN C 217 19.96 11.06 -16.23
N LEU C 218 20.80 10.81 -17.22
CA LEU C 218 20.53 9.78 -18.21
C LEU C 218 20.88 8.40 -17.66
N GLY C 219 20.36 7.36 -18.30
CA GLY C 219 20.58 6.01 -17.83
C GLY C 219 20.71 4.99 -18.95
N VAL C 220 21.49 3.94 -18.69
CA VAL C 220 21.66 2.87 -19.66
C VAL C 220 20.80 1.67 -19.26
N LEU C 221 19.79 1.40 -20.07
CA LEU C 221 18.83 0.33 -19.75
C LEU C 221 19.02 -0.87 -20.68
N ARG C 222 18.94 -2.06 -20.11
CA ARG C 222 19.19 -3.29 -20.85
C ARG C 222 18.07 -4.30 -20.65
N PRO C 223 17.75 -5.08 -21.70
CA PRO C 223 16.77 -6.15 -21.59
C PRO C 223 17.28 -7.30 -20.72
N GLY C 224 16.40 -7.90 -19.93
CA GLY C 224 16.74 -9.07 -19.13
C GLY C 224 16.79 -10.28 -20.02
N THR C 225 15.81 -10.38 -20.92
CA THR C 225 15.80 -11.41 -21.95
C THR C 225 15.68 -10.74 -23.31
N THR C 226 15.77 -11.54 -24.37
CA THR C 226 15.62 -11.00 -25.71
C THR C 226 14.20 -11.20 -26.23
N GLU C 227 13.32 -11.64 -25.33
CA GLU C 227 11.90 -11.70 -25.64
C GLU C 227 11.42 -10.28 -25.89
N ASP C 228 10.58 -10.11 -26.90
CA ASP C 228 10.17 -8.76 -27.28
C ASP C 228 9.28 -8.11 -26.23
N GLN C 229 8.61 -8.93 -25.42
CA GLN C 229 7.84 -8.41 -24.29
C GLN C 229 8.73 -7.59 -23.37
N ASP C 230 9.97 -8.05 -23.19
CA ASP C 230 10.93 -7.38 -22.34
C ASP C 230 11.70 -6.28 -23.06
N VAL C 231 11.93 -6.48 -24.36
CA VAL C 231 12.63 -5.49 -25.16
C VAL C 231 11.78 -4.23 -25.31
N GLU C 232 10.49 -4.41 -25.58
CA GLU C 232 9.56 -3.28 -25.64
C GLU C 232 9.49 -2.57 -24.28
N ALA C 233 9.53 -3.35 -23.21
CA ALA C 233 9.46 -2.81 -21.86
C ALA C 233 10.66 -1.92 -21.54
N THR C 234 11.83 -2.36 -21.99
CA THR C 234 13.06 -1.58 -21.80
C THR C 234 12.98 -0.29 -22.60
N TRP C 235 12.37 -0.36 -23.78
CA TRP C 235 12.25 0.79 -24.65
C TRP C 235 11.31 1.83 -24.05
N ARG C 236 10.26 1.37 -23.38
CA ARG C 236 9.34 2.27 -22.68
C ARG C 236 10.07 2.97 -21.53
N ALA C 237 10.87 2.20 -20.80
CA ALA C 237 11.65 2.75 -19.71
C ALA C 237 12.70 3.72 -20.23
N ASP C 238 13.29 3.37 -21.37
CA ASP C 238 14.31 4.22 -22.01
C ASP C 238 13.71 5.55 -22.43
N GLY C 239 12.44 5.55 -22.80
CA GLY C 239 11.75 6.76 -23.22
C GLY C 239 11.52 7.71 -22.05
N ASN C 240 11.08 7.15 -20.93
CA ASN C 240 10.81 7.94 -19.72
C ASN C 240 12.10 8.52 -19.13
N GLN C 241 13.17 7.74 -19.17
CA GLN C 241 14.43 8.14 -18.56
C GLN C 241 15.21 9.11 -19.44
N ASN C 242 15.38 8.78 -20.71
CA ASN C 242 16.27 9.52 -21.59
C ASN C 242 15.59 10.32 -22.70
N ARG C 243 14.71 9.66 -23.45
CA ARG C 243 14.29 10.17 -24.76
C ARG C 243 13.28 11.32 -24.76
N ILE C 244 12.43 11.43 -23.74
CA ILE C 244 11.48 12.54 -23.69
C ILE C 244 12.17 13.82 -23.24
N TRP C 245 13.46 13.73 -22.97
CA TRP C 245 14.27 14.89 -22.62
C TRP C 245 15.22 15.20 -23.77
N LEU C 246 15.92 14.17 -24.25
CA LEU C 246 16.90 14.33 -25.31
C LEU C 246 16.28 14.75 -26.64
N ASP C 247 15.15 14.15 -27.00
CA ASP C 247 14.52 14.44 -28.28
C ASP C 247 13.96 15.86 -28.36
N PRO C 248 13.21 16.34 -27.34
CA PRO C 248 12.82 17.75 -27.46
C PRO C 248 13.99 18.71 -27.43
N LEU C 249 15.05 18.36 -26.70
CA LEU C 249 16.21 19.24 -26.57
C LEU C 249 17.03 19.36 -27.84
N PHE C 250 17.19 18.24 -28.56
CA PHE C 250 18.09 18.23 -29.71
C PHE C 250 17.36 17.97 -31.03
N LYS C 251 16.33 17.13 -30.99
CA LYS C 251 15.54 16.86 -32.20
C LYS C 251 14.46 17.91 -32.38
N GLY C 252 13.91 18.41 -31.27
CA GLY C 252 12.89 19.44 -31.31
C GLY C 252 11.49 18.86 -31.35
N GLU C 253 11.34 17.65 -30.83
CA GLU C 253 10.06 16.95 -30.85
C GLU C 253 10.02 15.86 -29.78
N TYR C 254 8.82 15.55 -29.29
CA TYR C 254 8.66 14.46 -28.35
C TYR C 254 8.64 13.13 -29.10
N PRO C 255 9.02 12.03 -28.41
CA PRO C 255 8.94 10.72 -29.04
C PRO C 255 7.49 10.30 -29.25
N ALA C 256 7.18 9.78 -30.44
CA ALA C 256 5.81 9.37 -30.75
C ALA C 256 5.30 8.30 -29.81
N ASP C 257 6.17 7.35 -29.46
CA ASP C 257 5.77 6.22 -28.63
C ASP C 257 5.49 6.61 -27.18
N MET C 258 6.18 7.64 -26.71
CA MET C 258 6.00 8.08 -25.33
C MET C 258 4.78 8.98 -25.19
N ILE C 259 4.47 9.73 -26.25
CA ILE C 259 3.25 10.52 -26.29
C ILE C 259 2.05 9.60 -26.35
N GLU C 260 2.17 8.53 -27.12
CA GLU C 260 1.12 7.52 -27.22
C GLU C 260 0.93 6.83 -25.88
N HIS C 261 2.03 6.67 -25.14
CA HIS C 261 1.99 6.03 -23.83
C HIS C 261 1.35 6.94 -22.80
N TYR C 262 1.66 8.23 -22.87
CA TYR C 262 1.17 9.21 -21.90
C TYR C 262 0.01 10.04 -22.42
N SER C 263 -0.87 9.43 -23.22
CA SER C 263 -1.98 10.16 -23.79
C SER C 263 -3.20 10.18 -22.88
N ARG C 264 -3.40 9.10 -22.15
CA ARG C 264 -4.59 8.94 -21.32
C ARG C 264 -4.65 9.88 -20.12
N TRP C 265 -3.49 10.38 -19.70
CA TRP C 265 -3.42 11.17 -18.46
C TRP C 265 -3.56 12.67 -18.69
N THR C 266 -4.17 13.33 -17.71
CA THR C 266 -4.38 14.77 -17.74
C THR C 266 -3.84 15.41 -16.46
N PRO C 267 -3.24 16.61 -16.57
CA PRO C 267 -3.02 17.41 -17.78
C PRO C 267 -2.02 16.76 -18.74
N GLY C 268 -0.90 16.30 -18.19
CA GLY C 268 0.10 15.60 -18.98
C GLY C 268 0.63 16.42 -20.14
N PHE C 269 0.61 15.82 -21.33
CA PHE C 269 1.15 16.47 -22.51
C PHE C 269 0.06 17.23 -23.29
N HIS C 270 -1.02 17.57 -22.60
CA HIS C 270 -2.00 18.51 -23.13
C HIS C 270 -1.46 19.93 -22.93
N THR C 271 -0.42 20.04 -22.12
CA THR C 271 0.20 21.32 -21.80
C THR C 271 1.12 21.80 -22.92
N VAL C 272 1.40 20.92 -23.87
CA VAL C 272 2.26 21.25 -25.01
C VAL C 272 1.51 22.14 -25.99
N GLN C 273 2.14 23.22 -26.42
CA GLN C 273 1.51 24.15 -27.35
C GLN C 273 2.37 24.38 -28.60
N ASN C 274 1.73 24.87 -29.66
CA ASN C 274 2.45 25.19 -30.90
C ASN C 274 3.46 26.32 -30.68
N GLY C 275 4.70 25.93 -30.45
CA GLY C 275 5.77 26.90 -30.22
C GLY C 275 6.69 26.46 -29.10
N ASP C 276 6.15 25.70 -28.14
CA ASP C 276 6.89 25.25 -26.98
C ASP C 276 8.12 24.43 -27.34
N LEU C 277 7.98 23.52 -28.30
CA LEU C 277 9.07 22.67 -28.72
C LEU C 277 10.21 23.48 -29.36
N GLU C 278 9.86 24.63 -29.93
CA GLU C 278 10.86 25.51 -30.52
C GLU C 278 11.61 26.30 -29.45
N ILE C 279 10.98 26.43 -28.27
CA ILE C 279 11.63 27.10 -27.15
C ILE C 279 12.51 26.12 -26.39
N ILE C 280 12.01 24.91 -26.19
CA ILE C 280 12.74 23.84 -25.53
C ILE C 280 14.05 23.53 -26.26
N SER C 281 14.01 23.59 -27.58
CA SER C 281 15.13 23.20 -28.41
C SER C 281 16.11 24.35 -28.69
N SER C 282 15.95 25.45 -27.96
CA SER C 282 16.85 26.59 -28.10
C SER C 282 18.30 26.14 -27.88
N PRO C 283 19.18 26.48 -28.84
CA PRO C 283 20.55 25.96 -28.89
C PRO C 283 21.34 26.17 -27.60
N ILE C 284 21.86 25.08 -27.05
CA ILE C 284 22.67 25.13 -25.84
C ILE C 284 24.13 24.83 -26.16
N ASP C 285 25.03 25.29 -25.30
CA ASP C 285 26.45 25.20 -25.56
C ASP C 285 27.06 23.88 -25.08
N PHE C 286 26.50 23.31 -24.03
CA PHE C 286 26.98 22.02 -23.52
C PHE C 286 25.86 21.22 -22.86
N LEU C 287 26.20 20.02 -22.40
CA LEU C 287 25.25 19.14 -21.76
C LEU C 287 25.85 18.44 -20.54
N GLY C 288 25.27 18.65 -19.38
CA GLY C 288 25.73 18.00 -18.16
C GLY C 288 25.12 16.62 -18.00
N VAL C 289 25.96 15.62 -17.78
CA VAL C 289 25.50 14.24 -17.68
C VAL C 289 25.72 13.65 -16.29
N ASN C 290 24.62 13.26 -15.63
CA ASN C 290 24.68 12.58 -14.35
C ASN C 290 24.48 11.08 -14.50
N PHE C 291 25.51 10.31 -14.17
CA PHE C 291 25.42 8.85 -14.26
C PHE C 291 25.94 8.17 -13.01
N TYR C 292 25.29 7.07 -12.63
CA TYR C 292 25.69 6.33 -11.44
C TYR C 292 25.75 4.84 -11.71
N GLY C 293 24.86 4.34 -12.57
CA GLY C 293 24.84 2.93 -12.90
C GLY C 293 23.70 2.53 -13.80
N PRO C 294 23.83 1.39 -14.48
CA PRO C 294 22.80 0.85 -15.37
C PRO C 294 21.75 0.08 -14.59
N GLY C 295 20.72 -0.38 -15.30
CA GLY C 295 19.68 -1.20 -14.72
C GLY C 295 19.10 -2.14 -15.76
N THR C 296 19.02 -3.42 -15.42
CA THR C 296 18.47 -4.40 -16.34
C THR C 296 16.95 -4.43 -16.20
N VAL C 297 16.25 -4.17 -17.30
CA VAL C 297 14.81 -3.98 -17.26
C VAL C 297 14.05 -5.10 -17.97
N MET C 298 12.94 -5.52 -17.38
CA MET C 298 12.03 -6.48 -18.01
C MET C 298 10.60 -5.99 -17.89
N ASN C 299 9.66 -6.71 -18.49
CA ASN C 299 8.26 -6.32 -18.45
C ASN C 299 7.63 -6.58 -17.08
N VAL C 300 6.59 -5.81 -16.77
CA VAL C 300 5.89 -5.95 -15.50
C VAL C 300 5.27 -7.34 -15.38
N GLY C 301 5.34 -7.93 -14.20
CA GLY C 301 4.76 -9.25 -13.96
C GLY C 301 5.61 -10.37 -14.55
N ARG C 302 6.90 -10.11 -14.74
CA ARG C 302 7.81 -11.13 -15.22
C ARG C 302 8.92 -11.44 -14.22
N GLU C 303 8.54 -11.62 -12.96
CA GLU C 303 9.51 -11.98 -11.92
C GLU C 303 9.86 -13.46 -12.00
N ASP C 304 8.88 -14.28 -12.39
CA ASP C 304 9.10 -15.71 -12.50
C ASP C 304 10.06 -16.03 -13.64
N ALA C 305 10.00 -15.23 -14.70
CA ALA C 305 10.87 -15.40 -15.86
C ALA C 305 12.22 -14.73 -15.63
N ALA C 306 12.23 -13.74 -14.74
CA ALA C 306 13.45 -13.01 -14.41
C ALA C 306 14.40 -13.89 -13.62
N ARG C 307 13.84 -14.68 -12.70
CA ARG C 307 14.64 -15.58 -11.90
C ARG C 307 14.99 -16.83 -12.71
N ALA C 308 14.08 -17.23 -13.60
CA ALA C 308 14.37 -18.33 -14.51
C ALA C 308 15.51 -17.95 -15.45
N ALA C 309 15.64 -16.66 -15.73
CA ALA C 309 16.70 -16.16 -16.59
C ALA C 309 18.00 -15.99 -15.81
N GLY C 310 17.91 -16.10 -14.48
CA GLY C 310 19.09 -16.04 -13.64
C GLY C 310 19.28 -14.74 -12.87
N PHE C 311 18.21 -13.95 -12.76
CA PHE C 311 18.29 -12.66 -12.06
C PHE C 311 17.75 -12.74 -10.64
N ASN C 312 17.96 -11.66 -9.89
CA ASN C 312 17.40 -11.51 -8.55
C ASN C 312 16.42 -10.34 -8.51
N VAL C 313 15.22 -10.59 -7.99
CA VAL C 313 14.23 -9.52 -7.84
C VAL C 313 13.72 -9.44 -6.40
N GLU C 321 4.11 1.77 -5.71
CA GLU C 321 2.81 1.10 -5.65
C GLU C 321 2.25 0.92 -7.05
N ASP C 322 2.23 2.00 -7.83
CA ASP C 322 1.77 1.95 -9.21
C ASP C 322 2.92 1.70 -10.17
N ASN C 323 2.61 1.25 -11.37
CA ASN C 323 3.62 0.95 -12.37
C ASN C 323 3.11 1.27 -13.78
N HIS C 324 3.05 2.56 -14.09
CA HIS C 324 2.46 3.03 -15.34
C HIS C 324 3.30 2.69 -16.57
N LEU C 325 4.60 2.51 -16.36
CA LEU C 325 5.51 2.20 -17.46
C LEU C 325 5.50 0.71 -17.79
N ARG C 326 4.87 -0.07 -16.90
CA ARG C 326 4.75 -1.52 -17.07
C ARG C 326 6.11 -2.19 -17.27
N CYS C 327 6.96 -2.08 -16.25
CA CYS C 327 8.28 -2.72 -16.30
C CYS C 327 8.87 -2.86 -14.91
N ILE C 328 9.66 -3.92 -14.72
CA ILE C 328 10.36 -4.14 -13.46
C ILE C 328 11.85 -4.00 -13.66
N GLY C 329 12.57 -3.72 -12.58
CA GLY C 329 14.01 -3.69 -12.61
C GLY C 329 14.56 -4.93 -11.94
N VAL C 330 15.45 -5.63 -12.63
CA VAL C 330 16.01 -6.87 -12.09
C VAL C 330 17.51 -6.74 -11.87
N GLU C 331 18.04 -7.54 -10.94
CA GLU C 331 19.44 -7.42 -10.54
C GLU C 331 20.26 -8.65 -10.89
N THR C 332 21.51 -8.42 -11.27
CA THR C 332 22.45 -9.50 -11.53
C THR C 332 23.12 -9.90 -10.22
N PRO C 333 23.09 -11.21 -9.89
CA PRO C 333 23.63 -11.77 -8.65
C PRO C 333 25.06 -11.32 -8.32
N GLY C 334 25.97 -11.44 -9.28
CA GLY C 334 27.37 -11.15 -9.02
C GLY C 334 27.74 -9.68 -8.95
N ARG C 335 27.00 -8.85 -9.66
CA ARG C 335 27.34 -7.44 -9.82
C ARG C 335 27.33 -6.68 -8.49
N PRO C 336 28.44 -6.00 -8.17
CA PRO C 336 28.61 -5.22 -6.94
C PRO C 336 27.65 -4.04 -6.84
N LYS C 337 27.33 -3.63 -5.62
CA LYS C 337 26.37 -2.55 -5.39
C LYS C 337 26.91 -1.47 -4.47
N THR C 338 26.20 -0.35 -4.43
CA THR C 338 26.53 0.75 -3.52
C THR C 338 25.56 0.73 -2.35
N ALA C 339 25.68 1.72 -1.45
CA ALA C 339 24.79 1.79 -0.30
C ALA C 339 23.34 2.06 -0.71
N MET C 340 23.16 2.51 -1.95
CA MET C 340 21.85 2.84 -2.47
C MET C 340 21.16 1.61 -3.09
N GLY C 341 21.89 0.51 -3.16
CA GLY C 341 21.38 -0.69 -3.80
C GLY C 341 21.54 -0.61 -5.31
N TRP C 342 22.27 0.41 -5.75
CA TRP C 342 22.49 0.64 -7.18
C TRP C 342 23.63 -0.21 -7.71
N GLU C 343 23.35 -0.96 -8.79
CA GLU C 343 24.37 -1.80 -9.41
C GLU C 343 25.51 -0.96 -9.96
N VAL C 344 26.70 -1.56 -10.03
CA VAL C 344 27.88 -0.87 -10.53
C VAL C 344 28.39 -1.52 -11.80
N ASP C 345 28.54 -0.71 -12.85
CA ASP C 345 29.06 -1.19 -14.13
C ASP C 345 29.56 -0.01 -14.96
N ALA C 346 30.87 0.21 -14.93
CA ALA C 346 31.47 1.40 -15.52
C ALA C 346 31.37 1.45 -17.05
N THR C 347 31.27 0.29 -17.68
CA THR C 347 31.16 0.23 -19.13
C THR C 347 29.91 0.93 -19.63
N ALA C 348 28.90 1.01 -18.77
CA ALA C 348 27.65 1.68 -19.11
C ALA C 348 27.84 3.18 -19.29
N LEU C 349 28.76 3.76 -18.52
CA LEU C 349 29.07 5.18 -18.65
C LEU C 349 29.70 5.47 -20.01
N ARG C 350 30.52 4.53 -20.48
CA ARG C 350 31.15 4.65 -21.78
C ARG C 350 30.13 4.64 -22.91
N GLU C 351 29.23 3.67 -22.89
CA GLU C 351 28.19 3.56 -23.92
C GLU C 351 27.26 4.77 -23.89
N LEU C 352 26.89 5.21 -22.68
CA LEU C 352 25.99 6.34 -22.55
C LEU C 352 26.53 7.57 -23.28
N LEU C 353 27.82 7.84 -23.12
CA LEU C 353 28.44 8.98 -23.78
C LEU C 353 28.52 8.79 -25.29
N VAL C 354 28.65 7.54 -25.72
CA VAL C 354 28.69 7.22 -27.15
C VAL C 354 27.29 7.34 -27.76
N ARG C 355 26.28 7.00 -26.96
CA ARG C 355 24.89 7.13 -27.39
C ARG C 355 24.51 8.59 -27.63
N ILE C 356 25.04 9.48 -26.79
CA ILE C 356 24.80 10.91 -26.95
C ILE C 356 25.52 11.43 -28.19
N LYS C 357 26.70 10.89 -28.46
CA LYS C 357 27.51 11.32 -29.59
C LYS C 357 26.90 10.91 -30.93
N ASN C 358 26.44 9.66 -31.00
CA ASN C 358 25.98 9.11 -32.27
C ASN C 358 24.54 9.47 -32.63
N GLU C 359 23.70 9.76 -31.63
CA GLU C 359 22.28 9.93 -31.88
C GLU C 359 21.76 11.35 -31.70
N TYR C 360 22.44 12.16 -30.88
CA TYR C 360 21.86 13.46 -30.51
C TYR C 360 22.78 14.65 -30.79
N THR C 361 23.84 14.81 -30.01
CA THR C 361 24.65 16.01 -30.13
C THR C 361 26.16 15.73 -30.03
N ASP C 362 26.94 16.69 -30.51
CA ASP C 362 28.40 16.59 -30.44
C ASP C 362 28.99 17.83 -29.78
N ILE C 363 28.17 18.48 -28.95
CA ILE C 363 28.62 19.62 -28.16
C ILE C 363 29.42 19.12 -26.96
N PRO C 364 30.20 20.01 -26.31
CA PRO C 364 30.96 19.62 -25.11
C PRO C 364 30.11 18.91 -24.05
N LEU C 365 30.53 17.70 -23.66
CA LEU C 365 29.87 16.98 -22.58
C LEU C 365 30.63 17.15 -21.28
N TYR C 366 29.89 17.09 -20.17
CA TYR C 366 30.50 17.15 -18.84
C TYR C 366 29.82 16.17 -17.90
N ILE C 367 30.61 15.28 -17.31
CA ILE C 367 30.11 14.42 -16.25
C ILE C 367 29.90 15.28 -15.01
N THR C 368 28.71 15.88 -14.90
CA THR C 368 28.42 16.82 -13.83
C THR C 368 28.21 16.12 -12.49
N GLU C 369 27.79 14.87 -12.54
CA GLU C 369 27.67 14.06 -11.32
C GLU C 369 28.04 12.60 -11.59
N ASN C 370 29.00 12.10 -10.81
CA ASN C 370 29.30 10.68 -10.75
C ASN C 370 29.95 10.35 -9.42
N GLY C 371 29.45 9.30 -8.78
CA GLY C 371 29.97 8.90 -7.49
C GLY C 371 29.17 7.73 -6.94
N ALA C 372 29.38 7.45 -5.65
CA ALA C 372 28.69 6.33 -5.02
C ALA C 372 28.50 6.59 -3.54
N ALA C 373 27.49 5.93 -2.97
CA ALA C 373 27.28 5.95 -1.53
C ALA C 373 27.83 4.68 -0.92
N TYR C 374 28.69 4.83 0.09
CA TYR C 374 29.20 3.71 0.83
C TYR C 374 29.20 4.05 2.32
N HIS C 375 29.06 3.03 3.16
CA HIS C 375 28.87 3.25 4.59
C HIS C 375 30.19 3.50 5.31
N ASP C 376 30.65 4.76 5.23
CA ASP C 376 31.92 5.16 5.83
C ASP C 376 31.81 5.36 7.33
N TYR C 377 32.96 5.49 7.97
CA TYR C 377 33.02 5.71 9.41
C TYR C 377 34.37 6.32 9.81
N VAL C 378 34.43 6.89 10.99
CA VAL C 378 35.69 7.41 11.52
C VAL C 378 36.31 6.40 12.47
N ASN C 379 37.46 5.86 12.10
CA ASN C 379 38.11 4.85 12.94
C ASN C 379 38.90 5.48 14.09
N ALA C 380 39.67 4.67 14.80
CA ALA C 380 40.41 5.12 15.97
C ALA C 380 41.52 6.10 15.59
N SER C 381 42.07 5.94 14.39
CA SER C 381 43.18 6.78 13.96
C SER C 381 42.72 8.15 13.46
N GLY C 382 41.42 8.29 13.24
CA GLY C 382 40.86 9.54 12.77
C GLY C 382 40.74 9.62 11.26
N ASP C 383 41.10 8.53 10.59
CA ASP C 383 40.98 8.45 9.13
C ASP C 383 39.58 8.00 8.73
N VAL C 384 39.15 8.41 7.55
CA VAL C 384 37.91 7.88 6.96
C VAL C 384 38.26 7.15 5.68
N LYS C 385 38.46 5.84 5.78
CA LYS C 385 38.91 5.04 4.64
C LYS C 385 37.74 4.44 3.88
N ASP C 386 37.71 4.69 2.58
CA ASP C 386 36.66 4.16 1.70
C ASP C 386 37.25 3.69 0.38
N PRO C 387 37.86 2.50 0.38
CA PRO C 387 38.52 1.97 -0.82
C PRO C 387 37.55 1.66 -1.94
N GLU C 388 36.32 1.28 -1.59
CA GLU C 388 35.30 0.95 -2.59
C GLU C 388 34.90 2.18 -3.40
N ARG C 389 34.96 3.34 -2.76
CA ARG C 389 34.67 4.61 -3.44
C ARG C 389 35.76 4.92 -4.45
N ILE C 390 37.01 4.68 -4.06
CA ILE C 390 38.14 4.89 -4.94
C ILE C 390 38.06 3.93 -6.13
N THR C 391 37.74 2.67 -5.84
CA THR C 391 37.54 1.68 -6.87
C THR C 391 36.44 2.12 -7.83
N TYR C 392 35.37 2.68 -7.27
CA TYR C 392 34.27 3.19 -8.08
C TYR C 392 34.73 4.33 -8.97
N LEU C 393 35.34 5.34 -8.36
CA LEU C 393 35.76 6.54 -9.07
C LEU C 393 36.86 6.24 -10.10
N ASN C 394 37.71 5.27 -9.78
CA ASN C 394 38.76 4.87 -10.72
C ASN C 394 38.18 4.19 -11.95
N ASP C 395 37.29 3.22 -11.72
CA ASP C 395 36.70 2.44 -12.80
C ASP C 395 35.86 3.30 -13.75
N HIS C 396 35.08 4.22 -13.19
CA HIS C 396 34.22 5.07 -14.01
C HIS C 396 35.00 6.16 -14.74
N LEU C 397 36.26 6.33 -14.37
CA LEU C 397 37.12 7.28 -15.08
C LEU C 397 37.86 6.61 -16.22
N GLU C 398 38.05 5.29 -16.12
CA GLU C 398 38.63 4.52 -17.21
C GLU C 398 37.66 4.45 -18.38
N ALA C 399 36.37 4.42 -18.05
CA ALA C 399 35.33 4.41 -19.07
C ALA C 399 35.20 5.78 -19.71
N CYS C 400 35.53 6.82 -18.94
CA CYS C 400 35.59 8.17 -19.48
C CYS C 400 36.76 8.27 -20.45
N LEU C 401 37.88 7.64 -20.10
CA LEU C 401 39.04 7.60 -20.96
C LEU C 401 38.75 6.82 -22.24
N GLY C 402 37.94 5.77 -22.11
CA GLY C 402 37.55 4.97 -23.25
C GLY C 402 36.65 5.74 -24.20
N ALA C 403 35.79 6.59 -23.62
CA ALA C 403 34.87 7.38 -24.42
C ALA C 403 35.58 8.50 -25.16
N ILE C 404 36.62 9.06 -24.54
CA ILE C 404 37.36 10.17 -25.14
C ILE C 404 38.12 9.71 -26.38
N ASP C 405 38.62 8.47 -26.36
CA ASP C 405 39.32 7.94 -27.53
C ASP C 405 38.29 7.38 -28.51
N ASP C 406 37.08 7.10 -28.02
CA ASP C 406 35.99 6.73 -28.92
C ASP C 406 35.61 7.92 -29.79
N GLY C 407 35.78 9.13 -29.25
CA GLY C 407 35.54 10.34 -30.00
C GLY C 407 34.54 11.28 -29.35
N VAL C 408 34.22 11.02 -28.08
CA VAL C 408 33.28 11.85 -27.34
C VAL C 408 33.93 13.18 -26.95
N ASN C 409 33.23 14.28 -27.18
CA ASN C 409 33.71 15.59 -26.75
C ASN C 409 33.50 15.78 -25.26
N LEU C 410 34.25 15.00 -24.47
CA LEU C 410 34.17 15.07 -23.02
C LEU C 410 35.26 16.00 -22.49
N GLN C 411 34.86 17.13 -21.93
CA GLN C 411 35.82 18.13 -21.48
C GLN C 411 35.78 18.37 -19.97
N GLY C 412 35.25 17.41 -19.22
CA GLY C 412 35.17 17.56 -17.78
C GLY C 412 34.59 16.40 -17.00
N TYR C 413 34.90 16.36 -15.71
CA TYR C 413 34.40 15.33 -14.80
C TYR C 413 34.17 15.93 -13.41
N PHE C 414 33.02 15.61 -12.82
CA PHE C 414 32.66 16.12 -11.49
C PHE C 414 32.22 15.00 -10.56
N ILE C 415 32.83 14.93 -9.37
CA ILE C 415 32.46 13.93 -8.37
C ILE C 415 31.28 14.41 -7.52
N TRP C 416 30.30 13.53 -7.33
CA TRP C 416 29.25 13.78 -6.36
C TRP C 416 29.51 12.91 -5.13
N SER C 417 29.80 13.54 -3.99
CA SER C 417 29.85 15.00 -3.89
C SER C 417 31.10 15.45 -3.15
N LEU C 418 31.26 16.76 -2.98
CA LEU C 418 32.36 17.29 -2.19
C LEU C 418 32.19 16.90 -0.73
N LEU C 419 31.03 17.25 -0.17
CA LEU C 419 30.74 16.96 1.22
C LEU C 419 29.66 15.88 1.35
N ASP C 420 29.68 15.14 2.46
CA ASP C 420 28.56 14.29 2.81
C ASP C 420 27.36 15.18 3.05
N ASN C 421 26.27 14.95 2.33
CA ASN C 421 25.13 15.87 2.38
C ASN C 421 23.79 15.20 2.66
N PHE C 422 22.74 16.00 2.60
CA PHE C 422 21.38 15.56 2.83
C PHE C 422 20.86 14.77 1.63
N GLU C 423 20.93 13.45 1.69
CA GLU C 423 20.53 12.62 0.57
C GLU C 423 19.01 12.46 0.50
N TRP C 424 18.31 13.60 0.45
CA TRP C 424 16.88 13.67 0.15
C TRP C 424 16.03 12.69 0.94
N GLY C 425 15.42 11.73 0.25
CA GLY C 425 14.50 10.79 0.86
C GLY C 425 15.13 9.94 1.96
N PHE C 426 16.44 9.72 1.88
CA PHE C 426 17.13 8.89 2.85
C PHE C 426 17.77 9.71 3.96
N GLY C 427 17.70 11.03 3.83
CA GLY C 427 18.30 11.91 4.81
C GLY C 427 19.81 11.90 4.75
N TYR C 428 20.46 11.99 5.90
CA TYR C 428 21.92 12.03 5.96
C TYR C 428 22.52 10.64 6.05
N SER C 429 21.67 9.62 6.03
CA SER C 429 22.11 8.24 6.19
C SER C 429 23.00 7.76 5.05
N ARG C 430 22.76 8.28 3.85
CA ARG C 430 23.55 7.90 2.68
C ARG C 430 24.57 8.98 2.34
N ARG C 431 25.85 8.63 2.47
CA ARG C 431 26.93 9.60 2.26
C ARG C 431 27.62 9.41 0.91
N PHE C 432 27.58 10.45 0.07
CA PHE C 432 28.15 10.41 -1.27
C PHE C 432 29.47 11.15 -1.37
N GLY C 433 29.87 11.82 -0.28
CA GLY C 433 30.98 12.76 -0.34
C GLY C 433 32.37 12.18 -0.18
N ILE C 434 33.35 12.93 -0.66
CA ILE C 434 34.76 12.57 -0.49
C ILE C 434 35.31 13.26 0.76
N VAL C 435 34.46 14.06 1.40
CA VAL C 435 34.79 14.71 2.66
C VAL C 435 33.78 14.32 3.74
N TRP C 436 34.25 13.68 4.80
CA TRP C 436 33.39 13.23 5.88
C TRP C 436 32.84 14.41 6.68
N ILE C 437 31.59 14.31 7.10
CA ILE C 437 30.95 15.36 7.88
C ILE C 437 30.39 14.85 9.20
N ASP C 438 30.90 15.39 10.31
CA ASP C 438 30.26 15.21 11.61
C ASP C 438 29.18 16.27 11.73
N TYR C 439 27.93 15.88 11.50
CA TYR C 439 26.83 16.85 11.42
C TYR C 439 26.54 17.57 12.73
N ASP C 440 27.01 17.01 13.85
CA ASP C 440 26.76 17.61 15.15
C ASP C 440 27.75 18.74 15.44
N THR C 441 28.92 18.68 14.81
CA THR C 441 29.97 19.68 15.04
C THR C 441 30.35 20.40 13.76
N GLY C 442 29.97 19.82 12.62
CA GLY C 442 30.25 20.42 11.33
C GLY C 442 31.70 20.29 10.90
N ARG C 443 32.39 19.29 11.46
CA ARG C 443 33.81 19.08 11.18
C ARG C 443 34.02 18.57 9.76
N ARG C 444 35.10 19.01 9.13
CA ARG C 444 35.45 18.59 7.78
C ARG C 444 36.63 17.64 7.78
N ILE C 445 36.37 16.36 7.53
CA ILE C 445 37.43 15.36 7.42
C ILE C 445 37.53 14.82 6.00
N PRO C 446 38.62 15.16 5.31
CA PRO C 446 38.84 14.61 3.96
C PRO C 446 39.08 13.11 4.01
N LYS C 447 38.31 12.35 3.23
CA LYS C 447 38.43 10.90 3.22
C LYS C 447 39.60 10.45 2.35
N ALA C 448 39.73 9.14 2.19
CA ALA C 448 40.77 8.57 1.33
C ALA C 448 40.46 8.90 -0.13
N SER C 449 39.18 9.13 -0.42
CA SER C 449 38.75 9.54 -1.74
C SER C 449 39.36 10.89 -2.10
N TYR C 450 39.35 11.80 -1.12
CA TYR C 450 39.84 13.15 -1.31
C TYR C 450 41.32 13.18 -1.67
N ARG C 451 42.11 12.35 -1.00
CA ARG C 451 43.56 12.31 -1.24
C ARG C 451 43.89 11.58 -2.53
N TRP C 452 43.13 10.53 -2.84
CA TRP C 452 43.30 9.81 -4.09
C TRP C 452 42.96 10.70 -5.27
N TYR C 453 41.85 11.43 -5.15
CA TYR C 453 41.39 12.33 -6.20
C TYR C 453 42.34 13.52 -6.35
N GLN C 454 42.87 13.99 -5.24
CA GLN C 454 43.80 15.12 -5.23
C GLN C 454 45.02 14.84 -6.09
N GLY C 455 45.43 13.58 -6.13
CA GLY C 455 46.54 13.16 -6.98
C GLY C 455 46.12 13.05 -8.43
N VAL C 456 44.90 12.57 -8.65
CA VAL C 456 44.34 12.45 -10.00
C VAL C 456 44.22 13.81 -10.66
N VAL C 457 43.73 14.79 -9.91
CA VAL C 457 43.54 16.15 -10.41
C VAL C 457 44.88 16.83 -10.70
N ALA C 458 45.85 16.62 -9.81
CA ALA C 458 47.16 17.24 -9.94
C ALA C 458 47.94 16.68 -11.12
N THR C 459 47.93 15.36 -11.27
CA THR C 459 48.71 14.69 -12.31
C THR C 459 47.95 14.54 -13.62
N ASN C 460 46.63 14.76 -13.55
CA ASN C 460 45.74 14.58 -14.71
C ASN C 460 45.81 13.16 -15.26
N GLY C 461 45.80 12.18 -14.36
CA GLY C 461 45.86 10.78 -14.75
C GLY C 461 45.54 9.83 -13.61
N LEU C 462 45.16 8.61 -13.95
CA LEU C 462 44.76 7.60 -12.96
C LEU C 462 45.93 6.74 -12.49
N PRO C 463 46.19 6.74 -11.18
CA PRO C 463 47.22 5.86 -10.61
C PRO C 463 46.75 4.40 -10.59
N ASP C 464 47.67 3.48 -10.36
CA ASP C 464 47.33 2.06 -10.23
C ASP C 464 46.40 1.84 -9.05
N LEU C 465 45.27 1.20 -9.30
CA LEU C 465 44.23 1.04 -8.27
C LEU C 465 44.67 0.13 -7.13
N ASP C 466 45.05 -1.10 -7.47
CA ASP C 466 45.42 -2.09 -6.46
C ASP C 466 46.67 -1.70 -5.70
N GLY C 467 47.49 -0.84 -6.30
CA GLY C 467 48.68 -0.33 -5.64
C GLY C 467 48.31 0.75 -4.63
N HIS C 468 47.35 1.58 -4.99
CA HIS C 468 46.91 2.67 -4.12
C HIS C 468 45.99 2.14 -3.02
N LEU C 469 45.12 1.21 -3.38
CA LEU C 469 44.20 0.58 -2.43
C LEU C 469 44.96 -0.11 -1.31
N ASP C 470 46.13 -0.65 -1.63
CA ASP C 470 46.89 -1.46 -0.69
C ASP C 470 47.87 -0.64 0.14
N THR C 471 47.49 0.59 0.45
CA THR C 471 48.20 1.38 1.46
C THR C 471 47.17 1.83 2.47
N LEU C 472 46.02 1.14 2.45
CA LEU C 472 44.86 1.48 3.26
C LEU C 472 44.22 0.28 3.96
N ASN C 473 44.94 -0.82 4.11
CA ASN C 473 44.34 -2.01 4.69
C ASN C 473 45.37 -3.01 5.22
N MET D 1 3.76 -6.96 29.83
CA MET D 1 3.54 -8.20 29.09
C MET D 1 4.39 -9.33 29.66
N PHE D 2 5.65 -9.04 29.94
CA PHE D 2 6.58 -10.03 30.50
C PHE D 2 6.34 -10.26 31.98
N PRO D 3 6.75 -11.44 32.49
CA PRO D 3 6.70 -11.67 33.94
C PRO D 3 7.70 -10.77 34.67
N ASP D 4 7.41 -10.42 35.92
CA ASP D 4 8.23 -9.47 36.65
C ASP D 4 9.64 -10.01 36.92
N GLY D 5 9.76 -11.33 36.97
CA GLY D 5 11.04 -11.97 37.23
C GLY D 5 11.94 -12.03 36.02
N PHE D 6 11.44 -11.58 34.87
CA PHE D 6 12.19 -11.64 33.62
C PHE D 6 13.45 -10.78 33.68
N VAL D 7 14.57 -11.38 33.29
CA VAL D 7 15.87 -10.72 33.42
C VAL D 7 16.32 -10.01 32.14
N TRP D 8 16.17 -8.69 32.13
CA TRP D 8 16.63 -7.89 30.99
C TRP D 8 18.13 -7.63 31.11
N GLY D 9 18.81 -7.57 29.97
CA GLY D 9 20.24 -7.33 29.97
C GLY D 9 20.79 -6.87 28.63
N THR D 10 22.12 -6.81 28.54
CA THR D 10 22.80 -6.42 27.32
C THR D 10 24.21 -7.04 27.29
N SER D 11 24.62 -7.50 26.12
CA SER D 11 25.83 -8.32 26.01
C SER D 11 27.01 -7.58 25.37
N THR D 12 28.22 -7.95 25.79
CA THR D 12 29.45 -7.48 25.15
C THR D 12 30.48 -8.60 25.12
N ALA D 13 31.56 -8.38 24.37
CA ALA D 13 32.67 -9.32 24.32
C ALA D 13 33.96 -8.60 24.70
N ALA D 14 34.93 -9.36 25.20
CA ALA D 14 36.18 -8.80 25.69
C ALA D 14 36.95 -8.06 24.61
N TYR D 15 37.48 -8.81 23.64
CA TYR D 15 38.35 -8.26 22.61
C TYR D 15 37.68 -7.15 21.80
N GLN D 16 36.35 -7.23 21.67
CA GLN D 16 35.62 -6.31 20.81
C GLN D 16 35.56 -4.89 21.38
N ILE D 17 35.54 -4.75 22.69
CA ILE D 17 35.35 -3.43 23.30
C ILE D 17 36.51 -2.93 24.16
N GLU D 18 37.31 -3.84 24.70
CA GLU D 18 38.29 -3.47 25.72
C GLU D 18 39.46 -2.62 25.22
N GLY D 19 40.17 -3.11 24.20
CA GLY D 19 41.34 -2.41 23.72
C GLY D 19 42.52 -2.64 24.65
N ALA D 20 43.54 -1.78 24.55
CA ALA D 20 44.74 -1.88 25.37
C ALA D 20 45.32 -3.30 25.34
N VAL D 21 45.58 -3.80 24.13
CA VAL D 21 45.93 -5.19 23.92
C VAL D 21 47.30 -5.57 24.48
N ALA D 22 48.21 -4.61 24.55
CA ALA D 22 49.55 -4.88 25.06
C ALA D 22 49.81 -4.07 26.32
N GLU D 23 48.82 -4.05 27.21
CA GLU D 23 48.89 -3.24 28.42
C GLU D 23 48.63 -4.10 29.65
N ASP D 24 49.36 -3.83 30.72
CA ASP D 24 49.25 -4.57 31.98
C ASP D 24 49.43 -6.07 31.80
N GLY D 25 50.33 -6.46 30.90
CA GLY D 25 50.74 -7.85 30.79
C GLY D 25 49.96 -8.75 29.84
N ARG D 26 49.01 -8.18 29.11
CA ARG D 26 48.23 -8.99 28.17
C ARG D 26 49.07 -9.40 26.97
N THR D 27 48.92 -10.65 26.54
CA THR D 27 49.63 -11.17 25.38
C THR D 27 48.68 -11.27 24.18
N PRO D 28 49.22 -11.35 22.96
CA PRO D 28 48.37 -11.46 21.77
C PRO D 28 47.48 -12.70 21.76
N SER D 29 46.23 -12.52 21.33
CA SER D 29 45.32 -13.64 21.10
C SER D 29 45.33 -13.98 19.62
N ILE D 30 44.49 -14.94 19.22
CA ILE D 30 44.43 -15.31 17.81
C ILE D 30 43.84 -14.17 16.97
N TRP D 31 42.96 -13.39 17.57
CA TRP D 31 42.33 -12.29 16.85
C TRP D 31 43.21 -11.06 16.76
N ASP D 32 44.29 -11.06 17.53
CA ASP D 32 45.31 -10.02 17.40
C ASP D 32 46.11 -10.27 16.13
N THR D 33 46.62 -11.48 15.99
CA THR D 33 47.43 -11.84 14.83
C THR D 33 46.60 -11.99 13.56
N PHE D 34 45.35 -12.39 13.71
CA PHE D 34 44.46 -12.60 12.56
C PHE D 34 44.06 -11.27 11.93
N SER D 35 43.69 -10.29 12.77
CA SER D 35 43.25 -9.00 12.27
C SER D 35 44.43 -8.16 11.77
N ARG D 36 45.63 -8.46 12.25
CA ARG D 36 46.82 -7.74 11.82
C ARG D 36 47.33 -8.27 10.48
N THR D 37 46.73 -9.36 10.01
CA THR D 37 47.04 -9.90 8.69
C THR D 37 46.26 -9.15 7.63
N LYS D 38 46.92 -8.85 6.51
CA LYS D 38 46.28 -8.16 5.40
C LYS D 38 45.10 -8.96 4.85
N GLY D 39 44.00 -8.26 4.56
CA GLY D 39 42.87 -8.85 3.86
C GLY D 39 41.97 -9.75 4.70
N LYS D 40 42.22 -9.79 6.01
CA LYS D 40 41.39 -10.61 6.89
C LYS D 40 40.25 -9.79 7.48
N VAL D 41 40.54 -8.56 7.85
CA VAL D 41 39.54 -7.65 8.41
C VAL D 41 39.45 -6.38 7.58
N VAL D 42 38.23 -5.91 7.33
CA VAL D 42 37.97 -4.72 6.52
C VAL D 42 38.78 -3.50 6.98
N ASN D 43 39.40 -2.83 6.01
CA ASN D 43 40.19 -1.62 6.26
C ASN D 43 41.31 -1.81 7.29
N GLY D 44 41.75 -3.05 7.45
CA GLY D 44 42.83 -3.36 8.37
C GLY D 44 42.53 -3.03 9.81
N ASP D 45 41.26 -3.13 10.19
CA ASP D 45 40.86 -2.85 11.57
C ASP D 45 41.30 -3.94 12.52
N THR D 46 41.77 -3.55 13.70
CA THR D 46 42.09 -4.48 14.76
C THR D 46 41.37 -4.05 16.03
N GLY D 47 41.64 -4.75 17.13
CA GLY D 47 40.98 -4.44 18.40
C GLY D 47 41.93 -3.79 19.39
N ASP D 48 42.92 -3.06 18.88
CA ASP D 48 43.93 -2.45 19.73
C ASP D 48 43.38 -1.29 20.56
N VAL D 49 42.55 -0.46 19.94
CA VAL D 49 41.94 0.66 20.66
C VAL D 49 40.47 0.38 20.97
N ALA D 50 39.74 -0.10 19.96
CA ALA D 50 38.33 -0.48 20.11
C ALA D 50 37.49 0.62 20.76
N CYS D 51 36.60 0.21 21.68
CA CYS D 51 35.77 1.16 22.42
C CYS D 51 36.57 1.80 23.55
N ASP D 52 37.72 1.22 23.85
CA ASP D 52 38.56 1.61 24.98
C ASP D 52 37.81 1.36 26.30
N HIS D 53 37.13 0.23 26.37
CA HIS D 53 36.39 -0.17 27.57
C HIS D 53 37.32 -0.42 28.76
N TYR D 54 38.57 -0.74 28.47
CA TYR D 54 39.55 -1.03 29.52
C TYR D 54 39.86 0.21 30.35
N HIS D 55 39.80 1.38 29.72
CA HIS D 55 40.07 2.64 30.40
C HIS D 55 38.77 3.38 30.76
N ARG D 56 37.70 3.04 30.05
CA ARG D 56 36.42 3.73 30.23
C ARG D 56 35.37 2.83 30.85
N TRP D 57 35.81 1.83 31.61
CA TRP D 57 34.91 0.84 32.19
C TRP D 57 33.90 1.45 33.15
N GLU D 58 34.33 2.49 33.88
CA GLU D 58 33.44 3.14 34.84
C GLU D 58 32.28 3.85 34.14
N GLU D 59 32.57 4.47 33.00
CA GLU D 59 31.55 5.16 32.23
C GLU D 59 30.50 4.19 31.71
N ASP D 60 30.96 3.06 31.16
CA ASP D 60 30.05 2.06 30.61
C ASP D 60 29.18 1.43 31.69
N LEU D 61 29.73 1.30 32.90
CA LEU D 61 28.98 0.74 34.01
C LEU D 61 27.84 1.65 34.42
N ASP D 62 28.12 2.95 34.53
CA ASP D 62 27.07 3.91 34.82
C ASP D 62 25.99 3.80 33.76
N LEU D 63 26.39 3.83 32.49
CA LEU D 63 25.47 3.64 31.37
C LEU D 63 24.59 2.40 31.53
N LEU D 64 25.11 1.37 32.18
CA LEU D 64 24.36 0.17 32.47
C LEU D 64 23.34 0.42 33.58
N ALA D 65 23.69 1.32 34.50
CA ALA D 65 22.81 1.67 35.60
C ALA D 65 21.71 2.63 35.15
N GLU D 66 22.06 3.57 34.27
CA GLU D 66 21.06 4.48 33.72
C GLU D 66 20.07 3.73 32.84
N LEU D 67 20.55 2.68 32.18
CA LEU D 67 19.70 1.82 31.36
C LEU D 67 18.71 1.08 32.25
N GLY D 68 19.18 0.58 33.39
CA GLY D 68 18.32 -0.04 34.37
C GLY D 68 18.17 -1.54 34.23
N VAL D 69 19.03 -2.16 33.44
CA VAL D 69 18.98 -3.60 33.22
C VAL D 69 19.24 -4.39 34.51
N GLN D 70 18.75 -5.63 34.55
CA GLN D 70 18.98 -6.51 35.69
C GLN D 70 20.39 -7.09 35.64
N ALA D 71 20.84 -7.42 34.43
CA ALA D 71 22.12 -8.10 34.26
C ALA D 71 22.94 -7.50 33.12
N TYR D 72 24.26 -7.67 33.20
CA TYR D 72 25.15 -7.26 32.13
C TYR D 72 26.06 -8.42 31.75
N ARG D 73 25.94 -8.89 30.51
CA ARG D 73 26.72 -10.04 30.04
C ARG D 73 28.00 -9.58 29.35
N PHE D 74 29.14 -10.03 29.88
CA PHE D 74 30.43 -9.67 29.31
C PHE D 74 31.34 -10.87 29.19
N SER D 75 32.54 -10.65 28.68
CA SER D 75 33.51 -11.72 28.46
C SER D 75 34.81 -11.46 29.20
N VAL D 76 35.49 -12.54 29.57
CA VAL D 76 36.79 -12.44 30.25
C VAL D 76 37.90 -12.92 29.32
N ALA D 77 38.86 -12.03 29.05
CA ALA D 77 39.93 -12.32 28.10
C ALA D 77 40.95 -13.31 28.67
N TRP D 78 41.08 -14.44 28.00
CA TRP D 78 42.05 -15.47 28.37
C TRP D 78 43.48 -14.93 28.46
N PRO D 79 43.98 -14.25 27.42
CA PRO D 79 45.39 -13.83 27.53
C PRO D 79 45.62 -12.70 28.53
N ARG D 80 44.58 -12.28 29.25
CA ARG D 80 44.72 -11.23 30.25
C ARG D 80 44.93 -11.83 31.63
N ILE D 81 44.41 -13.04 31.83
CA ILE D 81 44.56 -13.74 33.11
C ILE D 81 45.77 -14.66 33.08
N HIS D 82 45.92 -15.41 31.99
CA HIS D 82 47.09 -16.27 31.81
C HIS D 82 47.87 -15.92 30.55
N PRO D 83 48.68 -14.84 30.62
CA PRO D 83 49.50 -14.41 29.48
C PRO D 83 50.46 -15.50 29.01
N ASP D 84 50.92 -16.33 29.94
CA ASP D 84 51.89 -17.37 29.63
C ASP D 84 51.24 -18.75 29.57
N VAL D 85 49.91 -18.78 29.44
CA VAL D 85 49.13 -20.02 29.41
C VAL D 85 49.33 -20.86 30.68
N THR D 86 50.55 -21.36 30.87
CA THR D 86 50.85 -22.28 31.95
C THR D 86 51.48 -21.58 33.15
N GLY D 87 51.71 -20.29 33.04
CA GLY D 87 52.29 -19.51 34.13
C GLY D 87 51.28 -19.25 35.23
N PRO D 88 51.66 -18.42 36.21
CA PRO D 88 50.73 -18.06 37.27
C PRO D 88 49.76 -16.96 36.81
N ALA D 89 48.63 -16.83 37.51
CA ALA D 89 47.60 -15.88 37.11
C ALA D 89 48.09 -14.44 37.18
N ASN D 90 47.96 -13.72 36.07
CA ASN D 90 48.25 -12.29 36.05
C ASN D 90 47.31 -11.56 36.99
N GLN D 91 47.86 -10.95 38.04
CA GLN D 91 47.04 -10.34 39.07
C GLN D 91 46.39 -9.05 38.59
N LYS D 92 47.12 -8.24 37.83
CA LYS D 92 46.59 -6.98 37.33
C LYS D 92 45.43 -7.20 36.37
N GLY D 93 45.39 -8.39 35.76
CA GLY D 93 44.28 -8.75 34.91
C GLY D 93 43.08 -9.16 35.74
N LEU D 94 43.33 -9.86 36.84
CA LEU D 94 42.28 -10.32 37.73
C LEU D 94 41.57 -9.19 38.45
N ASP D 95 42.33 -8.16 38.81
CA ASP D 95 41.75 -7.00 39.47
C ASP D 95 40.88 -6.19 38.52
N PHE D 96 41.32 -6.02 37.26
CA PHE D 96 40.51 -5.30 36.28
C PHE D 96 39.11 -5.87 36.16
N TYR D 97 39.02 -7.18 36.11
CA TYR D 97 37.72 -7.84 35.99
C TYR D 97 36.99 -7.85 37.32
N GLN D 98 37.72 -7.66 38.41
CA GLN D 98 37.11 -7.68 39.73
C GLN D 98 36.44 -6.35 40.06
N ARG D 99 37.08 -5.24 39.74
CA ARG D 99 36.46 -3.93 39.94
C ARG D 99 35.24 -3.79 39.04
N LEU D 100 35.28 -4.43 37.89
CA LEU D 100 34.15 -4.46 36.98
C LEU D 100 32.98 -5.18 37.64
N ILE D 101 33.26 -6.36 38.17
CA ILE D 101 32.25 -7.15 38.89
C ILE D 101 31.81 -6.42 40.16
N ASP D 102 32.76 -5.81 40.86
CA ASP D 102 32.45 -5.03 42.05
C ASP D 102 31.54 -3.86 41.71
N GLY D 103 31.86 -3.16 40.63
CA GLY D 103 31.06 -2.04 40.18
C GLY D 103 29.66 -2.45 39.77
N LEU D 104 29.55 -3.62 39.15
CA LEU D 104 28.26 -4.17 38.75
C LEU D 104 27.37 -4.47 39.96
N ARG D 105 27.96 -5.10 40.97
CA ARG D 105 27.24 -5.45 42.18
C ARG D 105 26.85 -4.20 42.98
N ASP D 106 27.64 -3.15 42.86
CA ASP D 106 27.34 -1.89 43.54
C ASP D 106 26.14 -1.17 42.91
N ARG D 107 25.85 -1.47 41.65
CA ARG D 107 24.79 -0.78 40.88
C ARG D 107 23.60 -1.72 40.63
N ASN D 108 23.23 -2.44 41.67
CA ASN D 108 22.95 -3.87 41.62
C ASN D 108 22.48 -4.37 40.24
N ILE D 109 23.49 -4.81 39.49
CA ILE D 109 23.42 -5.46 38.20
C ILE D 109 24.09 -6.83 38.30
N ILE D 110 23.41 -7.87 37.83
CA ILE D 110 23.96 -9.23 37.85
C ILE D 110 25.06 -9.44 36.80
N PRO D 111 26.29 -9.71 37.25
CA PRO D 111 27.37 -10.01 36.30
C PRO D 111 27.22 -11.40 35.71
N LEU D 112 27.22 -11.50 34.38
CA LEU D 112 27.09 -12.77 33.69
C LEU D 112 28.30 -12.98 32.78
N PRO D 113 29.44 -13.37 33.37
CA PRO D 113 30.70 -13.40 32.63
C PRO D 113 30.87 -14.62 31.76
N THR D 114 31.63 -14.46 30.67
CA THR D 114 31.94 -15.56 29.76
C THR D 114 33.44 -15.84 29.79
N MET D 115 33.80 -17.10 29.99
CA MET D 115 35.20 -17.49 30.09
C MET D 115 35.92 -17.37 28.76
N TYR D 116 35.27 -17.81 27.69
CA TYR D 116 35.89 -17.80 26.36
C TYR D 116 34.98 -17.21 25.30
N HIS D 117 35.37 -16.04 24.79
CA HIS D 117 34.68 -15.42 23.66
C HIS D 117 35.66 -15.24 22.51
N TRP D 118 36.18 -16.38 22.02
CA TRP D 118 36.96 -16.47 20.78
C TRP D 118 38.40 -15.98 20.88
N ASP D 119 38.82 -15.48 22.05
CA ASP D 119 40.17 -14.92 22.17
C ASP D 119 41.18 -15.91 22.78
N LEU D 120 41.47 -16.97 22.03
CA LEU D 120 42.48 -17.95 22.43
C LEU D 120 43.88 -17.37 22.35
N PRO D 121 44.69 -17.55 23.40
CA PRO D 121 46.09 -17.09 23.40
C PRO D 121 46.88 -17.73 22.26
N GLN D 122 47.65 -16.92 21.54
CA GLN D 122 48.34 -17.37 20.33
C GLN D 122 49.27 -18.56 20.58
N ALA D 123 49.81 -18.66 21.80
CA ALA D 123 50.72 -19.75 22.16
C ALA D 123 50.04 -21.11 22.02
N LEU D 124 48.76 -21.16 22.36
CA LEU D 124 47.99 -22.40 22.26
C LEU D 124 47.65 -22.74 20.81
N GLU D 125 47.38 -21.71 20.02
CA GLU D 125 47.07 -21.88 18.61
C GLU D 125 48.24 -22.45 17.84
N ASP D 126 49.45 -21.94 18.14
CA ASP D 126 50.68 -22.38 17.51
C ASP D 126 50.82 -23.90 17.58
N GLU D 127 50.36 -24.48 18.68
CA GLU D 127 50.45 -25.92 18.89
C GLU D 127 49.12 -26.61 18.66
N GLY D 128 48.42 -26.21 17.60
CA GLY D 128 47.20 -26.88 17.18
C GLY D 128 45.92 -26.11 17.45
N GLY D 129 45.90 -25.33 18.53
CA GLY D 129 44.69 -24.65 18.94
C GLY D 129 43.65 -25.69 19.35
N TRP D 130 42.42 -25.49 18.92
CA TRP D 130 41.33 -26.40 19.29
C TRP D 130 41.35 -27.70 18.49
N ILE D 131 42.28 -27.82 17.55
CA ILE D 131 42.45 -29.05 16.80
C ILE D 131 42.93 -30.16 17.72
N VAL D 132 43.92 -29.83 18.54
CA VAL D 132 44.47 -30.79 19.50
C VAL D 132 43.66 -30.78 20.80
N ARG D 133 43.71 -31.90 21.51
CA ARG D 133 42.94 -32.07 22.74
C ARG D 133 43.56 -31.31 23.92
N ASP D 134 44.84 -30.97 23.79
CA ASP D 134 45.58 -30.32 24.86
C ASP D 134 45.04 -28.93 25.20
N THR D 135 44.43 -28.27 24.22
CA THR D 135 43.91 -26.93 24.42
C THR D 135 42.70 -26.94 25.34
N ALA D 136 41.86 -27.97 25.21
CA ALA D 136 40.70 -28.13 26.08
C ALA D 136 41.15 -28.33 27.52
N LEU D 137 42.26 -29.03 27.69
CA LEU D 137 42.82 -29.28 29.02
C LEU D 137 43.37 -27.99 29.63
N ARG D 138 44.04 -27.19 28.82
CA ARG D 138 44.62 -25.92 29.28
C ARG D 138 43.50 -24.92 29.58
N PHE D 139 42.32 -25.12 28.99
CA PHE D 139 41.16 -24.28 29.29
C PHE D 139 40.64 -24.57 30.69
N ALA D 140 40.60 -25.84 31.05
CA ALA D 140 40.11 -26.27 32.35
C ALA D 140 40.96 -25.67 33.47
N ASP D 141 42.23 -25.39 33.19
CA ASP D 141 43.08 -24.69 34.16
C ASP D 141 42.69 -23.23 34.25
N TYR D 142 42.49 -22.64 33.08
CA TYR D 142 42.07 -21.26 32.99
C TYR D 142 40.72 -21.11 33.66
N ALA D 143 39.78 -21.98 33.28
CA ALA D 143 38.44 -21.98 33.84
C ALA D 143 38.48 -22.05 35.36
N ALA D 144 39.32 -22.93 35.89
CA ALA D 144 39.47 -23.09 37.33
C ALA D 144 40.02 -21.82 37.97
N THR D 145 40.97 -21.17 37.29
CA THR D 145 41.58 -19.95 37.78
C THR D 145 40.55 -18.85 37.96
N VAL D 146 39.69 -18.69 36.96
CA VAL D 146 38.68 -17.64 36.97
C VAL D 146 37.55 -17.95 37.95
N LEU D 147 37.15 -19.22 37.97
CA LEU D 147 36.11 -19.67 38.91
C LEU D 147 36.54 -19.46 40.35
N GLU D 148 37.84 -19.57 40.60
CA GLU D 148 38.37 -19.49 41.95
C GLU D 148 38.65 -18.04 42.39
N LYS D 149 39.40 -17.31 41.58
CA LYS D 149 39.94 -16.02 42.00
C LYS D 149 39.14 -14.81 41.52
N LEU D 150 37.97 -15.06 40.94
CA LEU D 150 37.02 -13.98 40.67
C LEU D 150 35.73 -14.24 41.44
N ASP D 151 35.47 -13.43 42.47
CA ASP D 151 34.33 -13.66 43.34
C ASP D 151 33.18 -12.70 43.04
N GLY D 152 31.98 -13.11 43.41
CA GLY D 152 30.80 -12.28 43.21
C GLY D 152 29.99 -12.69 41.99
N ILE D 153 30.15 -13.93 41.57
CA ILE D 153 29.42 -14.45 40.41
C ILE D 153 28.48 -15.58 40.79
N ASP D 154 27.22 -15.46 40.40
CA ASP D 154 26.24 -16.51 40.68
C ASP D 154 25.98 -17.36 39.44
N LYS D 155 26.08 -16.74 38.27
CA LYS D 155 25.87 -17.45 37.00
C LYS D 155 27.10 -17.33 36.12
N TRP D 156 27.68 -18.47 35.75
CA TRP D 156 28.87 -18.50 34.90
C TRP D 156 28.57 -19.04 33.51
N THR D 157 29.31 -18.55 32.52
CA THR D 157 29.23 -19.07 31.15
C THR D 157 30.60 -19.51 30.68
N THR D 158 30.68 -20.73 30.15
CA THR D 158 31.95 -21.25 29.66
C THR D 158 32.29 -20.70 28.27
N PHE D 159 31.39 -20.93 27.31
CA PHE D 159 31.68 -20.57 25.92
C PHE D 159 30.57 -19.77 25.24
N ASN D 160 31.00 -18.84 24.38
CA ASN D 160 30.08 -18.12 23.50
C ASN D 160 30.29 -18.53 22.06
N GLU D 161 29.28 -19.17 21.48
CA GLU D 161 29.29 -19.60 20.08
C GLU D 161 30.53 -20.43 19.74
N PRO D 162 30.54 -21.70 20.16
CA PRO D 162 31.64 -22.59 19.80
C PRO D 162 31.60 -22.96 18.32
N TRP D 163 30.41 -22.92 17.73
CA TRP D 163 30.24 -23.20 16.31
C TRP D 163 31.00 -22.19 15.47
N THR D 164 30.95 -20.93 15.87
CA THR D 164 31.62 -19.86 15.15
C THR D 164 33.13 -19.94 15.38
N SER D 165 33.53 -20.35 16.58
CA SER D 165 34.95 -20.56 16.88
C SER D 165 35.51 -21.68 16.01
N ALA D 166 34.77 -22.78 15.95
CA ALA D 166 35.23 -23.97 15.24
C ALA D 166 35.14 -23.82 13.73
N TRP D 167 33.94 -23.53 13.23
CA TRP D 167 33.67 -23.65 11.81
C TRP D 167 34.02 -22.41 10.99
N LEU D 168 33.92 -21.23 11.58
CA LEU D 168 34.43 -20.04 10.91
C LEU D 168 35.93 -19.88 11.16
N GLY D 169 36.39 -20.48 12.25
CA GLY D 169 37.78 -20.37 12.64
C GLY D 169 38.69 -21.40 12.02
N TYR D 170 38.22 -22.65 11.93
CA TYR D 170 39.03 -23.74 11.42
C TYR D 170 38.47 -24.31 10.12
N GLY D 171 37.16 -24.19 9.94
CA GLY D 171 36.49 -24.76 8.78
C GLY D 171 36.53 -23.91 7.53
N TYR D 172 36.02 -22.68 7.62
CA TYR D 172 35.89 -21.82 6.44
C TYR D 172 36.93 -20.70 6.41
N GLY D 173 37.54 -20.41 7.56
CA GLY D 173 38.63 -19.46 7.63
C GLY D 173 38.22 -18.00 7.65
N HIS D 174 36.96 -17.73 7.94
CA HIS D 174 36.46 -16.37 7.97
C HIS D 174 36.86 -15.66 9.27
N HIS D 175 36.97 -16.43 10.34
CA HIS D 175 37.42 -15.91 11.64
C HIS D 175 38.75 -16.53 12.05
N ALA D 176 39.36 -15.96 13.08
CA ALA D 176 40.61 -16.49 13.64
C ALA D 176 40.43 -17.93 14.09
N PRO D 177 41.47 -18.77 13.93
CA PRO D 177 42.81 -18.45 13.41
C PRO D 177 42.87 -18.34 11.88
N GLY D 178 41.79 -18.72 11.21
CA GLY D 178 41.71 -18.54 9.77
C GLY D 178 42.10 -19.77 8.96
N ARG D 179 42.08 -20.94 9.59
CA ARG D 179 42.38 -22.18 8.90
C ARG D 179 41.18 -22.61 8.05
N THR D 180 41.45 -23.36 6.99
CA THR D 180 40.38 -23.86 6.13
C THR D 180 40.45 -25.37 6.00
N ASP D 181 40.01 -26.06 7.05
CA ASP D 181 40.12 -27.51 7.11
C ASP D 181 38.94 -28.13 7.86
N ILE D 182 38.12 -28.89 7.15
CA ILE D 182 36.90 -29.47 7.72
C ILE D 182 37.21 -30.43 8.89
N GLY D 183 38.29 -31.18 8.76
CA GLY D 183 38.71 -32.08 9.80
C GLY D 183 39.15 -31.34 11.05
N ALA D 184 39.66 -30.12 10.85
CA ALA D 184 40.11 -29.29 11.96
C ALA D 184 38.93 -28.72 12.72
N ALA D 185 37.91 -28.28 12.00
CA ALA D 185 36.73 -27.67 12.59
C ALA D 185 35.88 -28.70 13.32
N ALA D 186 35.85 -29.92 12.78
CA ALA D 186 35.12 -31.01 13.43
C ALA D 186 35.85 -31.44 14.69
N ALA D 187 37.18 -31.35 14.67
CA ALA D 187 37.98 -31.64 15.84
C ALA D 187 37.85 -30.52 16.87
N ALA D 188 37.77 -29.29 16.39
CA ALA D 188 37.57 -28.13 17.25
C ALA D 188 36.19 -28.19 17.89
N THR D 189 35.21 -28.68 17.13
CA THR D 189 33.85 -28.84 17.62
C THR D 189 33.80 -29.71 18.87
N HIS D 190 34.52 -30.82 18.83
CA HIS D 190 34.54 -31.76 19.96
C HIS D 190 35.30 -31.19 21.15
N HIS D 191 36.47 -30.60 20.90
CA HIS D 191 37.34 -30.14 21.97
C HIS D 191 36.83 -28.85 22.62
N LEU D 192 36.00 -28.10 21.90
CA LEU D 192 35.31 -26.96 22.49
C LEU D 192 34.22 -27.46 23.43
N LEU D 193 33.46 -28.44 22.95
CA LEU D 193 32.42 -29.07 23.76
C LEU D 193 33.00 -29.79 24.97
N LEU D 194 34.18 -30.38 24.79
CA LEU D 194 34.88 -31.04 25.88
C LEU D 194 35.32 -30.02 26.92
N ALA D 195 35.89 -28.92 26.44
CA ALA D 195 36.35 -27.85 27.32
C ALA D 195 35.20 -27.22 28.10
N HIS D 196 34.01 -27.24 27.49
CA HIS D 196 32.80 -26.80 28.18
C HIS D 196 32.51 -27.75 29.35
N GLY D 197 32.57 -29.05 29.06
CA GLY D 197 32.31 -30.06 30.06
C GLY D 197 33.28 -29.99 31.22
N LEU D 198 34.55 -29.72 30.91
CA LEU D 198 35.58 -29.59 31.93
C LEU D 198 35.33 -28.35 32.78
N GLY D 199 34.72 -27.34 32.18
CA GLY D 199 34.42 -26.10 32.86
C GLY D 199 33.27 -26.23 33.84
N VAL D 200 32.31 -27.09 33.52
CA VAL D 200 31.18 -27.35 34.40
C VAL D 200 31.62 -28.14 35.62
N GLN D 201 32.37 -29.22 35.39
CA GLN D 201 32.85 -30.08 36.46
C GLN D 201 33.80 -29.34 37.39
N ALA D 202 34.55 -28.40 36.84
CA ALA D 202 35.43 -27.56 37.64
C ALA D 202 34.61 -26.61 38.51
N ALA D 203 33.47 -26.18 37.96
CA ALA D 203 32.57 -25.29 38.69
C ALA D 203 31.95 -25.98 39.89
N ARG D 204 31.39 -27.17 39.66
CA ARG D 204 30.74 -27.93 40.72
C ARG D 204 31.70 -28.20 41.89
N ALA D 205 32.99 -28.29 41.58
CA ALA D 205 34.01 -28.52 42.59
C ALA D 205 34.33 -27.22 43.33
N ILE D 206 34.70 -26.19 42.58
CA ILE D 206 35.11 -24.92 43.18
C ILE D 206 33.94 -24.12 43.71
N ARG D 207 32.93 -23.91 42.87
CA ARG D 207 31.77 -23.11 43.25
C ARG D 207 30.48 -23.93 43.12
N PRO D 208 30.20 -24.78 44.13
CA PRO D 208 29.04 -25.68 44.07
C PRO D 208 27.70 -24.96 44.12
N HIS D 209 27.69 -23.68 44.52
CA HIS D 209 26.45 -22.95 44.67
C HIS D 209 26.12 -22.04 43.49
N VAL D 210 27.03 -21.94 42.52
CA VAL D 210 26.79 -21.09 41.37
C VAL D 210 26.22 -21.86 40.18
N GLU D 211 25.45 -21.18 39.35
CA GLU D 211 24.88 -21.77 38.16
C GLU D 211 25.85 -21.62 36.99
N ILE D 212 25.82 -22.58 36.07
CA ILE D 212 26.72 -22.53 34.92
C ILE D 212 26.07 -23.12 33.67
N GLY D 213 26.38 -22.52 32.52
CA GLY D 213 25.88 -23.00 31.24
C GLY D 213 26.79 -22.52 30.12
N LEU D 214 26.31 -22.67 28.88
CA LEU D 214 27.07 -22.18 27.73
C LEU D 214 26.16 -21.49 26.74
N THR D 215 26.75 -20.83 25.75
CA THR D 215 26.00 -20.02 24.80
C THR D 215 26.16 -20.53 23.37
N LEU D 216 25.07 -21.03 22.81
CA LEU D 216 25.08 -21.54 21.44
C LEU D 216 24.38 -20.59 20.49
N ASN D 217 24.88 -20.51 19.25
CA ASN D 217 24.18 -19.79 18.20
C ASN D 217 23.38 -20.76 17.34
N LEU D 218 22.24 -21.19 17.85
CA LEU D 218 21.39 -22.15 17.15
C LEU D 218 20.64 -21.46 16.01
N GLY D 219 20.67 -22.08 14.84
CA GLY D 219 20.00 -21.52 13.68
C GLY D 219 18.67 -22.18 13.42
N VAL D 220 17.79 -21.46 12.73
CA VAL D 220 16.53 -22.04 12.28
C VAL D 220 16.58 -22.17 10.77
N LEU D 221 16.58 -23.42 10.30
CA LEU D 221 16.75 -23.68 8.88
C LEU D 221 15.48 -24.26 8.28
N ARG D 222 15.07 -23.72 7.13
CA ARG D 222 13.86 -24.15 6.45
C ARG D 222 14.18 -24.63 5.04
N PRO D 223 13.67 -25.83 4.68
CA PRO D 223 13.90 -26.38 3.35
C PRO D 223 13.16 -25.59 2.27
N GLY D 224 13.83 -25.34 1.16
CA GLY D 224 13.25 -24.55 0.08
C GLY D 224 12.06 -25.20 -0.58
N THR D 225 12.02 -26.53 -0.57
CA THR D 225 10.91 -27.27 -1.17
C THR D 225 10.46 -28.39 -0.24
N THR D 226 9.32 -28.99 -0.56
CA THR D 226 8.81 -30.13 0.19
C THR D 226 9.32 -31.43 -0.42
N GLU D 227 10.19 -31.29 -1.42
CA GLU D 227 10.91 -32.40 -2.03
C GLU D 227 11.77 -33.10 -0.98
N ASP D 228 11.79 -34.43 -1.00
CA ASP D 228 12.61 -35.21 -0.08
C ASP D 228 14.09 -34.81 -0.16
N GLN D 229 14.53 -34.45 -1.36
CA GLN D 229 15.91 -34.09 -1.61
C GLN D 229 16.38 -32.89 -0.78
N ASP D 230 15.59 -31.82 -0.78
CA ASP D 230 15.96 -30.60 -0.08
C ASP D 230 15.73 -30.67 1.42
N VAL D 231 14.73 -31.45 1.83
CA VAL D 231 14.46 -31.65 3.25
C VAL D 231 15.66 -32.32 3.92
N GLU D 232 16.23 -33.31 3.24
CA GLU D 232 17.40 -34.02 3.74
C GLU D 232 18.63 -33.14 3.74
N ALA D 233 18.71 -32.23 2.77
CA ALA D 233 19.82 -31.30 2.68
C ALA D 233 19.81 -30.30 3.83
N THR D 234 18.62 -29.86 4.21
CA THR D 234 18.45 -28.96 5.34
C THR D 234 18.77 -29.70 6.63
N TRP D 235 18.43 -30.99 6.66
CA TRP D 235 18.68 -31.84 7.81
C TRP D 235 20.17 -31.98 8.07
N ARG D 236 20.97 -31.94 7.00
CA ARG D 236 22.42 -31.97 7.14
C ARG D 236 22.94 -30.65 7.70
N ALA D 237 22.39 -29.55 7.21
CA ALA D 237 22.79 -28.22 7.67
C ALA D 237 22.30 -27.97 9.09
N ASP D 238 21.17 -28.59 9.45
CA ASP D 238 20.64 -28.47 10.79
C ASP D 238 21.51 -29.23 11.79
N GLY D 239 22.11 -30.32 11.32
CA GLY D 239 22.98 -31.11 12.16
C GLY D 239 24.30 -30.42 12.45
N ASN D 240 24.82 -29.71 11.46
CA ASN D 240 26.10 -29.03 11.61
C ASN D 240 26.05 -27.85 12.59
N GLN D 241 24.95 -27.10 12.57
CA GLN D 241 24.87 -25.89 13.39
C GLN D 241 24.16 -26.11 14.72
N ASN D 242 23.25 -27.08 14.77
CA ASN D 242 22.46 -27.30 15.98
C ASN D 242 22.73 -28.62 16.68
N ARG D 243 22.61 -29.72 15.94
CA ARG D 243 22.50 -31.04 16.55
C ARG D 243 23.81 -31.64 17.06
N ILE D 244 24.94 -31.25 16.46
CA ILE D 244 26.22 -31.78 16.97
C ILE D 244 26.65 -31.06 18.23
N TRP D 245 25.81 -30.15 18.70
CA TRP D 245 26.03 -29.46 19.96
C TRP D 245 24.95 -29.83 20.96
N LEU D 246 23.70 -29.70 20.54
CA LEU D 246 22.56 -29.94 21.41
C LEU D 246 22.44 -31.41 21.84
N ASP D 247 22.68 -32.33 20.91
CA ASP D 247 22.59 -33.75 21.21
C ASP D 247 23.67 -34.22 22.20
N PRO D 248 24.94 -33.80 22.02
CA PRO D 248 25.91 -34.19 23.04
C PRO D 248 25.59 -33.62 24.42
N LEU D 249 24.99 -32.44 24.45
CA LEU D 249 24.69 -31.75 25.71
C LEU D 249 23.51 -32.34 26.47
N PHE D 250 22.48 -32.76 25.75
CA PHE D 250 21.23 -33.14 26.37
C PHE D 250 20.82 -34.59 26.11
N LYS D 251 21.36 -35.18 25.05
CA LYS D 251 21.10 -36.58 24.74
C LYS D 251 22.31 -37.44 25.08
N GLY D 252 23.45 -36.78 25.30
CA GLY D 252 24.67 -37.46 25.71
C GLY D 252 25.33 -38.24 24.60
N GLU D 253 25.13 -37.80 23.36
CA GLU D 253 25.69 -38.48 22.20
C GLU D 253 25.65 -37.59 20.96
N TYR D 254 26.61 -37.78 20.07
CA TYR D 254 26.55 -37.13 18.77
C TYR D 254 25.50 -37.82 17.92
N PRO D 255 24.89 -37.08 16.98
CA PRO D 255 23.89 -37.69 16.09
C PRO D 255 24.50 -38.82 15.29
N ALA D 256 23.83 -39.98 15.28
CA ALA D 256 24.29 -41.11 14.50
C ALA D 256 24.47 -40.70 13.06
N ASP D 257 23.44 -40.12 12.47
CA ASP D 257 23.46 -39.74 11.06
C ASP D 257 24.55 -38.71 10.72
N MET D 258 25.00 -37.97 11.72
CA MET D 258 25.96 -36.88 11.49
C MET D 258 27.40 -37.32 11.72
N ILE D 259 27.58 -38.41 12.45
CA ILE D 259 28.91 -39.00 12.61
C ILE D 259 29.30 -39.71 11.32
N GLU D 260 28.32 -40.35 10.69
CA GLU D 260 28.54 -41.01 9.40
C GLU D 260 28.94 -40.02 8.31
N HIS D 261 28.49 -38.77 8.43
CA HIS D 261 28.78 -37.75 7.43
C HIS D 261 30.20 -37.21 7.57
N TYR D 262 30.69 -37.13 8.80
CA TYR D 262 32.03 -36.64 9.07
C TYR D 262 33.01 -37.77 9.36
N SER D 263 32.69 -38.96 8.86
CA SER D 263 33.49 -40.15 9.16
C SER D 263 34.82 -40.16 8.42
N ARG D 264 34.90 -39.41 7.32
CA ARG D 264 36.06 -39.46 6.44
C ARG D 264 37.08 -38.36 6.70
N TRP D 265 36.69 -37.36 7.49
CA TRP D 265 37.61 -36.29 7.86
C TRP D 265 38.34 -36.58 9.15
N THR D 266 39.64 -36.31 9.18
CA THR D 266 40.45 -36.44 10.38
C THR D 266 41.10 -35.10 10.72
N PRO D 267 41.29 -34.82 12.02
CA PRO D 267 40.93 -35.62 13.20
C PRO D 267 39.42 -35.80 13.35
N GLY D 268 38.68 -34.69 13.20
CA GLY D 268 37.23 -34.74 13.23
C GLY D 268 36.67 -35.30 14.52
N PHE D 269 35.67 -36.16 14.39
CA PHE D 269 35.02 -36.76 15.55
C PHE D 269 35.63 -38.12 15.88
N HIS D 270 36.81 -38.37 15.34
CA HIS D 270 37.59 -39.54 15.70
C HIS D 270 38.40 -39.24 16.95
N THR D 271 38.32 -37.99 17.42
CA THR D 271 39.00 -37.57 18.63
C THR D 271 38.17 -37.89 19.88
N VAL D 272 36.97 -38.40 19.66
CA VAL D 272 36.09 -38.76 20.77
C VAL D 272 36.67 -39.90 21.59
N GLN D 273 37.13 -39.59 22.79
CA GLN D 273 37.64 -40.59 23.70
C GLN D 273 36.51 -41.14 24.57
N ASN D 274 36.83 -42.11 25.41
CA ASN D 274 35.87 -42.57 26.42
C ASN D 274 35.74 -41.51 27.51
N GLY D 275 34.56 -41.44 28.10
CA GLY D 275 34.31 -40.49 29.16
C GLY D 275 34.31 -39.05 28.67
N ASP D 276 34.08 -38.86 27.38
CA ASP D 276 33.99 -37.53 26.81
C ASP D 276 32.55 -37.05 26.77
N LEU D 277 31.67 -37.92 26.27
CA LEU D 277 30.25 -37.57 26.12
C LEU D 277 29.58 -37.33 27.47
N GLU D 278 29.94 -38.12 28.48
CA GLU D 278 29.41 -37.91 29.82
C GLU D 278 29.93 -36.61 30.41
N ILE D 279 31.16 -36.24 30.03
CA ILE D 279 31.73 -34.96 30.44
C ILE D 279 31.00 -33.82 29.74
N ILE D 280 30.75 -33.99 28.45
CA ILE D 280 30.05 -32.99 27.65
C ILE D 280 28.60 -32.83 28.13
N SER D 281 27.99 -33.94 28.54
CA SER D 281 26.59 -33.94 28.93
C SER D 281 26.39 -33.61 30.41
N SER D 282 27.44 -33.09 31.05
CA SER D 282 27.33 -32.66 32.43
C SER D 282 26.18 -31.66 32.60
N PRO D 283 25.23 -31.98 33.49
CA PRO D 283 24.04 -31.15 33.71
C PRO D 283 24.37 -29.68 33.95
N ILE D 284 23.70 -28.80 33.20
CA ILE D 284 23.91 -27.37 33.35
C ILE D 284 22.64 -26.70 33.86
N ASP D 285 22.79 -25.52 34.44
CA ASP D 285 21.68 -24.86 35.11
C ASP D 285 20.90 -23.92 34.18
N PHE D 286 21.51 -23.57 33.05
CA PHE D 286 20.81 -22.79 32.02
C PHE D 286 21.48 -22.92 30.66
N LEU D 287 20.76 -22.53 29.62
CA LEU D 287 21.29 -22.57 28.26
C LEU D 287 21.16 -21.21 27.58
N GLY D 288 22.29 -20.66 27.15
CA GLY D 288 22.30 -19.40 26.44
C GLY D 288 22.02 -19.58 24.97
N VAL D 289 21.05 -18.84 24.46
CA VAL D 289 20.65 -18.97 23.06
C VAL D 289 20.92 -17.70 22.27
N ASN D 290 21.66 -17.83 21.18
CA ASN D 290 21.92 -16.70 20.29
C ASN D 290 21.21 -16.88 18.95
N PHE D 291 20.47 -15.86 18.54
CA PHE D 291 19.73 -15.93 17.29
C PHE D 291 19.61 -14.56 16.63
N TYR D 292 19.60 -14.54 15.31
CA TYR D 292 19.52 -13.28 14.57
C TYR D 292 18.51 -13.38 13.42
N GLY D 293 18.60 -14.46 12.65
CA GLY D 293 17.70 -14.67 11.54
C GLY D 293 17.84 -16.05 10.94
N PRO D 294 16.73 -16.62 10.45
CA PRO D 294 16.76 -17.96 9.86
C PRO D 294 17.42 -17.96 8.49
N GLY D 295 17.47 -19.13 7.86
CA GLY D 295 18.01 -19.25 6.53
C GLY D 295 17.31 -20.36 5.77
N THR D 296 17.11 -20.16 4.47
CA THR D 296 16.46 -21.18 3.66
C THR D 296 17.51 -22.08 3.01
N VAL D 297 17.39 -23.38 3.25
CA VAL D 297 18.38 -24.33 2.78
C VAL D 297 17.78 -25.30 1.75
N MET D 298 18.57 -25.62 0.72
CA MET D 298 18.21 -26.64 -0.26
C MET D 298 19.43 -27.50 -0.55
N ASN D 299 19.28 -28.44 -1.50
CA ASN D 299 20.40 -29.30 -1.85
C ASN D 299 21.39 -28.62 -2.78
N VAL D 300 22.62 -29.13 -2.82
CA VAL D 300 23.67 -28.52 -3.63
C VAL D 300 23.31 -28.56 -5.11
N GLY D 301 23.65 -27.48 -5.82
CA GLY D 301 23.42 -27.40 -7.26
C GLY D 301 21.95 -27.36 -7.65
N ARG D 302 21.12 -26.75 -6.81
CA ARG D 302 19.69 -26.73 -7.05
C ARG D 302 19.05 -25.37 -7.09
N GLU D 303 19.80 -24.34 -7.44
CA GLU D 303 19.09 -23.08 -7.54
C GLU D 303 18.80 -22.60 -8.95
N ASP D 304 18.91 -23.49 -9.92
CA ASP D 304 18.12 -23.31 -11.13
C ASP D 304 16.71 -23.65 -10.66
N ALA D 305 16.68 -24.64 -9.78
CA ALA D 305 15.46 -25.11 -9.12
C ALA D 305 14.97 -24.17 -8.02
N ALA D 306 15.88 -23.45 -7.36
CA ALA D 306 15.45 -22.51 -6.33
C ALA D 306 14.91 -21.24 -6.96
N ARG D 307 15.44 -20.87 -8.12
CA ARG D 307 14.88 -19.74 -8.86
C ARG D 307 13.53 -20.16 -9.42
N ALA D 308 13.43 -21.43 -9.80
CA ALA D 308 12.18 -21.99 -10.30
C ALA D 308 11.12 -22.01 -9.19
N ALA D 309 11.57 -22.19 -7.96
CA ALA D 309 10.67 -22.21 -6.80
C ALA D 309 10.30 -20.78 -6.40
N GLY D 310 11.19 -19.84 -6.70
CA GLY D 310 10.91 -18.43 -6.42
C GLY D 310 11.81 -17.84 -5.36
N PHE D 311 13.12 -18.04 -5.49
CA PHE D 311 14.07 -17.48 -4.55
C PHE D 311 15.10 -16.62 -5.25
N ASN D 312 15.83 -15.82 -4.48
CA ASN D 312 16.98 -15.09 -5.00
C ASN D 312 18.28 -15.75 -4.56
N VAL D 313 19.21 -15.93 -5.49
CA VAL D 313 20.46 -16.61 -5.15
C VAL D 313 21.64 -15.79 -5.66
N GLY D 314 22.75 -15.92 -4.97
CA GLY D 314 24.00 -15.34 -5.43
C GLY D 314 24.58 -16.13 -6.58
N PRO D 315 25.81 -15.79 -6.98
CA PRO D 315 26.52 -16.52 -8.03
C PRO D 315 26.90 -17.93 -7.56
N ARG D 316 27.26 -18.82 -8.47
CA ARG D 316 27.75 -20.15 -8.08
C ARG D 316 29.26 -20.27 -8.20
N ASP D 322 34.14 -28.11 -3.08
CA ASP D 322 34.42 -27.18 -1.99
C ASP D 322 33.15 -26.85 -1.22
N ASN D 323 32.34 -27.87 -0.97
CA ASN D 323 31.08 -27.73 -0.23
C ASN D 323 30.79 -29.03 0.51
N HIS D 324 31.30 -29.16 1.73
CA HIS D 324 31.31 -30.44 2.43
C HIS D 324 29.95 -30.87 2.97
N LEU D 325 29.05 -29.91 3.17
CA LEU D 325 27.72 -30.23 3.68
C LEU D 325 26.75 -30.49 2.54
N ARG D 326 27.19 -30.16 1.33
CA ARG D 326 26.37 -30.29 0.12
C ARG D 326 25.03 -29.60 0.30
N CYS D 327 25.08 -28.35 0.73
CA CYS D 327 23.87 -27.56 0.87
C CYS D 327 24.17 -26.09 0.64
N ILE D 328 23.12 -25.30 0.50
CA ILE D 328 23.28 -23.95 -0.03
C ILE D 328 22.48 -22.92 0.77
N GLY D 329 22.46 -21.70 0.27
CA GLY D 329 21.67 -20.64 0.89
C GLY D 329 20.88 -19.93 -0.19
N VAL D 330 19.58 -19.82 0.00
CA VAL D 330 18.75 -19.04 -0.91
C VAL D 330 17.98 -17.96 -0.17
N GLU D 331 17.76 -16.84 -0.85
CA GLU D 331 17.09 -15.68 -0.27
C GLU D 331 15.60 -15.70 -0.58
N THR D 332 14.79 -15.30 0.40
CA THR D 332 13.38 -15.02 0.14
C THR D 332 13.24 -13.59 -0.34
N PRO D 333 12.60 -13.39 -1.50
CA PRO D 333 12.48 -12.09 -2.18
C PRO D 333 12.00 -10.93 -1.31
N GLY D 334 10.88 -11.10 -0.62
CA GLY D 334 10.26 -10.01 0.11
C GLY D 334 10.80 -9.74 1.50
N ARG D 335 11.63 -10.65 2.00
CA ARG D 335 12.12 -10.58 3.37
C ARG D 335 13.14 -9.46 3.58
N PRO D 336 12.97 -8.67 4.65
CA PRO D 336 13.89 -7.58 5.00
C PRO D 336 15.27 -8.09 5.40
N LYS D 337 16.27 -7.22 5.34
CA LYS D 337 17.63 -7.59 5.72
C LYS D 337 18.32 -6.47 6.49
N THR D 338 19.35 -6.83 7.26
CA THR D 338 20.12 -5.84 8.01
C THR D 338 21.38 -5.43 7.24
N ALA D 339 22.27 -4.72 7.92
CA ALA D 339 23.51 -4.27 7.30
C ALA D 339 24.48 -5.43 7.10
N MET D 340 24.23 -6.53 7.81
CA MET D 340 25.04 -7.73 7.65
C MET D 340 24.59 -8.51 6.44
N GLY D 341 23.38 -8.22 5.96
CA GLY D 341 22.81 -8.94 4.84
C GLY D 341 21.95 -10.09 5.31
N TRP D 342 21.84 -10.24 6.63
CA TRP D 342 21.06 -11.31 7.23
C TRP D 342 19.56 -11.07 7.08
N GLU D 343 18.85 -12.08 6.57
CA GLU D 343 17.39 -11.99 6.48
C GLU D 343 16.78 -11.93 7.86
N VAL D 344 15.66 -11.22 7.98
CA VAL D 344 15.02 -11.00 9.27
C VAL D 344 13.65 -11.67 9.35
N ASP D 345 13.46 -12.49 10.37
CA ASP D 345 12.17 -13.14 10.62
C ASP D 345 12.06 -13.53 12.09
N ALA D 346 11.17 -12.85 12.80
CA ALA D 346 11.05 -13.04 14.25
C ALA D 346 10.37 -14.35 14.62
N THR D 347 9.44 -14.80 13.79
CA THR D 347 8.69 -16.03 14.04
C THR D 347 9.63 -17.24 14.18
N ALA D 348 10.80 -17.15 13.56
CA ALA D 348 11.81 -18.19 13.63
C ALA D 348 12.35 -18.33 15.05
N LEU D 349 12.55 -17.21 15.73
CA LEU D 349 13.07 -17.20 17.09
C LEU D 349 12.20 -18.02 18.03
N ARG D 350 10.89 -17.93 17.83
CA ARG D 350 9.94 -18.67 18.66
C ARG D 350 9.95 -20.15 18.27
N GLU D 351 10.15 -20.43 16.98
CA GLU D 351 10.28 -21.81 16.52
C GLU D 351 11.48 -22.51 17.17
N LEU D 352 12.58 -21.77 17.29
CA LEU D 352 13.79 -22.30 17.92
C LEU D 352 13.56 -22.56 19.40
N LEU D 353 12.98 -21.59 20.09
CA LEU D 353 12.73 -21.70 21.53
C LEU D 353 11.77 -22.83 21.85
N VAL D 354 10.81 -23.08 20.95
CA VAL D 354 9.88 -24.19 21.13
C VAL D 354 10.60 -25.52 20.84
N ARG D 355 11.51 -25.51 19.88
CA ARG D 355 12.27 -26.72 19.54
C ARG D 355 13.14 -27.17 20.71
N ILE D 356 13.80 -26.21 21.35
CA ILE D 356 14.64 -26.48 22.50
C ILE D 356 13.83 -27.09 23.64
N LYS D 357 12.61 -26.58 23.82
CA LYS D 357 11.73 -27.11 24.85
C LYS D 357 11.23 -28.51 24.49
N ASN D 358 10.88 -28.71 23.22
CA ASN D 358 10.26 -29.95 22.78
C ASN D 358 11.23 -31.11 22.56
N GLU D 359 12.46 -30.80 22.15
CA GLU D 359 13.39 -31.86 21.74
C GLU D 359 14.53 -32.12 22.72
N TYR D 360 14.86 -31.14 23.56
CA TYR D 360 16.07 -31.25 24.36
C TYR D 360 15.92 -31.03 25.86
N THR D 361 15.73 -29.79 26.28
CA THR D 361 15.81 -29.47 27.70
C THR D 361 14.68 -28.58 28.22
N ASP D 362 14.52 -28.58 29.54
CA ASP D 362 13.49 -27.78 30.21
C ASP D 362 14.12 -26.81 31.21
N ILE D 363 15.45 -26.64 31.12
CA ILE D 363 16.17 -25.76 32.01
C ILE D 363 15.99 -24.30 31.57
N PRO D 364 16.24 -23.34 32.48
CA PRO D 364 16.14 -21.91 32.16
C PRO D 364 16.85 -21.53 30.86
N LEU D 365 16.18 -20.74 30.02
CA LEU D 365 16.77 -20.27 28.79
C LEU D 365 16.93 -18.76 28.82
N TYR D 366 18.02 -18.26 28.25
CA TYR D 366 18.25 -16.83 28.12
C TYR D 366 18.67 -16.51 26.69
N ILE D 367 18.05 -15.50 26.09
CA ILE D 367 18.52 -15.00 24.81
C ILE D 367 19.75 -14.15 25.06
N THR D 368 20.90 -14.81 25.11
CA THR D 368 22.14 -14.13 25.49
C THR D 368 22.61 -13.11 24.46
N GLU D 369 22.18 -13.28 23.22
CA GLU D 369 22.48 -12.31 22.17
C GLU D 369 21.35 -12.18 21.16
N ASN D 370 20.98 -10.93 20.88
CA ASN D 370 20.02 -10.62 19.83
C ASN D 370 20.15 -9.14 19.50
N GLY D 371 20.20 -8.82 18.22
CA GLY D 371 20.40 -7.45 17.79
C GLY D 371 20.58 -7.37 16.29
N ALA D 372 21.01 -6.20 15.82
CA ALA D 372 21.15 -6.00 14.39
C ALA D 372 22.15 -4.91 14.05
N ALA D 373 22.86 -5.10 12.95
CA ALA D 373 23.71 -4.04 12.40
C ALA D 373 22.87 -3.17 11.47
N TYR D 374 22.84 -1.88 11.77
CA TYR D 374 22.20 -0.91 10.89
C TYR D 374 23.09 0.32 10.78
N HIS D 375 22.99 1.02 9.66
CA HIS D 375 23.92 2.10 9.36
C HIS D 375 23.53 3.40 10.04
N ASP D 376 23.96 3.51 11.30
CA ASP D 376 23.62 4.65 12.14
C ASP D 376 24.51 5.85 11.83
N TYR D 377 24.05 7.04 12.23
CA TYR D 377 24.77 8.27 11.97
C TYR D 377 24.43 9.33 13.01
N VAL D 378 25.41 10.17 13.33
CA VAL D 378 25.19 11.30 14.23
C VAL D 378 24.61 12.47 13.44
N ASN D 379 23.37 12.83 13.73
CA ASN D 379 22.75 13.95 13.02
C ASN D 379 23.16 15.29 13.62
N ALA D 380 22.43 16.34 13.24
CA ALA D 380 22.76 17.69 13.68
C ALA D 380 22.54 17.89 15.18
N SER D 381 21.59 17.15 15.73
CA SER D 381 21.20 17.33 17.13
C SER D 381 22.10 16.54 18.09
N GLY D 382 23.09 15.85 17.53
CA GLY D 382 23.96 15.00 18.33
C GLY D 382 23.26 13.71 18.70
N ASP D 383 22.20 13.40 17.97
CA ASP D 383 21.40 12.21 18.24
C ASP D 383 21.69 11.12 17.21
N VAL D 384 21.44 9.88 17.60
CA VAL D 384 21.55 8.74 16.68
C VAL D 384 20.23 7.99 16.67
N LYS D 385 19.33 8.39 15.78
CA LYS D 385 18.01 7.80 15.69
C LYS D 385 18.09 6.49 14.90
N ASP D 386 17.74 5.37 15.55
CA ASP D 386 17.84 4.07 14.90
C ASP D 386 16.58 3.22 15.09
N PRO D 387 15.48 3.62 14.44
CA PRO D 387 14.19 2.94 14.52
C PRO D 387 14.24 1.55 13.91
N GLU D 388 15.20 1.35 13.02
CA GLU D 388 15.42 0.06 12.39
C GLU D 388 15.75 -1.01 13.42
N ARG D 389 16.61 -0.65 14.37
CA ARG D 389 16.99 -1.56 15.44
C ARG D 389 15.83 -1.75 16.41
N ILE D 390 15.09 -0.68 16.65
CA ILE D 390 13.92 -0.74 17.53
C ILE D 390 12.85 -1.66 16.96
N THR D 391 12.60 -1.52 15.66
CA THR D 391 11.63 -2.37 14.97
C THR D 391 12.08 -3.83 15.05
N TYR D 392 13.38 -4.04 14.89
CA TYR D 392 13.97 -5.37 14.97
C TYR D 392 13.79 -5.98 16.36
N LEU D 393 14.24 -5.24 17.37
CA LEU D 393 14.19 -5.71 18.75
C LEU D 393 12.75 -5.93 19.22
N ASN D 394 11.84 -5.09 18.74
CA ASN D 394 10.43 -5.20 19.10
C ASN D 394 9.81 -6.51 18.62
N ASP D 395 10.04 -6.83 17.34
CA ASP D 395 9.45 -8.01 16.72
C ASP D 395 9.98 -9.30 17.33
N HIS D 396 11.28 -9.35 17.58
CA HIS D 396 11.88 -10.54 18.18
C HIS D 396 11.44 -10.75 19.61
N LEU D 397 11.12 -9.65 20.30
CA LEU D 397 10.63 -9.72 21.67
C LEU D 397 9.17 -10.16 21.70
N GLU D 398 8.42 -9.81 20.66
CA GLU D 398 7.05 -10.30 20.53
C GLU D 398 7.07 -11.81 20.29
N ALA D 399 8.12 -12.28 19.64
CA ALA D 399 8.31 -13.70 19.39
C ALA D 399 8.68 -14.42 20.68
N CYS D 400 9.43 -13.74 21.54
CA CYS D 400 9.81 -14.28 22.84
C CYS D 400 8.59 -14.38 23.75
N LEU D 401 7.79 -13.31 23.77
CA LEU D 401 6.51 -13.32 24.48
C LEU D 401 5.65 -14.49 24.04
N GLY D 402 5.77 -14.82 22.76
CA GLY D 402 4.99 -15.88 22.16
C GLY D 402 5.44 -17.27 22.58
N ALA D 403 6.74 -17.47 22.66
CA ALA D 403 7.28 -18.74 23.09
C ALA D 403 6.89 -19.01 24.55
N ILE D 404 6.83 -17.94 25.33
CA ILE D 404 6.47 -18.04 26.74
C ILE D 404 5.03 -18.49 26.91
N ASP D 405 4.16 -18.06 25.99
CA ASP D 405 2.78 -18.53 25.98
C ASP D 405 2.70 -20.02 25.66
N ASP D 406 3.62 -20.49 24.83
CA ASP D 406 3.64 -21.89 24.42
C ASP D 406 4.16 -22.81 25.53
N GLY D 407 4.80 -22.22 26.53
CA GLY D 407 5.29 -22.98 27.67
C GLY D 407 6.80 -23.02 27.79
N VAL D 408 7.48 -22.18 27.02
CA VAL D 408 8.94 -22.12 27.02
C VAL D 408 9.45 -21.41 28.28
N ASN D 409 10.44 -22.00 28.92
CA ASN D 409 11.03 -21.43 30.14
C ASN D 409 12.06 -20.35 29.85
N LEU D 410 11.61 -19.27 29.20
CA LEU D 410 12.50 -18.17 28.87
C LEU D 410 12.50 -17.12 29.98
N GLN D 411 13.65 -16.93 30.61
CA GLN D 411 13.73 -16.06 31.78
C GLN D 411 14.61 -14.83 31.57
N GLY D 412 15.09 -14.61 30.35
CA GLY D 412 15.98 -13.49 30.10
C GLY D 412 16.18 -13.11 28.66
N TYR D 413 16.71 -11.91 28.45
CA TYR D 413 16.95 -11.37 27.11
C TYR D 413 18.10 -10.37 27.14
N PHE D 414 19.09 -10.58 26.27
CA PHE D 414 20.25 -9.71 26.21
C PHE D 414 20.44 -9.13 24.82
N ILE D 415 20.49 -7.81 24.74
CA ILE D 415 20.71 -7.14 23.46
C ILE D 415 22.18 -7.13 23.08
N TRP D 416 22.48 -7.56 21.87
CA TRP D 416 23.81 -7.39 21.32
C TRP D 416 23.83 -6.15 20.43
N SER D 417 24.59 -5.14 20.83
CA SER D 417 25.36 -5.17 22.07
C SER D 417 25.15 -3.89 22.86
N LEU D 418 26.00 -3.64 23.85
CA LEU D 418 25.93 -2.41 24.61
C LEU D 418 26.53 -1.26 23.83
N LEU D 419 27.73 -1.47 23.29
CA LEU D 419 28.45 -0.44 22.56
C LEU D 419 28.75 -0.88 21.13
N ASP D 420 28.81 0.08 20.22
CA ASP D 420 29.29 -0.19 18.85
C ASP D 420 30.71 -0.72 18.93
N ASN D 421 30.89 -2.00 18.62
CA ASN D 421 32.19 -2.63 18.83
C ASN D 421 32.85 -3.16 17.55
N PHE D 422 34.04 -3.72 17.72
CA PHE D 422 34.80 -4.34 16.64
C PHE D 422 34.10 -5.60 16.15
N GLU D 423 33.45 -5.50 14.99
CA GLU D 423 32.65 -6.61 14.47
C GLU D 423 33.51 -7.60 13.67
N TRP D 424 34.53 -8.12 14.34
CA TRP D 424 35.36 -9.21 13.82
C TRP D 424 35.85 -8.96 12.40
N GLY D 425 35.41 -9.82 11.47
CA GLY D 425 35.82 -9.73 10.09
C GLY D 425 35.47 -8.41 9.42
N PHE D 426 34.40 -7.78 9.88
CA PHE D 426 33.90 -6.56 9.26
C PHE D 426 34.53 -5.30 9.86
N GLY D 427 35.33 -5.46 10.91
CA GLY D 427 35.95 -4.34 11.57
C GLY D 427 34.91 -3.46 12.27
N TYR D 428 35.12 -2.15 12.24
CA TYR D 428 34.18 -1.22 12.86
C TYR D 428 33.11 -0.78 11.87
N SER D 429 33.12 -1.38 10.67
CA SER D 429 32.20 -1.00 9.61
C SER D 429 30.78 -1.52 9.82
N ARG D 430 30.57 -2.23 10.92
CA ARG D 430 29.24 -2.74 11.27
C ARG D 430 28.95 -2.47 12.74
N ARG D 431 27.85 -1.77 13.00
CA ARG D 431 27.53 -1.32 14.36
C ARG D 431 26.28 -2.00 14.91
N PHE D 432 26.45 -2.70 16.04
CA PHE D 432 25.37 -3.46 16.65
C PHE D 432 24.83 -2.81 17.93
N GLY D 433 25.62 -1.90 18.50
CA GLY D 433 25.32 -1.36 19.81
C GLY D 433 24.10 -0.45 19.91
N ILE D 434 23.52 -0.39 21.10
CA ILE D 434 22.45 0.54 21.40
C ILE D 434 23.06 1.85 21.89
N VAL D 435 24.38 1.88 21.97
CA VAL D 435 25.13 3.09 22.28
C VAL D 435 26.13 3.37 21.16
N TRP D 436 26.08 4.57 20.61
CA TRP D 436 26.98 4.96 19.52
C TRP D 436 28.39 5.24 20.04
N ILE D 437 29.39 4.95 19.21
CA ILE D 437 30.78 5.21 19.57
C ILE D 437 31.51 6.02 18.52
N ASP D 438 32.07 7.16 18.92
CA ASP D 438 33.04 7.87 18.10
C ASP D 438 34.43 7.33 18.41
N TYR D 439 34.97 6.54 17.49
CA TYR D 439 36.20 5.78 17.77
C TYR D 439 37.45 6.67 17.86
N ASP D 440 37.44 7.82 17.19
CA ASP D 440 38.59 8.70 17.21
C ASP D 440 38.74 9.40 18.56
N THR D 441 37.65 9.51 19.29
CA THR D 441 37.66 10.15 20.60
C THR D 441 37.37 9.16 21.73
N GLY D 442 36.49 8.20 21.45
CA GLY D 442 36.05 7.25 22.47
C GLY D 442 34.76 7.72 23.08
N ARG D 443 34.11 8.66 22.40
CA ARG D 443 32.89 9.30 22.87
C ARG D 443 31.66 8.40 22.72
N ARG D 444 30.84 8.35 23.75
CA ARG D 444 29.63 7.53 23.74
C ARG D 444 28.36 8.37 23.61
N ILE D 445 27.45 7.92 22.74
CA ILE D 445 26.17 8.57 22.54
C ILE D 445 25.06 7.53 22.52
N PRO D 446 24.25 7.49 23.59
CA PRO D 446 23.11 6.56 23.63
C PRO D 446 22.13 6.80 22.49
N LYS D 447 21.73 5.73 21.81
CA LYS D 447 20.85 5.83 20.66
C LYS D 447 19.39 5.84 21.09
N ALA D 448 18.49 5.86 20.12
CA ALA D 448 17.06 5.78 20.38
C ALA D 448 16.72 4.38 20.92
N SER D 449 17.53 3.40 20.53
CA SER D 449 17.39 2.04 21.02
C SER D 449 17.62 2.01 22.53
N TYR D 450 18.63 2.76 22.98
CA TYR D 450 18.93 2.87 24.40
C TYR D 450 17.71 3.38 25.15
N ARG D 451 17.18 4.51 24.69
CA ARG D 451 16.02 5.14 25.31
C ARG D 451 14.77 4.28 25.20
N TRP D 452 14.67 3.51 24.12
CA TRP D 452 13.55 2.59 23.93
C TRP D 452 13.65 1.40 24.88
N TYR D 453 14.84 0.81 24.96
CA TYR D 453 15.09 -0.32 25.83
C TYR D 453 14.99 0.09 27.29
N GLN D 454 15.46 1.31 27.58
CA GLN D 454 15.39 1.89 28.92
C GLN D 454 13.96 1.89 29.44
N GLY D 455 13.01 2.14 28.55
CA GLY D 455 11.60 2.11 28.91
C GLY D 455 11.08 0.69 29.03
N VAL D 456 11.43 -0.15 28.08
CA VAL D 456 11.02 -1.55 28.06
C VAL D 456 11.49 -2.28 29.32
N VAL D 457 12.71 -1.99 29.75
CA VAL D 457 13.26 -2.60 30.95
C VAL D 457 12.49 -2.17 32.20
N ALA D 458 12.14 -0.89 32.27
CA ALA D 458 11.44 -0.34 33.42
C ALA D 458 9.95 -0.72 33.42
N THR D 459 9.35 -0.79 32.23
CA THR D 459 7.94 -1.11 32.12
C THR D 459 7.70 -2.61 32.02
N ASN D 460 8.77 -3.37 31.82
CA ASN D 460 8.73 -4.82 31.70
C ASN D 460 7.74 -5.28 30.62
N GLY D 461 7.78 -4.59 29.49
CA GLY D 461 6.88 -4.89 28.38
C GLY D 461 7.12 -3.99 27.18
N LEU D 462 6.55 -4.34 26.05
CA LEU D 462 6.73 -3.58 24.82
C LEU D 462 5.64 -2.53 24.64
N PRO D 463 6.06 -1.27 24.45
CA PRO D 463 5.12 -0.19 24.10
C PRO D 463 4.69 -0.31 22.63
N ASP D 464 3.70 0.47 22.23
CA ASP D 464 3.23 0.44 20.83
C ASP D 464 4.34 0.91 19.90
N LEU D 465 4.67 0.08 18.93
CA LEU D 465 5.81 0.35 18.04
C LEU D 465 5.65 1.64 17.24
N ASP D 466 4.54 1.75 16.52
CA ASP D 466 4.29 2.90 15.65
C ASP D 466 4.13 4.19 16.45
N GLY D 467 3.58 4.06 17.65
CA GLY D 467 3.47 5.20 18.54
C GLY D 467 4.83 5.74 18.93
N HIS D 468 5.73 4.85 19.29
CA HIS D 468 7.09 5.23 19.70
C HIS D 468 7.89 5.79 18.53
N LEU D 469 7.70 5.22 17.34
CA LEU D 469 8.43 5.64 16.17
C LEU D 469 8.02 7.05 15.72
N ASP D 470 6.81 7.44 16.06
CA ASP D 470 6.31 8.78 15.72
C ASP D 470 7.01 9.86 16.54
N THR D 471 7.60 9.47 17.67
CA THR D 471 8.34 10.40 18.50
C THR D 471 9.73 10.62 17.92
N LEU D 472 10.15 9.69 17.07
CA LEU D 472 11.44 9.78 16.39
C LEU D 472 11.24 10.13 14.93
N ASN D 473 10.06 10.69 14.64
CA ASN D 473 9.64 11.03 13.27
C ASN D 473 9.62 9.80 12.36
#